data_1P84
#
_entry.id   1P84
#
_cell.length_a   214.998
_cell.length_b   165.091
_cell.length_c   147.525
_cell.angle_alpha   90.00
_cell.angle_beta   117.33
_cell.angle_gamma   90.00
#
_symmetry.space_group_name_H-M   'C 1 2 1'
#
loop_
_entity.id
_entity.type
_entity.pdbx_description
1 polymer 'Ubiquinol-cytochrome C reductase complex core protein I'
2 polymer 'Ubiquinol-cytochrome C reductase complex core protein 2'
3 polymer 'cytochrome b'
4 polymer 'Cytochrome c1, heme protein'
5 polymer 'Ubiquinol-cytochrome C reductase iron-sulfur subunit'
6 polymer 'Ubiquinol-cytochrome C reductase complex 17 kDa protein'
7 polymer 'Ubiquinol-cytochrome C reductase complex 14 kDa protein'
8 polymer 'Ubiquinol-cytochrome C reductase complex ubiquinone-binding protein QP-C'
9 polymer 'Ubiquinol-cytochrome C reductase complex 7.3 kDa protein'
10 polymer 'Heavy Chain (Vh) Of Fv-Fragment'
11 polymer 'Light Chain (Vl) Of Fv-Fragment'
12 non-polymer 1,2-DIACYL-GLYCEROL-3-SN-PHOSPHATE
13 non-polymer UNDECYL-MALTOSIDE
14 non-polymer 'HEME C'
15 non-polymer 5-HEPTYL-6-HYDROXY-1,3-BENZOTHIAZOLE-4,7-DIONE
16 non-polymer 5-(3,7,11,15,19,23-HEXAMETHYL-TETRACOSA-2,6,10,14,18,22-HEXAENYL)-2,3-DIMETHOXY-6-METHYL-BENZENE-1,4-DIOL
17 non-polymer 1,2-Distearoyl-sn-glycerophosphoethanolamine
18 non-polymer 1,2-DIACYL-SN-GLYCERO-3-PHOSPHOCHOLINE
19 non-polymer CARDIOLIPIN
20 non-polymer 'FE2/S2 (INORGANIC) CLUSTER'
21 water water
#
loop_
_entity_poly.entity_id
_entity_poly.type
_entity_poly.pdbx_seq_one_letter_code
_entity_poly.pdbx_strand_id
1 'polypeptide(L)'
;AEVTQLSNGIVVATEHNPSAHTASVGVVFGSGAANENPYNNGVSNLWKNIFLSKENSAVAAKEGLALSSNISRDFQSYIV
SSLPGSTDKSLDFLNQSFIQQKANLLSSSNFEATKKSVLKQVQDFEDNDHPNRVLEHLHSTAFQNTPLSLPTRGTLESLE
NLVVADLESFANNHFLNSNAVVVGTGNIKHEDLVNSIESKNLSLQTGTKPVLKKKAAFLGSEVRLRDDTLPKAWISLAVE
GEPVNSPNYFVAKLAAQIFGSYNAFEPASRLQGIKLLDNIQEYQLCDNFNHFSLSYKDSGLWGFSTATRNVTMIDDLIHF
TLKQWNRLTISVTDTEVERAKSLLKLQLGQLYESGNPVNDANLLGAEVLIKGSKLSLGEAFKKIDAITVKDVKAWAGKRL
WDQDIAIAGTGQIEGLLDYMRIRSDMSMMRW
;
A
2 'polypeptide(L)'
;LTVSARDAPTKISTLAVKVHGGSRYATKDGVAHLLNRFNFQNTNTRSALKLVRESELLGGTFKSTLDREYITLKATFLKD
DLPYYVNALADVLYKTAFKPHELTESVLPAARYDYAVAEQCPVKSAEDQLYAITFRKGLGNPLLYDGVERVSLQDIKDFA
DKVYTKENLEVSGENVVEADLKRFVDESLLSTLPAGKSLVSKSEPKFFLGEENRVRFIGDSVAAIGIPVNKASLAQYEVL
ANYLTSALSELSGLISSAKLDKFTDGGLFTLFVRDQDSAVVSSNIKKIVADLKKGKDLSPAINYTKLKNAVQNESVSSPI
ELNFDAVKDFKLGKFNYVAVGDVSNLPYLDEL
;
B
3 'polypeptide(L)'
;MAFRKSNVYLSLVNSYIIDSPQPSSINYWWNMGSLLGLCLVIQIVTGIFMAMHYSSNIELAFSSVEHIMRDVHNGYILRY
LHANGASFFFMVMFMHMAKGLYYGSYRSPRVTLWNVGVIIFTLTIATAFLGYCCVYGQMSHWGATVITNLFSAIPFVGND
IVSWLWGGFSVSNPTIQRFFALHYLVPFIIAAMVIMHLMALHIHGSSNPLGITGNLDRIPMHSYFIFKDLVTVFLFMLIL
ALFVFYSPNTLGHPDNYIPGNPLVTPASIVPEWYLLPFYAILRSIPDKLLGVITMFAAILVLLVLPFTDRSVVRGNTFKV
LSKFFFFIFVFNFVLLGQIGACHVEVPYVLMGQIATFIYFAYFLIIVPVISTIENVLFYIGRVNK
;
C
4 'polypeptide(L)'
;MTAAEHGLHAPAYAWSHNGPFETFDHASIRRGYQVYREVCAACHSLDRVAWRTLVGVSHTNEEVRNMAEEFEYDDEPDEQ
GNPKKRPGKLSDYIPGPYPNEQAARAANQGALPPDLSLIVKARHGGCDYIFSLLTGYPDEPPAGVALPPGSNYNPYFPGG
SIAMARVLFDDMVEYEDGTPATTSQMAKDVTTFLNWCAEPEHDERKRLGLKTVIILSSLYLLSIWVKKFKWAGIKTRKFV
FNPPKP
;
D
5 'polypeptide(L)'
;KSTYRTPNFDDVLKENNDADKGRSYAYFMVGAMGLLSSAGAKSTVETFISSMTATADVLAMAKVEVNLAAIPLGKNVVVK
WQGKPVFIRHRTPHEIQEANSVDMSALKDPQTDADRVKDPQWLIMLGICTHLGCVPIGEAGDFGGWFCPCHGSHYDISGR
IRKGPAPLNLEIPAYEFDGDKVIVG
;
E
6 'polypeptide(L)' VTDQLEDLREHFKNTEEGKALVHHYEECAERVKIQQQQPGYADLEHKEDCVEEFFHLQHYLDTATAPRLFDKLK F
7 'polypeptide(L)'
;QSFTSIARIGDYILKSPVLSKLCVPVANQFINLAGYKKLGLKFDDLIAEENPIMQTALRRLPEDESYARAYRIIRAHQTE
LTHHLLPRNEWIKAQEDVPYLLPYILEAEAAAKEKDELDNIEVSK
;
G
8 'polypeptide(L)'
;GPPSGKTYMGWWGHMGGPKQKGITSYAVSPYAQKPLQGIFHNAVFNSFRRFKSQFLYVLIPAGIYWYWWKNGNEYNEFLY
SKAGREELERVNV
;
H
9 'polypeptide(L)' SSLYKTFFKRNAVFVGTIFAGAFVFQTVFDTAITSWYENHNKGKLWKDVKARIAA I
10 'polypeptide(L)'
;EVKLQESGAGLVQPSQSLSLTCSVTGYSITSGYYWNWIRLFPGNKLEWVGYISNVGDNNYNPSLKDRLSITRDTSKNQFF
LKLNSVTTEDTATYYCARSEYYSVTGYAMDYWGQGTTVTVSSAWRHP
;
J
11 'polypeptide(L)'
;DIELTQTPVSLAASLGDRVTISCRASQDINNFLNWYQQKPDGTIKLLIYYTSRLHAGVPSRFSGSGSGTDYSLTISNLEP
EDIATYFCQHHIKFPWTFGAGTKLEIK
;
K
#
# COMPACT_ATOMS: atom_id res chain seq x y z
N ALA A 1 -3.97 -31.37 51.13
CA ALA A 1 -4.62 -30.23 50.40
C ALA A 1 -5.25 -29.24 51.37
N GLU A 2 -4.56 -28.97 52.48
CA GLU A 2 -5.05 -28.03 53.49
C GLU A 2 -4.23 -26.76 53.62
N VAL A 3 -4.92 -25.62 53.50
CA VAL A 3 -4.28 -24.32 53.61
C VAL A 3 -4.65 -23.70 54.96
N THR A 4 -3.81 -23.92 55.96
CA THR A 4 -4.03 -23.40 57.31
C THR A 4 -3.15 -22.19 57.62
N GLN A 5 -3.78 -21.12 58.10
CA GLN A 5 -3.06 -19.89 58.42
C GLN A 5 -3.75 -19.08 59.53
N LEU A 6 -3.02 -18.76 60.60
CA LEU A 6 -3.54 -17.99 61.73
C LEU A 6 -2.62 -16.87 62.21
N SER A 7 -3.22 -15.76 62.65
CA SER A 7 -2.46 -14.59 63.12
C SER A 7 -2.63 -14.29 64.61
N ASN A 8 -1.51 -14.15 65.31
CA ASN A 8 -1.48 -13.85 66.75
C ASN A 8 -0.73 -12.52 66.97
N GLY A 9 0.49 -12.49 66.44
CA GLY A 9 1.36 -11.32 66.52
C GLY A 9 2.06 -11.35 65.17
N ILE A 10 2.41 -12.57 64.77
CA ILE A 10 3.05 -12.86 63.50
C ILE A 10 2.06 -13.74 62.74
N VAL A 11 1.89 -13.50 61.45
CA VAL A 11 0.98 -14.31 60.65
C VAL A 11 1.68 -15.62 60.23
N VAL A 12 1.24 -16.72 60.85
CA VAL A 12 1.81 -18.04 60.59
C VAL A 12 1.01 -18.85 59.57
N ALA A 13 1.70 -19.34 58.54
CA ALA A 13 1.07 -20.13 57.49
C ALA A 13 1.77 -21.47 57.30
N THR A 14 0.97 -22.53 57.18
CA THR A 14 1.49 -23.88 56.99
C THR A 14 0.60 -24.71 56.08
N GLU A 15 1.21 -25.70 55.44
CA GLU A 15 0.51 -26.62 54.54
C GLU A 15 1.12 -27.99 54.80
N HIS A 16 0.46 -28.76 55.65
CA HIS A 16 0.92 -30.09 56.02
C HIS A 16 0.63 -31.17 54.99
N ASN A 17 1.57 -32.10 54.88
CA ASN A 17 1.48 -33.23 53.97
C ASN A 17 2.20 -34.39 54.67
N PRO A 18 1.43 -35.31 55.28
CA PRO A 18 1.91 -36.49 56.01
C PRO A 18 3.19 -37.12 55.47
N SER A 19 3.06 -37.95 54.43
CA SER A 19 4.21 -38.58 53.81
C SER A 19 5.05 -37.48 53.16
N ALA A 20 6.24 -37.25 53.70
CA ALA A 20 7.11 -36.21 53.17
C ALA A 20 8.59 -36.50 53.35
N HIS A 21 8.94 -37.18 54.44
CA HIS A 21 10.33 -37.52 54.77
C HIS A 21 11.08 -36.35 55.39
N THR A 22 10.80 -35.14 54.93
CA THR A 22 11.45 -33.94 55.45
C THR A 22 10.44 -32.84 55.78
N ALA A 23 10.96 -31.70 56.26
CA ALA A 23 10.14 -30.56 56.61
C ALA A 23 10.97 -29.29 56.50
N SER A 24 10.34 -28.21 56.06
CA SER A 24 11.04 -26.94 55.90
C SER A 24 10.33 -25.79 56.59
N VAL A 25 11.12 -24.94 57.23
CA VAL A 25 10.60 -23.79 57.96
C VAL A 25 11.37 -22.53 57.57
N GLY A 26 10.69 -21.39 57.65
CA GLY A 26 11.34 -20.14 57.32
C GLY A 26 10.36 -18.99 57.26
N VAL A 27 10.90 -17.81 56.96
CA VAL A 27 10.10 -16.61 56.85
C VAL A 27 10.18 -16.10 55.41
N VAL A 28 9.12 -15.45 54.95
CA VAL A 28 9.04 -14.90 53.60
C VAL A 28 8.54 -13.46 53.75
N PHE A 29 9.32 -12.52 53.23
CA PHE A 29 8.98 -11.11 53.32
C PHE A 29 8.29 -10.54 52.08
N GLY A 30 7.29 -9.69 52.30
CA GLY A 30 6.55 -9.07 51.21
C GLY A 30 7.28 -7.92 50.54
N SER A 31 8.57 -8.11 50.27
CA SER A 31 9.39 -7.10 49.62
C SER A 31 10.61 -7.74 48.94
N GLY A 32 10.77 -7.42 47.66
CA GLY A 32 11.88 -7.94 46.88
C GLY A 32 12.57 -6.86 46.06
N ALA A 33 13.08 -7.23 44.90
CA ALA A 33 13.78 -6.31 44.00
C ALA A 33 12.92 -5.12 43.57
N ALA A 34 11.60 -5.29 43.58
CA ALA A 34 10.69 -4.22 43.20
C ALA A 34 10.59 -3.13 44.28
N ASN A 35 11.35 -3.29 45.36
CA ASN A 35 11.32 -2.33 46.45
C ASN A 35 12.64 -1.56 46.60
N GLU A 36 13.64 -1.99 45.83
CA GLU A 36 14.95 -1.36 45.85
C GLU A 36 14.93 -0.12 44.94
N ASN A 37 16.06 0.56 44.87
CA ASN A 37 16.22 1.74 44.02
C ASN A 37 17.29 1.39 43.01
N PRO A 38 17.47 2.25 41.98
CA PRO A 38 18.48 1.99 40.95
C PRO A 38 19.89 1.93 41.54
N TYR A 39 20.08 2.59 42.68
CA TYR A 39 21.40 2.65 43.31
C TYR A 39 21.72 1.64 44.40
N ASN A 40 20.71 1.09 45.07
CA ASN A 40 20.95 0.06 46.08
C ASN A 40 20.47 -1.29 45.57
N ASN A 41 20.21 -1.33 44.26
CA ASN A 41 19.75 -2.52 43.54
C ASN A 41 20.77 -3.64 43.73
N GLY A 42 20.32 -4.75 44.28
CA GLY A 42 21.21 -5.89 44.50
C GLY A 42 21.43 -6.20 45.96
N VAL A 43 20.80 -5.40 46.83
CA VAL A 43 20.91 -5.57 48.27
C VAL A 43 20.31 -6.92 48.71
N SER A 44 19.11 -7.22 48.21
CA SER A 44 18.42 -8.46 48.55
C SER A 44 19.20 -9.70 48.12
N ASN A 45 19.83 -9.64 46.96
CA ASN A 45 20.61 -10.77 46.46
C ASN A 45 21.81 -10.95 47.36
N LEU A 46 22.32 -9.85 47.88
CA LEU A 46 23.48 -9.86 48.77
C LEU A 46 23.11 -10.54 50.10
N TRP A 47 21.96 -10.17 50.65
CA TRP A 47 21.48 -10.76 51.89
C TRP A 47 21.43 -12.27 51.74
N LYS A 48 20.74 -12.73 50.70
CA LYS A 48 20.61 -14.14 50.41
C LYS A 48 21.98 -14.83 50.42
N ASN A 49 22.97 -14.19 49.83
CA ASN A 49 24.31 -14.75 49.77
C ASN A 49 25.08 -14.84 51.08
N ILE A 50 24.81 -13.91 52.01
CA ILE A 50 25.50 -13.99 53.31
C ILE A 50 24.76 -15.00 54.20
N PHE A 51 23.44 -15.02 54.07
CA PHE A 51 22.60 -15.95 54.83
C PHE A 51 23.01 -17.38 54.49
N LEU A 52 23.59 -17.56 53.32
CA LEU A 52 24.05 -18.86 52.85
C LEU A 52 25.57 -18.98 52.91
N SER A 53 26.22 -17.96 53.48
CA SER A 53 27.67 -17.94 53.59
C SER A 53 28.27 -19.12 54.33
N LYS A 54 29.52 -19.43 54.00
CA LYS A 54 30.25 -20.54 54.60
C LYS A 54 30.16 -20.60 56.12
N GLU A 55 30.25 -19.44 56.78
CA GLU A 55 30.17 -19.37 58.24
C GLU A 55 28.81 -19.84 58.73
N ASN A 56 27.77 -19.08 58.40
CA ASN A 56 26.40 -19.37 58.82
C ASN A 56 25.93 -20.74 58.37
N SER A 57 26.35 -21.16 57.18
CA SER A 57 25.95 -22.44 56.63
C SER A 57 26.58 -23.63 57.35
N ALA A 58 27.79 -23.43 57.87
CA ALA A 58 28.50 -24.49 58.61
C ALA A 58 27.86 -24.75 59.97
N VAL A 59 27.26 -23.71 60.55
CA VAL A 59 26.61 -23.80 61.86
C VAL A 59 25.39 -24.70 61.80
N ALA A 60 24.54 -24.51 60.79
CA ALA A 60 23.33 -25.31 60.62
C ALA A 60 23.63 -26.72 60.10
N ALA A 61 24.78 -26.88 59.43
CA ALA A 61 25.17 -28.16 58.88
C ALA A 61 25.57 -29.14 59.97
N LYS A 62 26.26 -28.64 61.01
CA LYS A 62 26.67 -29.47 62.14
C LYS A 62 25.38 -30.02 62.76
N GLU A 63 24.40 -29.14 62.87
CA GLU A 63 23.09 -29.45 63.44
C GLU A 63 22.24 -30.36 62.54
N GLY A 64 22.70 -30.58 61.31
CA GLY A 64 21.97 -31.42 60.37
C GLY A 64 20.86 -30.67 59.66
N LEU A 65 21.11 -29.40 59.37
CA LEU A 65 20.16 -28.53 58.68
C LEU A 65 20.72 -28.07 57.33
N ALA A 66 19.82 -27.80 56.38
CA ALA A 66 20.20 -27.33 55.05
C ALA A 66 19.59 -25.95 54.80
N LEU A 67 20.32 -25.10 54.09
CA LEU A 67 19.84 -23.74 53.80
C LEU A 67 19.42 -23.48 52.35
N SER A 68 18.40 -22.64 52.19
CA SER A 68 17.87 -22.26 50.88
C SER A 68 17.21 -20.88 50.93
N SER A 69 17.42 -20.10 49.87
CA SER A 69 16.83 -18.75 49.78
C SER A 69 16.61 -18.35 48.33
N ASN A 70 15.62 -17.49 48.11
CA ASN A 70 15.30 -17.03 46.77
C ASN A 70 14.81 -15.58 46.73
N ILE A 71 15.41 -14.81 45.82
CA ILE A 71 15.05 -13.40 45.64
C ILE A 71 14.18 -13.27 44.39
N SER A 72 13.04 -12.61 44.55
CA SER A 72 12.12 -12.40 43.44
C SER A 72 11.81 -10.91 43.36
N ARG A 73 10.83 -10.54 42.56
CA ARG A 73 10.47 -9.14 42.41
C ARG A 73 9.60 -8.62 43.53
N ASP A 74 8.51 -9.33 43.83
CA ASP A 74 7.59 -8.91 44.89
C ASP A 74 7.92 -9.45 46.28
N PHE A 75 8.72 -10.51 46.35
CA PHE A 75 9.02 -11.11 47.64
C PHE A 75 10.45 -11.62 47.81
N GLN A 76 10.71 -12.13 49.02
CA GLN A 76 12.01 -12.62 49.40
C GLN A 76 11.79 -13.73 50.43
N SER A 77 12.64 -14.75 50.44
CA SER A 77 12.46 -15.84 51.39
C SER A 77 13.72 -16.52 51.89
N TYR A 78 13.71 -16.84 53.18
CA TYR A 78 14.82 -17.53 53.85
C TYR A 78 14.26 -18.81 54.45
N ILE A 79 14.82 -19.94 54.03
CA ILE A 79 14.33 -21.25 54.46
C ILE A 79 15.39 -22.22 54.98
N VAL A 80 15.00 -22.99 56.00
CA VAL A 80 15.86 -23.99 56.62
C VAL A 80 15.15 -25.34 56.56
N SER A 81 15.77 -26.30 55.88
CA SER A 81 15.21 -27.65 55.76
C SER A 81 15.78 -28.57 56.83
N SER A 82 14.95 -29.50 57.30
CA SER A 82 15.36 -30.45 58.34
C SER A 82 14.51 -31.70 58.30
N LEU A 83 14.80 -32.64 59.20
CA LEU A 83 14.04 -33.88 59.29
C LEU A 83 12.74 -33.56 60.04
N PRO A 84 11.73 -34.45 59.97
CA PRO A 84 10.46 -34.20 60.66
C PRO A 84 10.55 -34.04 62.18
N GLY A 85 11.67 -34.47 62.76
CA GLY A 85 11.84 -34.38 64.19
C GLY A 85 12.46 -33.08 64.69
N SER A 86 13.43 -32.56 63.95
CA SER A 86 14.12 -31.32 64.32
C SER A 86 13.37 -30.05 63.90
N THR A 87 12.05 -30.13 63.80
CA THR A 87 11.22 -29.01 63.40
C THR A 87 11.34 -27.81 64.36
N ASP A 88 12.06 -28.02 65.46
CA ASP A 88 12.27 -26.98 66.45
C ASP A 88 13.64 -26.33 66.28
N LYS A 89 14.65 -27.16 66.00
CA LYS A 89 16.02 -26.65 65.81
C LYS A 89 16.17 -25.71 64.63
N SER A 90 15.16 -25.72 63.75
CA SER A 90 15.16 -24.84 62.58
C SER A 90 14.73 -23.45 63.06
N LEU A 91 13.76 -23.43 63.98
CA LEU A 91 13.25 -22.18 64.55
C LEU A 91 14.29 -21.45 65.38
N ASP A 92 15.28 -22.20 65.90
CA ASP A 92 16.35 -21.60 66.69
C ASP A 92 17.33 -20.92 65.76
N PHE A 93 17.68 -21.61 64.68
CA PHE A 93 18.62 -21.10 63.69
C PHE A 93 18.04 -19.91 62.95
N LEU A 94 16.71 -19.88 62.82
CA LEU A 94 16.01 -18.80 62.13
C LEU A 94 16.10 -17.52 62.96
N ASN A 95 15.76 -17.63 64.24
CA ASN A 95 15.80 -16.49 65.17
C ASN A 95 17.22 -16.04 65.46
N GLN A 96 18.14 -17.00 65.53
CA GLN A 96 19.54 -16.74 65.80
C GLN A 96 20.21 -15.89 64.70
N SER A 97 19.78 -16.08 63.46
CA SER A 97 20.33 -15.35 62.33
C SER A 97 19.63 -14.04 61.99
N PHE A 98 18.37 -13.89 62.43
CA PHE A 98 17.61 -12.69 62.15
C PHE A 98 17.48 -11.69 63.31
N ILE A 99 18.07 -12.03 64.45
CA ILE A 99 18.02 -11.16 65.62
C ILE A 99 19.38 -11.11 66.33
N GLN A 100 19.91 -12.28 66.66
CA GLN A 100 21.20 -12.37 67.35
C GLN A 100 22.39 -12.10 66.42
N GLN A 101 22.43 -12.77 65.27
CA GLN A 101 23.53 -12.59 64.32
C GLN A 101 23.26 -11.60 63.19
N LYS A 102 22.32 -10.68 63.40
CA LYS A 102 22.01 -9.67 62.39
C LYS A 102 23.09 -8.58 62.45
N ALA A 103 24.26 -8.96 62.96
CA ALA A 103 25.41 -8.08 63.10
C ALA A 103 26.72 -8.89 63.06
N ASN A 104 26.59 -10.21 63.18
CA ASN A 104 27.75 -11.10 63.15
C ASN A 104 28.00 -11.60 61.73
N LEU A 105 26.93 -11.64 60.93
CA LEU A 105 27.01 -12.07 59.54
C LEU A 105 27.58 -10.94 58.69
N LEU A 106 27.55 -9.73 59.26
CA LEU A 106 28.03 -8.52 58.58
C LEU A 106 29.42 -8.03 59.02
N SER A 107 30.36 -8.96 59.18
CA SER A 107 31.72 -8.58 59.57
C SER A 107 32.48 -8.08 58.34
N SER A 108 33.57 -7.34 58.56
CA SER A 108 34.36 -6.81 57.46
C SER A 108 35.21 -7.84 56.73
N SER A 109 35.09 -9.10 57.13
CA SER A 109 35.83 -10.19 56.49
C SER A 109 34.89 -11.13 55.75
N ASN A 110 33.63 -11.15 56.20
CA ASN A 110 32.62 -12.00 55.60
C ASN A 110 31.99 -11.28 54.41
N PHE A 111 31.57 -10.03 54.65
CA PHE A 111 30.95 -9.19 53.64
C PHE A 111 31.82 -8.99 52.40
N GLU A 112 33.13 -8.87 52.61
CA GLU A 112 34.06 -8.67 51.49
C GLU A 112 34.27 -9.94 50.68
N ALA A 113 34.21 -11.10 51.33
CA ALA A 113 34.39 -12.39 50.65
C ALA A 113 33.10 -12.77 49.93
N THR A 114 31.98 -12.28 50.44
CA THR A 114 30.66 -12.55 49.85
C THR A 114 30.44 -11.63 48.65
N LYS A 115 30.77 -10.35 48.82
CA LYS A 115 30.63 -9.35 47.77
C LYS A 115 31.44 -9.78 46.55
N LYS A 116 32.60 -10.37 46.78
CA LYS A 116 33.46 -10.84 45.70
C LYS A 116 32.86 -12.03 44.96
N SER A 117 31.94 -12.74 45.61
CA SER A 117 31.28 -13.89 45.00
C SER A 117 30.07 -13.52 44.15
N VAL A 118 29.26 -12.57 44.63
CA VAL A 118 28.10 -12.14 43.87
C VAL A 118 28.53 -11.35 42.64
N LEU A 119 29.72 -10.74 42.73
CA LEU A 119 30.26 -9.97 41.64
C LEU A 119 30.73 -10.87 40.50
N LYS A 120 31.30 -12.03 40.85
CA LYS A 120 31.75 -12.99 39.84
C LYS A 120 30.51 -13.74 39.35
N GLN A 121 29.49 -13.75 40.19
CA GLN A 121 28.22 -14.42 39.94
C GLN A 121 27.38 -13.66 38.92
N VAL A 122 27.02 -12.42 39.26
CA VAL A 122 26.22 -11.58 38.37
C VAL A 122 26.94 -11.32 37.06
N GLN A 123 28.25 -11.22 37.12
CA GLN A 123 29.05 -10.99 35.92
C GLN A 123 28.95 -12.19 35.00
N ASP A 124 29.07 -13.38 35.58
CA ASP A 124 28.99 -14.63 34.85
C ASP A 124 27.64 -14.76 34.13
N PHE A 125 26.59 -14.29 34.80
CA PHE A 125 25.23 -14.31 34.30
C PHE A 125 25.10 -13.49 33.03
N GLU A 126 25.58 -12.25 33.08
CA GLU A 126 25.54 -11.33 31.96
C GLU A 126 26.41 -11.76 30.79
N ASP A 127 27.45 -12.54 31.08
CA ASP A 127 28.38 -13.03 30.06
C ASP A 127 27.94 -14.32 29.37
N ASN A 128 27.08 -15.11 30.02
CA ASN A 128 26.70 -16.39 29.42
C ASN A 128 25.23 -16.84 29.42
N ASP A 129 24.46 -16.51 30.44
CA ASP A 129 23.07 -16.92 30.46
C ASP A 129 22.23 -15.96 29.61
N HIS A 130 22.34 -16.13 28.30
CA HIS A 130 21.64 -15.28 27.34
C HIS A 130 20.12 -15.29 27.42
N PRO A 131 19.48 -16.48 27.44
CA PRO A 131 18.01 -16.44 27.53
C PRO A 131 17.46 -15.72 28.74
N ASN A 132 18.07 -15.92 29.92
CA ASN A 132 17.61 -15.25 31.13
C ASN A 132 18.02 -13.78 31.13
N ARG A 133 19.19 -13.53 30.58
CA ARG A 133 19.73 -12.19 30.46
C ARG A 133 18.73 -11.35 29.62
N VAL A 134 18.19 -11.96 28.56
CA VAL A 134 17.23 -11.30 27.70
C VAL A 134 15.88 -11.09 28.40
N LEU A 135 15.41 -12.12 29.09
CA LEU A 135 14.12 -12.00 29.80
C LEU A 135 14.24 -10.92 30.88
N GLU A 136 15.40 -10.84 31.51
CA GLU A 136 15.62 -9.84 32.55
C GLU A 136 15.55 -8.44 31.92
N HIS A 137 16.18 -8.27 30.75
CA HIS A 137 16.15 -6.99 30.04
C HIS A 137 14.76 -6.64 29.54
N LEU A 138 13.95 -7.67 29.27
CA LEU A 138 12.58 -7.48 28.79
C LEU A 138 11.81 -6.71 29.87
N HIS A 139 11.97 -7.14 31.12
CA HIS A 139 11.31 -6.48 32.26
C HIS A 139 11.87 -5.08 32.40
N SER A 140 13.17 -4.97 32.15
CA SER A 140 13.90 -3.71 32.22
C SER A 140 13.33 -2.60 31.34
N THR A 141 13.01 -2.92 30.08
CA THR A 141 12.47 -1.91 29.18
C THR A 141 10.95 -1.79 29.25
N ALA A 142 10.29 -2.93 29.47
CA ALA A 142 8.83 -2.98 29.55
C ALA A 142 8.28 -2.12 30.68
N PHE A 143 9.00 -2.12 31.80
CA PHE A 143 8.59 -1.37 33.00
C PHE A 143 9.54 -0.25 33.39
N GLN A 144 10.40 0.18 32.48
CA GLN A 144 11.39 1.24 32.73
C GLN A 144 10.93 2.38 33.64
N ASN A 145 11.84 2.85 34.51
CA ASN A 145 11.60 3.94 35.46
C ASN A 145 10.43 3.60 36.38
N THR A 146 10.36 2.31 36.73
CA THR A 146 9.28 1.80 37.55
C THR A 146 9.79 0.49 38.18
N PRO A 147 9.36 0.19 39.42
CA PRO A 147 9.73 -0.99 40.23
C PRO A 147 10.10 -2.31 39.54
N LEU A 148 9.21 -2.84 38.70
CA LEU A 148 9.47 -4.11 38.03
C LEU A 148 10.68 -4.12 37.08
N SER A 149 11.23 -2.95 36.77
CA SER A 149 12.38 -2.87 35.86
C SER A 149 13.69 -3.28 36.50
N LEU A 150 13.75 -3.29 37.83
CA LEU A 150 14.98 -3.67 38.55
C LEU A 150 15.28 -5.17 38.54
N PRO A 151 16.43 -5.56 37.98
CA PRO A 151 16.85 -6.97 37.90
C PRO A 151 17.08 -7.56 39.30
N THR A 152 16.58 -8.78 39.51
CA THR A 152 16.69 -9.45 40.80
C THR A 152 18.11 -9.64 41.34
N ARG A 153 19.05 -10.01 40.47
CA ARG A 153 20.43 -10.21 40.88
C ARG A 153 21.18 -8.89 41.07
N GLY A 154 20.56 -7.79 40.65
CA GLY A 154 21.18 -6.48 40.77
C GLY A 154 22.22 -6.21 39.69
N THR A 155 22.53 -4.93 39.48
CA THR A 155 23.51 -4.53 38.47
C THR A 155 24.93 -4.47 39.05
N LEU A 156 25.91 -4.86 38.23
CA LEU A 156 27.32 -4.83 38.66
C LEU A 156 27.77 -3.49 39.20
N GLU A 157 27.14 -2.40 38.76
CA GLU A 157 27.51 -1.07 39.22
C GLU A 157 26.92 -0.68 40.57
N SER A 158 25.69 -1.10 40.83
CA SER A 158 25.07 -0.78 42.11
C SER A 158 25.58 -1.76 43.16
N LEU A 159 26.14 -2.87 42.68
CA LEU A 159 26.68 -3.90 43.55
C LEU A 159 28.06 -3.56 44.13
N GLU A 160 29.01 -3.23 43.25
CA GLU A 160 30.36 -2.91 43.70
C GLU A 160 30.47 -1.64 44.55
N ASN A 161 29.38 -0.87 44.62
CA ASN A 161 29.35 0.35 45.40
C ASN A 161 28.46 0.21 46.64
N LEU A 162 28.05 -1.02 46.93
CA LEU A 162 27.18 -1.30 48.08
C LEU A 162 27.98 -1.58 49.35
N VAL A 163 27.58 -0.94 50.45
CA VAL A 163 28.24 -1.11 51.74
C VAL A 163 27.33 -1.73 52.79
N VAL A 164 27.94 -2.24 53.87
CA VAL A 164 27.22 -2.86 54.99
C VAL A 164 26.07 -2.02 55.54
N ALA A 165 26.25 -0.71 55.56
CA ALA A 165 25.21 0.19 56.04
C ALA A 165 23.94 0.09 55.21
N ASP A 166 24.10 -0.18 53.91
CA ASP A 166 22.97 -0.32 52.99
C ASP A 166 22.16 -1.57 53.32
N LEU A 167 22.87 -2.66 53.63
CA LEU A 167 22.24 -3.93 54.01
C LEU A 167 21.33 -3.65 55.20
N GLU A 168 21.92 -3.02 56.23
CA GLU A 168 21.22 -2.65 57.45
C GLU A 168 20.04 -1.75 57.17
N SER A 169 20.27 -0.72 56.35
CA SER A 169 19.24 0.24 55.98
C SER A 169 18.02 -0.46 55.37
N PHE A 170 18.28 -1.37 54.45
CA PHE A 170 17.22 -2.14 53.79
C PHE A 170 16.54 -3.07 54.80
N ALA A 171 17.35 -3.83 55.53
CA ALA A 171 16.87 -4.77 56.53
C ALA A 171 15.96 -4.12 57.58
N ASN A 172 16.36 -2.95 58.04
CA ASN A 172 15.57 -2.22 59.05
C ASN A 172 14.29 -1.61 58.49
N ASN A 173 14.11 -1.67 57.18
CA ASN A 173 12.92 -1.12 56.54
C ASN A 173 11.97 -2.13 55.94
N HIS A 174 12.48 -3.33 55.64
CA HIS A 174 11.66 -4.36 55.02
C HIS A 174 11.57 -5.68 55.79
N PHE A 175 12.61 -5.99 56.55
CA PHE A 175 12.61 -7.22 57.35
C PHE A 175 11.80 -7.01 58.63
N LEU A 176 10.69 -6.31 58.48
CA LEU A 176 9.79 -6.00 59.59
C LEU A 176 8.80 -7.16 59.80
N ASN A 177 7.92 -7.00 60.78
CA ASN A 177 6.93 -8.02 61.10
C ASN A 177 5.68 -7.91 60.25
N SER A 178 5.14 -6.70 60.15
CA SER A 178 3.92 -6.46 59.36
C SER A 178 4.11 -6.75 57.86
N ASN A 179 5.36 -7.01 57.47
CA ASN A 179 5.69 -7.33 56.08
C ASN A 179 6.38 -8.70 56.05
N ALA A 180 5.91 -9.61 56.90
CA ALA A 180 6.49 -10.95 56.96
C ALA A 180 5.45 -12.03 57.15
N VAL A 181 5.87 -13.26 56.88
CA VAL A 181 5.02 -14.44 57.03
C VAL A 181 5.95 -15.62 57.29
N VAL A 182 5.73 -16.29 58.42
CA VAL A 182 6.54 -17.46 58.76
C VAL A 182 5.84 -18.67 58.16
N VAL A 183 6.56 -19.36 57.29
CA VAL A 183 6.04 -20.51 56.57
C VAL A 183 6.57 -21.85 57.06
N GLY A 184 5.71 -22.86 56.99
CA GLY A 184 6.08 -24.20 57.41
C GLY A 184 5.43 -25.25 56.54
N THR A 185 6.23 -25.94 55.75
CA THR A 185 5.74 -27.00 54.87
C THR A 185 6.57 -28.26 55.11
N GLY A 186 6.05 -29.39 54.67
CA GLY A 186 6.75 -30.65 54.85
C GLY A 186 5.78 -31.68 55.36
N ASN A 187 5.69 -31.81 56.68
CA ASN A 187 4.77 -32.77 57.29
C ASN A 187 4.21 -32.26 58.62
N ILE A 188 4.95 -31.35 59.26
CA ILE A 188 4.56 -30.78 60.54
C ILE A 188 3.20 -30.10 60.52
N LYS A 189 2.47 -30.23 61.63
CA LYS A 189 1.13 -29.67 61.77
C LYS A 189 1.14 -28.17 62.05
N HIS A 190 0.04 -27.51 61.68
CA HIS A 190 -0.12 -26.07 61.89
C HIS A 190 -0.01 -25.74 63.37
N GLU A 191 -0.64 -26.59 64.18
CA GLU A 191 -0.66 -26.44 65.64
C GLU A 191 0.66 -26.84 66.29
N ASP A 192 1.49 -27.56 65.55
CA ASP A 192 2.80 -28.00 66.05
C ASP A 192 3.78 -26.83 65.99
N LEU A 193 3.79 -26.14 64.85
CA LEU A 193 4.68 -25.00 64.63
C LEU A 193 4.23 -23.75 65.38
N VAL A 194 2.95 -23.40 65.26
CA VAL A 194 2.40 -22.22 65.91
C VAL A 194 2.70 -22.13 67.41
N ASN A 195 2.87 -23.29 68.06
CA ASN A 195 3.16 -23.34 69.49
C ASN A 195 4.61 -22.95 69.78
N SER A 196 5.54 -23.54 69.01
CA SER A 196 6.96 -23.26 69.18
C SER A 196 7.28 -21.79 68.88
N ILE A 197 6.37 -21.13 68.17
CA ILE A 197 6.53 -19.72 67.81
C ILE A 197 5.91 -18.78 68.84
N GLU A 198 4.68 -19.09 69.26
CA GLU A 198 3.99 -18.25 70.25
C GLU A 198 4.60 -18.43 71.65
N SER A 199 5.62 -19.28 71.72
CA SER A 199 6.35 -19.55 72.96
C SER A 199 7.30 -18.37 73.20
N LYS A 200 8.25 -18.21 72.29
CA LYS A 200 9.24 -17.14 72.34
C LYS A 200 8.57 -15.83 71.93
N ASN A 201 8.50 -14.89 72.86
CA ASN A 201 7.88 -13.58 72.60
C ASN A 201 8.79 -12.63 71.83
N LEU A 202 8.81 -11.36 72.22
CA LEU A 202 9.62 -10.31 71.60
C LEU A 202 9.15 -9.96 70.18
N SER A 203 8.80 -8.69 69.98
CA SER A 203 8.31 -8.20 68.69
C SER A 203 9.42 -7.78 67.72
N LEU A 204 10.39 -7.02 68.22
CA LEU A 204 11.53 -6.52 67.44
C LEU A 204 11.08 -5.65 66.28
N GLN A 205 11.01 -4.35 66.53
CA GLN A 205 10.59 -3.35 65.54
C GLN A 205 9.16 -3.57 65.06
N THR A 206 8.22 -3.46 66.00
CA THR A 206 6.81 -3.64 65.69
C THR A 206 6.12 -2.30 65.44
N GLY A 207 5.07 -2.32 64.61
CA GLY A 207 4.34 -1.12 64.28
C GLY A 207 4.94 -0.38 63.09
N THR A 208 6.18 -0.73 62.75
CA THR A 208 6.89 -0.11 61.63
C THR A 208 6.42 -0.68 60.29
N LYS A 209 6.26 0.18 59.31
CA LYS A 209 5.83 -0.21 57.97
C LYS A 209 6.90 0.22 56.97
N PRO A 210 7.04 -0.52 55.86
CA PRO A 210 8.04 -0.17 54.83
C PRO A 210 7.60 1.05 54.04
N VAL A 211 8.55 1.70 53.37
CA VAL A 211 8.25 2.91 52.59
C VAL A 211 7.33 2.59 51.41
N LEU A 212 6.68 3.63 50.88
CA LEU A 212 5.79 3.49 49.73
C LEU A 212 6.49 3.99 48.47
N LYS A 213 5.79 3.96 47.33
CA LYS A 213 6.38 4.41 46.06
C LYS A 213 5.34 4.83 45.00
N LYS A 214 5.68 4.60 43.74
CA LYS A 214 4.81 4.92 42.60
C LYS A 214 4.48 3.63 41.84
N LYS A 215 3.21 3.45 41.50
CA LYS A 215 2.72 2.25 40.79
C LYS A 215 3.39 1.91 39.46
N ALA A 216 3.64 0.61 39.29
CA ALA A 216 4.28 0.09 38.09
C ALA A 216 3.43 0.24 36.82
N ALA A 217 4.08 0.66 35.73
CA ALA A 217 3.38 0.87 34.45
C ALA A 217 4.13 0.30 33.25
N PHE A 218 3.37 -0.22 32.29
CA PHE A 218 3.92 -0.80 31.07
C PHE A 218 4.13 0.28 30.00
N LEU A 219 5.20 0.12 29.23
CA LEU A 219 5.52 1.07 28.18
C LEU A 219 6.03 0.34 26.94
N GLY A 220 5.32 0.51 25.83
CA GLY A 220 5.74 -0.12 24.58
C GLY A 220 7.11 0.41 24.21
N SER A 221 8.09 -0.48 24.18
CA SER A 221 9.46 -0.11 23.88
C SER A 221 10.32 -1.33 23.57
N GLU A 222 11.61 -1.10 23.38
CA GLU A 222 12.55 -2.18 23.07
C GLU A 222 13.98 -1.86 23.46
N VAL A 223 14.77 -2.91 23.60
CA VAL A 223 16.19 -2.79 23.91
C VAL A 223 16.87 -3.89 23.09
N ARG A 224 17.75 -3.48 22.20
CA ARG A 224 18.43 -4.41 21.32
C ARG A 224 19.91 -4.49 21.68
N LEU A 225 20.32 -5.67 22.14
CA LEU A 225 21.70 -5.94 22.55
C LEU A 225 22.43 -6.75 21.51
N ARG A 226 22.55 -6.19 20.30
CA ARG A 226 23.20 -6.90 19.21
C ARG A 226 24.61 -7.37 19.58
N ASP A 227 24.94 -8.58 19.19
CA ASP A 227 26.25 -9.17 19.41
C ASP A 227 26.42 -10.22 18.33
N ASP A 228 27.10 -9.86 17.26
CA ASP A 228 27.34 -10.75 16.13
C ASP A 228 28.32 -11.88 16.42
N THR A 229 28.94 -11.87 17.60
CA THR A 229 29.89 -12.94 17.92
C THR A 229 29.19 -14.15 18.56
N LEU A 230 27.93 -13.98 18.95
CA LEU A 230 27.18 -15.09 19.54
C LEU A 230 26.70 -15.98 18.40
N PRO A 231 26.56 -17.30 18.63
CA PRO A 231 26.12 -18.18 17.55
C PRO A 231 24.61 -18.25 17.28
N LYS A 232 23.80 -17.61 18.12
CA LYS A 232 22.35 -17.63 17.94
C LYS A 232 21.73 -16.26 18.15
N ALA A 233 20.39 -16.22 18.11
CA ALA A 233 19.63 -15.00 18.35
C ALA A 233 18.57 -15.39 19.38
N TRP A 234 18.56 -14.66 20.49
CA TRP A 234 17.62 -14.88 21.58
C TRP A 234 16.73 -13.67 21.68
N ILE A 235 15.43 -13.85 21.53
CA ILE A 235 14.53 -12.72 21.62
C ILE A 235 13.33 -13.07 22.50
N SER A 236 12.80 -12.06 23.19
CA SER A 236 11.64 -12.22 24.04
C SER A 236 10.72 -11.07 23.66
N LEU A 237 9.43 -11.36 23.59
CA LEU A 237 8.45 -10.35 23.17
C LEU A 237 7.21 -10.52 24.03
N ALA A 238 6.62 -9.40 24.44
CA ALA A 238 5.42 -9.47 25.28
C ALA A 238 4.57 -8.22 25.30
N VAL A 239 3.33 -8.38 25.74
CA VAL A 239 2.38 -7.27 25.91
C VAL A 239 2.15 -7.19 27.42
N GLU A 240 1.43 -6.16 27.87
CA GLU A 240 1.14 -6.06 29.29
C GLU A 240 0.19 -7.20 29.66
N GLY A 241 0.63 -8.03 30.60
CA GLY A 241 -0.18 -9.17 31.03
C GLY A 241 -1.14 -8.91 32.17
N GLU A 242 -1.26 -9.90 33.06
CA GLU A 242 -2.16 -9.82 34.20
C GLU A 242 -1.45 -9.92 35.54
N PRO A 243 -1.88 -9.10 36.51
CA PRO A 243 -1.27 -9.13 37.86
C PRO A 243 -1.92 -10.27 38.65
N VAL A 244 -1.25 -10.73 39.71
CA VAL A 244 -1.85 -11.79 40.54
C VAL A 244 -3.08 -11.15 41.18
N ASN A 245 -4.13 -11.94 41.32
CA ASN A 245 -5.39 -11.46 41.89
C ASN A 245 -6.09 -10.58 40.87
N SER A 246 -6.24 -11.14 39.67
CA SER A 246 -6.90 -10.49 38.55
C SER A 246 -7.94 -11.48 38.05
N PRO A 247 -9.11 -10.97 37.64
CA PRO A 247 -10.22 -11.78 37.12
C PRO A 247 -9.82 -12.65 35.93
N ASN A 248 -8.72 -12.29 35.26
CA ASN A 248 -8.24 -13.03 34.09
C ASN A 248 -6.92 -13.76 34.27
N TYR A 249 -6.47 -13.88 35.52
CA TYR A 249 -5.21 -14.56 35.82
C TYR A 249 -5.11 -15.91 35.12
N PHE A 250 -6.24 -16.62 35.08
CA PHE A 250 -6.30 -17.94 34.44
C PHE A 250 -6.52 -17.97 32.93
N VAL A 251 -7.38 -17.09 32.42
CA VAL A 251 -7.63 -17.03 30.99
C VAL A 251 -6.29 -16.81 30.28
N ALA A 252 -5.51 -15.87 30.82
CA ALA A 252 -4.20 -15.53 30.30
C ALA A 252 -3.28 -16.74 30.36
N LYS A 253 -3.18 -17.36 31.53
CA LYS A 253 -2.32 -18.52 31.68
C LYS A 253 -2.72 -19.67 30.74
N LEU A 254 -4.02 -19.72 30.40
CA LEU A 254 -4.53 -20.74 29.50
C LEU A 254 -4.12 -20.38 28.06
N ALA A 255 -4.27 -19.09 27.74
CA ALA A 255 -3.93 -18.57 26.41
C ALA A 255 -2.47 -18.83 26.04
N ALA A 256 -1.59 -18.83 27.04
CA ALA A 256 -0.18 -19.08 26.79
C ALA A 256 0.04 -20.56 26.53
N GLN A 257 -0.77 -21.40 27.16
CA GLN A 257 -0.67 -22.86 27.02
C GLN A 257 -1.02 -23.33 25.61
N ILE A 258 -1.92 -22.58 24.96
CA ILE A 258 -2.35 -22.88 23.58
C ILE A 258 -1.14 -22.94 22.64
N PHE A 259 -0.22 -21.98 22.78
CA PHE A 259 0.99 -21.96 21.95
C PHE A 259 2.11 -22.72 22.66
N GLY A 260 2.00 -22.80 23.99
CA GLY A 260 2.94 -23.53 24.82
C GLY A 260 4.42 -23.38 24.58
N SER A 261 5.16 -24.48 24.68
CA SER A 261 6.60 -24.47 24.48
C SER A 261 7.01 -25.55 23.50
N TYR A 262 8.17 -25.35 22.87
CA TYR A 262 8.65 -26.27 21.85
C TYR A 262 10.16 -26.40 21.84
N ASN A 263 10.64 -27.58 21.47
CA ASN A 263 12.06 -27.89 21.38
C ASN A 263 12.23 -28.74 20.11
N ALA A 264 12.71 -28.11 19.05
CA ALA A 264 12.90 -28.75 17.76
C ALA A 264 13.71 -30.04 17.73
N PHE A 265 14.43 -30.33 18.81
CA PHE A 265 15.25 -31.56 18.82
C PHE A 265 14.55 -32.77 19.46
N GLU A 266 13.56 -32.51 20.30
CA GLU A 266 12.81 -33.57 20.96
C GLU A 266 11.64 -34.01 20.06
N PRO A 267 11.74 -35.21 19.47
CA PRO A 267 10.72 -35.80 18.58
C PRO A 267 9.26 -35.58 18.97
N ALA A 268 8.94 -35.77 20.25
CA ALA A 268 7.57 -35.62 20.71
C ALA A 268 7.09 -34.18 20.65
N SER A 269 8.02 -33.24 20.84
CA SER A 269 7.69 -31.82 20.82
C SER A 269 7.19 -31.40 19.45
N ARG A 270 7.78 -32.00 18.42
CA ARG A 270 7.41 -31.71 17.04
C ARG A 270 6.00 -32.18 16.69
N LEU A 271 5.47 -33.12 17.48
CA LEU A 271 4.14 -33.69 17.23
C LEU A 271 2.97 -33.03 17.93
N GLN A 272 3.25 -32.08 18.82
CA GLN A 272 2.21 -31.39 19.56
C GLN A 272 1.11 -30.76 18.73
N GLY A 273 -0.05 -30.59 19.35
CA GLY A 273 -1.21 -30.01 18.69
C GLY A 273 -1.25 -28.50 18.70
N ILE A 274 -0.21 -27.90 18.15
CA ILE A 274 -0.09 -26.43 18.08
C ILE A 274 -0.02 -26.10 16.59
N LYS A 275 -0.96 -25.30 16.11
CA LYS A 275 -0.98 -24.94 14.68
C LYS A 275 0.31 -24.26 14.20
N LEU A 276 0.89 -23.42 15.07
CA LEU A 276 2.11 -22.71 14.76
C LEU A 276 3.23 -23.63 14.26
N LEU A 277 3.24 -24.88 14.73
CA LEU A 277 4.30 -25.80 14.32
C LEU A 277 4.28 -26.17 12.85
N ASP A 278 3.13 -26.02 12.20
CA ASP A 278 3.03 -26.32 10.77
C ASP A 278 3.84 -25.28 9.99
N ASN A 279 3.81 -24.04 10.46
CA ASN A 279 4.52 -22.92 9.84
C ASN A 279 6.02 -22.85 10.12
N ILE A 280 6.41 -23.09 11.36
CA ILE A 280 7.82 -22.96 11.71
C ILE A 280 8.72 -24.15 11.36
N GLN A 281 8.14 -25.33 11.21
CA GLN A 281 8.94 -26.52 10.91
C GLN A 281 9.40 -26.73 9.48
N GLU A 282 8.75 -26.10 8.52
CA GLU A 282 9.10 -26.22 7.11
C GLU A 282 10.57 -25.83 6.86
N TYR A 283 10.94 -24.63 7.30
CA TYR A 283 12.30 -24.13 7.11
C TYR A 283 13.10 -24.10 8.42
N GLN A 284 12.54 -24.73 9.45
CA GLN A 284 13.17 -24.79 10.76
C GLN A 284 13.55 -23.38 11.23
N LEU A 285 12.52 -22.63 11.58
CA LEU A 285 12.64 -21.25 12.03
C LEU A 285 13.24 -20.99 13.40
N CYS A 286 13.38 -22.01 14.22
CA CYS A 286 13.95 -21.84 15.57
C CYS A 286 14.25 -23.14 16.28
N ASP A 287 15.21 -23.10 17.20
CA ASP A 287 15.58 -24.26 17.97
C ASP A 287 14.58 -24.51 19.09
N ASN A 288 13.96 -23.44 19.59
CA ASN A 288 12.97 -23.55 20.64
C ASN A 288 12.25 -22.25 20.93
N PHE A 289 11.15 -22.36 21.65
CA PHE A 289 10.35 -21.22 22.07
C PHE A 289 9.51 -21.64 23.27
N ASN A 290 8.97 -20.66 23.99
CA ASN A 290 8.12 -20.93 25.14
C ASN A 290 7.33 -19.70 25.53
N HIS A 291 6.01 -19.87 25.60
CA HIS A 291 5.13 -18.78 25.99
C HIS A 291 5.02 -18.68 27.52
N PHE A 292 4.49 -17.58 28.01
CA PHE A 292 4.37 -17.39 29.45
C PHE A 292 3.43 -16.26 29.81
N SER A 293 2.83 -16.38 30.99
CA SER A 293 1.96 -15.35 31.51
C SER A 293 2.49 -15.07 32.90
N LEU A 294 3.51 -14.21 32.95
CA LEU A 294 4.14 -13.81 34.20
C LEU A 294 3.24 -12.83 34.94
N SER A 295 3.03 -13.09 36.23
CA SER A 295 2.18 -12.23 37.03
C SER A 295 2.90 -11.74 38.29
N TYR A 296 2.63 -10.48 38.63
CA TYR A 296 3.22 -9.86 39.80
C TYR A 296 2.12 -9.07 40.51
N LYS A 297 2.48 -8.39 41.59
CA LYS A 297 1.52 -7.62 42.35
C LYS A 297 0.82 -6.51 41.55
N ASP A 298 1.60 -5.64 40.91
CA ASP A 298 1.05 -4.53 40.13
C ASP A 298 0.78 -4.75 38.64
N SER A 299 1.51 -5.68 38.02
CA SER A 299 1.31 -5.94 36.59
C SER A 299 1.87 -7.30 36.19
N GLY A 300 1.95 -7.53 34.88
CA GLY A 300 2.47 -8.79 34.36
C GLY A 300 2.91 -8.70 32.92
N LEU A 301 3.38 -9.83 32.39
CA LEU A 301 3.85 -9.91 31.02
C LEU A 301 3.36 -11.17 30.32
N TRP A 302 2.68 -10.99 29.18
CA TRP A 302 2.19 -12.13 28.40
C TRP A 302 2.91 -12.10 27.05
N GLY A 303 3.63 -13.17 26.75
CA GLY A 303 4.35 -13.24 25.49
C GLY A 303 5.11 -14.53 25.36
N PHE A 304 6.21 -14.51 24.63
CA PHE A 304 7.00 -15.71 24.44
C PHE A 304 8.46 -15.35 24.32
N SER A 305 9.30 -16.38 24.34
CA SER A 305 10.74 -16.24 24.21
C SER A 305 11.16 -17.29 23.19
N THR A 306 12.24 -17.03 22.47
CA THR A 306 12.69 -17.98 21.47
C THR A 306 14.17 -17.84 21.20
N ALA A 307 14.77 -18.91 20.70
CA ALA A 307 16.18 -18.93 20.36
C ALA A 307 16.27 -19.54 18.96
N THR A 308 17.14 -18.98 18.11
CA THR A 308 17.27 -19.48 16.74
C THR A 308 18.66 -19.31 16.12
N ARG A 309 18.96 -20.18 15.17
CA ARG A 309 20.22 -20.17 14.44
C ARG A 309 19.94 -19.81 12.97
N ASN A 310 18.66 -19.70 12.63
CA ASN A 310 18.26 -19.35 11.29
C ASN A 310 18.19 -17.83 11.29
N VAL A 311 19.36 -17.22 11.24
CA VAL A 311 19.45 -15.77 11.30
C VAL A 311 18.99 -14.98 10.08
N THR A 312 18.61 -15.67 9.00
CA THR A 312 18.14 -14.97 7.81
C THR A 312 16.63 -15.01 7.65
N MET A 313 15.95 -15.71 8.54
CA MET A 313 14.48 -15.83 8.48
C MET A 313 13.75 -15.44 9.77
N ILE A 314 14.40 -14.63 10.60
CA ILE A 314 13.81 -14.19 11.86
C ILE A 314 12.50 -13.46 11.63
N ASP A 315 12.34 -12.74 10.53
CA ASP A 315 11.10 -12.01 10.32
C ASP A 315 9.91 -12.96 10.13
N ASP A 316 10.17 -14.13 9.56
CA ASP A 316 9.11 -15.11 9.37
C ASP A 316 8.73 -15.74 10.71
N LEU A 317 9.73 -15.97 11.56
CA LEU A 317 9.51 -16.54 12.89
C LEU A 317 8.55 -15.62 13.64
N ILE A 318 8.92 -14.35 13.73
CA ILE A 318 8.12 -13.36 14.42
C ILE A 318 6.75 -13.14 13.77
N HIS A 319 6.70 -13.17 12.44
CA HIS A 319 5.47 -12.96 11.69
C HIS A 319 4.45 -14.08 11.89
N PHE A 320 4.90 -15.32 11.81
CA PHE A 320 4.01 -16.46 12.01
C PHE A 320 3.49 -16.51 13.43
N THR A 321 4.38 -16.38 14.40
CA THR A 321 3.99 -16.39 15.80
C THR A 321 2.94 -15.32 16.09
N LEU A 322 3.17 -14.10 15.63
CA LEU A 322 2.20 -13.01 15.86
C LEU A 322 0.90 -13.17 15.09
N LYS A 323 0.92 -13.96 14.01
CA LYS A 323 -0.29 -14.20 13.24
C LYS A 323 -1.14 -15.20 14.03
N GLN A 324 -0.49 -16.16 14.65
CA GLN A 324 -1.19 -17.13 15.47
C GLN A 324 -1.88 -16.41 16.65
N TRP A 325 -1.16 -15.51 17.31
CA TRP A 325 -1.74 -14.77 18.44
C TRP A 325 -2.96 -13.95 18.01
N ASN A 326 -3.01 -13.53 16.74
CA ASN A 326 -4.13 -12.74 16.22
C ASN A 326 -5.40 -13.58 16.33
N ARG A 327 -5.25 -14.87 16.07
CA ARG A 327 -6.35 -15.80 16.13
C ARG A 327 -7.13 -15.81 17.46
N LEU A 328 -6.42 -15.64 18.57
CA LEU A 328 -7.06 -15.62 19.88
C LEU A 328 -8.19 -14.61 19.98
N THR A 329 -8.20 -13.61 19.11
CA THR A 329 -9.26 -12.62 19.13
C THR A 329 -10.40 -12.96 18.17
N ILE A 330 -10.08 -13.65 17.08
CA ILE A 330 -11.09 -13.93 16.07
C ILE A 330 -11.43 -15.37 15.69
N SER A 331 -10.48 -16.30 15.75
CA SER A 331 -10.78 -17.67 15.31
C SER A 331 -10.28 -18.86 16.14
N VAL A 332 -10.03 -18.67 17.43
CA VAL A 332 -9.57 -19.78 18.26
C VAL A 332 -10.68 -20.83 18.35
N THR A 333 -10.32 -22.10 18.22
CA THR A 333 -11.29 -23.19 18.25
C THR A 333 -11.51 -23.80 19.64
N ASP A 334 -12.64 -24.49 19.79
CA ASP A 334 -13.01 -25.16 21.04
C ASP A 334 -11.98 -26.19 21.44
N THR A 335 -11.54 -27.00 20.47
CA THR A 335 -10.55 -28.02 20.77
C THR A 335 -9.19 -27.47 21.19
N GLU A 336 -8.87 -26.25 20.75
CA GLU A 336 -7.61 -25.62 21.15
C GLU A 336 -7.71 -25.22 22.61
N VAL A 337 -8.86 -24.65 22.97
CA VAL A 337 -9.12 -24.25 24.35
C VAL A 337 -9.09 -25.49 25.26
N GLU A 338 -9.76 -26.56 24.82
CA GLU A 338 -9.78 -27.81 25.58
C GLU A 338 -8.40 -28.41 25.75
N ARG A 339 -7.62 -28.46 24.67
CA ARG A 339 -6.26 -29.02 24.77
C ARG A 339 -5.48 -28.24 25.82
N ALA A 340 -5.75 -26.94 25.89
CA ALA A 340 -5.07 -26.05 26.84
C ALA A 340 -5.46 -26.38 28.27
N LYS A 341 -6.77 -26.48 28.53
CA LYS A 341 -7.28 -26.81 29.87
C LYS A 341 -6.54 -28.01 30.47
N SER A 342 -6.51 -29.11 29.74
CA SER A 342 -5.84 -30.32 30.21
C SER A 342 -4.39 -30.05 30.56
N LEU A 343 -3.66 -29.47 29.60
CA LEU A 343 -2.25 -29.19 29.77
C LEU A 343 -1.93 -28.18 30.87
N LEU A 344 -2.84 -27.24 31.11
CA LEU A 344 -2.63 -26.23 32.16
C LEU A 344 -2.70 -26.94 33.52
N LYS A 345 -3.69 -27.82 33.67
CA LYS A 345 -3.89 -28.59 34.89
C LYS A 345 -2.66 -29.42 35.20
N LEU A 346 -2.14 -30.08 34.17
CA LEU A 346 -0.96 -30.93 34.32
C LEU A 346 0.26 -30.16 34.81
N GLN A 347 0.48 -28.96 34.27
CA GLN A 347 1.65 -28.17 34.68
C GLN A 347 1.43 -27.49 36.02
N LEU A 348 0.23 -26.99 36.25
CA LEU A 348 -0.11 -26.33 37.49
C LEU A 348 -0.04 -27.35 38.64
N GLY A 349 -0.30 -28.61 38.29
CA GLY A 349 -0.23 -29.68 39.25
C GLY A 349 1.22 -29.89 39.64
N GLN A 350 2.05 -30.28 38.67
CA GLN A 350 3.48 -30.52 38.88
C GLN A 350 4.23 -29.40 39.61
N LEU A 351 3.64 -28.21 39.67
CA LEU A 351 4.27 -27.08 40.34
C LEU A 351 3.83 -27.05 41.80
N TYR A 352 2.52 -27.01 42.01
CA TYR A 352 1.96 -26.97 43.36
C TYR A 352 2.18 -28.25 44.16
N GLU A 353 2.51 -29.35 43.48
CA GLU A 353 2.74 -30.60 44.18
C GLU A 353 3.88 -31.48 43.70
N SER A 354 5.10 -31.08 44.07
CA SER A 354 6.30 -31.83 43.73
C SER A 354 6.82 -32.44 45.04
N GLY A 355 7.88 -33.24 44.93
CA GLY A 355 8.45 -33.85 46.13
C GLY A 355 9.52 -32.99 46.79
N ASN A 356 9.30 -31.68 46.82
CA ASN A 356 10.25 -30.76 47.42
C ASN A 356 9.54 -29.64 48.19
N PRO A 357 9.60 -29.69 49.52
CA PRO A 357 8.99 -28.72 50.45
C PRO A 357 9.44 -27.28 50.28
N VAL A 358 10.68 -27.07 49.82
CA VAL A 358 11.20 -25.71 49.66
C VAL A 358 10.41 -24.92 48.61
N ASN A 359 9.94 -25.60 47.57
CA ASN A 359 9.16 -24.95 46.52
C ASN A 359 7.81 -24.59 47.11
N ASP A 360 7.26 -25.52 47.90
CA ASP A 360 5.96 -25.33 48.55
C ASP A 360 5.99 -24.13 49.49
N ALA A 361 7.10 -23.98 50.21
CA ALA A 361 7.30 -22.89 51.15
C ALA A 361 7.19 -21.54 50.43
N ASN A 362 8.01 -21.39 49.39
CA ASN A 362 8.03 -20.16 48.58
C ASN A 362 6.65 -19.82 48.04
N LEU A 363 6.01 -20.81 47.42
CA LEU A 363 4.68 -20.62 46.84
C LEU A 363 3.66 -20.22 47.90
N LEU A 364 3.71 -20.89 49.05
CA LEU A 364 2.78 -20.62 50.15
C LEU A 364 2.96 -19.20 50.70
N GLY A 365 4.20 -18.87 51.06
CA GLY A 365 4.49 -17.56 51.60
C GLY A 365 4.14 -16.44 50.65
N ALA A 366 4.58 -16.58 49.40
CA ALA A 366 4.33 -15.60 48.35
C ALA A 366 2.84 -15.31 48.16
N GLU A 367 2.02 -16.36 48.11
CA GLU A 367 0.59 -16.22 47.92
C GLU A 367 -0.15 -15.60 49.11
N VAL A 368 0.17 -16.06 50.32
CA VAL A 368 -0.49 -15.55 51.53
C VAL A 368 -0.15 -14.08 51.77
N LEU A 369 0.99 -13.66 51.24
CA LEU A 369 1.46 -12.28 51.39
C LEU A 369 0.70 -11.29 50.49
N ILE A 370 0.18 -11.78 49.37
CA ILE A 370 -0.52 -10.93 48.41
C ILE A 370 -2.05 -10.96 48.49
N LYS A 371 -2.62 -12.13 48.80
CA LYS A 371 -4.07 -12.25 48.90
C LYS A 371 -4.61 -12.80 50.22
N GLY A 372 -3.77 -12.73 51.26
CA GLY A 372 -4.14 -13.19 52.58
C GLY A 372 -4.59 -14.64 52.73
N SER A 373 -4.35 -15.44 51.69
CA SER A 373 -4.73 -16.86 51.68
C SER A 373 -4.27 -17.52 50.38
N LYS A 374 -4.26 -18.85 50.37
CA LYS A 374 -3.86 -19.59 49.19
C LYS A 374 -5.06 -20.27 48.53
N LEU A 375 -5.08 -20.26 47.20
CA LEU A 375 -6.16 -20.89 46.44
C LEU A 375 -5.79 -22.37 46.30
N SER A 376 -6.69 -23.25 46.75
CA SER A 376 -6.45 -24.69 46.69
C SER A 376 -6.43 -25.19 45.25
N LEU A 377 -5.53 -26.15 44.99
CA LEU A 377 -5.37 -26.72 43.65
C LEU A 377 -6.70 -27.12 43.04
N GLY A 378 -7.59 -27.70 43.84
CA GLY A 378 -8.90 -28.12 43.38
C GLY A 378 -9.79 -26.95 43.02
N GLU A 379 -9.60 -25.83 43.72
CA GLU A 379 -10.38 -24.63 43.46
C GLU A 379 -9.96 -23.99 42.13
N ALA A 380 -8.70 -24.19 41.77
CA ALA A 380 -8.15 -23.65 40.53
C ALA A 380 -8.77 -24.38 39.34
N PHE A 381 -8.69 -25.71 39.36
CA PHE A 381 -9.24 -26.54 38.30
C PHE A 381 -10.67 -26.16 37.95
N LYS A 382 -11.48 -25.86 38.96
CA LYS A 382 -12.86 -25.48 38.73
C LYS A 382 -12.95 -24.22 37.89
N LYS A 383 -12.03 -23.28 38.14
CA LYS A 383 -11.98 -22.01 37.39
C LYS A 383 -11.46 -22.24 35.97
N ILE A 384 -10.42 -23.07 35.85
CA ILE A 384 -9.82 -23.41 34.58
C ILE A 384 -10.85 -24.04 33.65
N ASP A 385 -11.58 -25.04 34.15
CA ASP A 385 -12.59 -25.73 33.34
C ASP A 385 -13.75 -24.83 32.92
N ALA A 386 -13.98 -23.75 33.67
CA ALA A 386 -15.09 -22.84 33.38
C ALA A 386 -14.85 -21.88 32.23
N ILE A 387 -13.60 -21.82 31.75
CA ILE A 387 -13.24 -20.92 30.65
C ILE A 387 -13.80 -21.34 29.29
N THR A 388 -14.51 -20.41 28.66
CA THR A 388 -15.11 -20.62 27.34
C THR A 388 -14.29 -19.93 26.25
N VAL A 389 -14.59 -20.24 24.99
CA VAL A 389 -13.91 -19.62 23.87
C VAL A 389 -14.17 -18.11 23.93
N LYS A 390 -15.38 -17.74 24.33
CA LYS A 390 -15.74 -16.32 24.43
C LYS A 390 -14.85 -15.56 25.40
N ASP A 391 -14.41 -16.23 26.47
CA ASP A 391 -13.55 -15.60 27.45
C ASP A 391 -12.20 -15.26 26.83
N VAL A 392 -11.59 -16.25 26.19
CA VAL A 392 -10.30 -16.08 25.53
C VAL A 392 -10.39 -14.93 24.52
N LYS A 393 -11.44 -14.94 23.70
CA LYS A 393 -11.66 -13.91 22.69
C LYS A 393 -11.82 -12.50 23.26
N ALA A 394 -12.46 -12.38 24.42
CA ALA A 394 -12.67 -11.08 25.03
C ALA A 394 -11.35 -10.59 25.63
N TRP A 395 -10.59 -11.52 26.21
CA TRP A 395 -9.31 -11.19 26.83
C TRP A 395 -8.29 -10.74 25.80
N ALA A 396 -8.14 -11.53 24.73
CA ALA A 396 -7.20 -11.22 23.66
C ALA A 396 -7.56 -9.89 22.97
N GLY A 397 -8.86 -9.65 22.80
CA GLY A 397 -9.30 -8.42 22.18
C GLY A 397 -8.94 -7.18 23.00
N LYS A 398 -8.56 -7.42 24.25
CA LYS A 398 -8.20 -6.34 25.17
C LYS A 398 -6.70 -6.23 25.40
N ARG A 399 -6.03 -7.37 25.50
CA ARG A 399 -4.60 -7.43 25.76
C ARG A 399 -3.67 -7.63 24.56
N LEU A 400 -4.16 -8.29 23.51
CA LEU A 400 -3.34 -8.58 22.34
C LEU A 400 -3.63 -7.79 21.05
N TRP A 401 -4.91 -7.59 20.74
CA TRP A 401 -5.28 -6.89 19.50
C TRP A 401 -4.93 -5.40 19.42
N ASP A 402 -4.00 -5.08 18.52
CA ASP A 402 -3.55 -3.70 18.29
C ASP A 402 -3.09 -3.03 19.57
N GLN A 403 -2.21 -3.71 20.30
CA GLN A 403 -1.65 -3.21 21.55
C GLN A 403 -0.13 -3.12 21.48
N ASP A 404 0.44 -2.15 22.20
CA ASP A 404 1.89 -1.99 22.22
C ASP A 404 2.55 -3.25 22.73
N ILE A 405 3.82 -3.43 22.39
CA ILE A 405 4.57 -4.60 22.83
C ILE A 405 5.94 -4.15 23.36
N ALA A 406 6.65 -5.09 23.95
CA ALA A 406 7.98 -4.82 24.48
C ALA A 406 8.86 -5.89 23.86
N ILE A 407 10.07 -5.52 23.46
CA ILE A 407 10.99 -6.45 22.83
C ILE A 407 12.38 -6.34 23.46
N ALA A 408 13.15 -7.42 23.36
CA ALA A 408 14.51 -7.45 23.88
C ALA A 408 15.20 -8.64 23.24
N GLY A 409 16.46 -8.48 22.87
CA GLY A 409 17.18 -9.58 22.26
C GLY A 409 18.67 -9.38 22.24
N THR A 410 19.42 -10.45 22.02
CA THR A 410 20.86 -10.38 21.96
C THR A 410 21.33 -11.41 20.96
N GLY A 411 22.58 -11.31 20.52
CA GLY A 411 23.10 -12.23 19.52
C GLY A 411 22.92 -11.67 18.12
N GLN A 412 22.89 -12.56 17.13
CA GLN A 412 22.74 -12.15 15.73
C GLN A 412 21.33 -11.67 15.38
N ILE A 413 20.93 -10.52 15.93
CA ILE A 413 19.59 -9.98 15.69
C ILE A 413 19.44 -8.93 14.58
N GLU A 414 20.33 -8.96 13.58
CA GLU A 414 20.22 -8.00 12.47
C GLU A 414 18.91 -8.24 11.71
N GLY A 415 18.50 -9.52 11.62
CA GLY A 415 17.29 -9.88 10.92
C GLY A 415 15.97 -9.54 11.60
N LEU A 416 16.02 -9.18 12.88
CA LEU A 416 14.80 -8.81 13.61
C LEU A 416 14.43 -7.41 13.13
N LEU A 417 13.35 -7.31 12.36
CA LEU A 417 12.92 -6.02 11.82
C LEU A 417 12.64 -4.93 12.84
N ASP A 418 12.36 -3.73 12.35
CA ASP A 418 12.06 -2.57 13.20
C ASP A 418 10.82 -2.74 14.08
N TYR A 419 10.66 -1.84 15.05
CA TYR A 419 9.53 -1.91 15.97
C TYR A 419 8.18 -1.88 15.28
N MET A 420 7.95 -0.85 14.48
CA MET A 420 6.67 -0.69 13.77
C MET A 420 6.24 -1.87 12.89
N ARG A 421 7.21 -2.65 12.41
CA ARG A 421 6.91 -3.83 11.61
C ARG A 421 6.29 -4.87 12.52
N ILE A 422 6.98 -5.16 13.63
CA ILE A 422 6.51 -6.13 14.60
C ILE A 422 5.17 -5.63 15.16
N ARG A 423 5.14 -4.36 15.56
CA ARG A 423 3.95 -3.75 16.13
C ARG A 423 2.71 -3.86 15.22
N SER A 424 2.91 -3.69 13.93
CA SER A 424 1.82 -3.79 12.96
C SER A 424 1.16 -5.18 12.93
N ASP A 425 1.95 -6.22 13.18
CA ASP A 425 1.44 -7.58 13.17
C ASP A 425 0.52 -7.95 14.34
N MET A 426 0.27 -7.02 15.24
CA MET A 426 -0.61 -7.28 16.36
C MET A 426 -2.06 -7.18 15.93
N SER A 427 -2.28 -7.16 14.61
CA SER A 427 -3.62 -7.08 14.05
C SER A 427 -3.69 -7.56 12.61
N MET A 428 -4.87 -7.48 12.02
CA MET A 428 -5.10 -7.90 10.64
C MET A 428 -6.02 -6.93 9.94
N MET A 429 -5.89 -6.85 8.62
CA MET A 429 -6.73 -5.99 7.79
C MET A 429 -8.11 -6.66 7.67
N ARG A 430 -9.15 -5.85 7.53
CA ARG A 430 -10.51 -6.37 7.37
C ARG A 430 -11.41 -5.35 6.68
N TRP A 431 -12.54 -5.80 6.14
CA TRP A 431 -13.48 -4.90 5.46
C TRP A 431 -14.36 -4.13 6.45
N LEU B 1 8.01 -59.27 37.86
CA LEU B 1 6.86 -58.34 37.63
C LEU B 1 6.35 -57.83 38.98
N THR B 2 7.18 -57.01 39.63
CA THR B 2 6.84 -56.44 40.94
C THR B 2 6.02 -55.17 40.71
N VAL B 3 4.81 -55.12 41.26
CA VAL B 3 3.95 -53.95 41.11
C VAL B 3 3.79 -53.18 42.41
N SER B 4 4.59 -52.13 42.56
CA SER B 4 4.56 -51.28 43.75
C SER B 4 3.66 -50.06 43.52
N ALA B 5 3.34 -49.35 44.61
CA ALA B 5 2.48 -48.15 44.52
C ALA B 5 2.54 -47.32 45.81
N ARG B 6 1.59 -46.40 45.95
CA ARG B 6 1.48 -45.51 47.11
C ARG B 6 0.49 -44.38 46.84
N ASP B 7 -0.72 -44.49 47.39
CA ASP B 7 -1.76 -43.49 47.19
C ASP B 7 -1.51 -42.17 47.94
N ALA B 8 -2.38 -41.19 47.69
CA ALA B 8 -2.32 -39.86 48.30
C ALA B 8 -3.51 -39.04 47.77
N PRO B 9 -3.88 -37.95 48.48
CA PRO B 9 -5.02 -37.11 48.05
C PRO B 9 -4.67 -36.05 46.99
N THR B 10 -3.57 -36.26 46.28
CA THR B 10 -3.13 -35.32 45.25
C THR B 10 -3.78 -35.64 43.90
N LYS B 11 -3.74 -34.67 42.98
CA LYS B 11 -4.34 -34.83 41.66
C LYS B 11 -3.42 -35.28 40.53
N ILE B 12 -2.11 -35.35 40.79
CA ILE B 12 -1.14 -35.76 39.77
C ILE B 12 -0.47 -37.09 40.10
N SER B 13 -0.84 -38.14 39.37
CA SER B 13 -0.26 -39.47 39.58
C SER B 13 0.91 -39.64 38.62
N THR B 14 1.77 -40.63 38.87
CA THR B 14 2.92 -40.87 38.00
C THR B 14 3.40 -42.31 37.87
N LEU B 15 2.87 -42.99 36.86
CA LEU B 15 3.22 -44.38 36.56
C LEU B 15 4.67 -44.41 36.09
N ALA B 16 5.34 -45.55 36.23
CA ALA B 16 6.74 -45.68 35.81
C ALA B 16 7.16 -47.14 35.72
N VAL B 17 7.72 -47.53 34.57
CA VAL B 17 8.16 -48.90 34.36
C VAL B 17 9.68 -48.97 34.25
N LYS B 18 10.34 -49.26 35.37
CA LYS B 18 11.79 -49.39 35.39
C LYS B 18 12.14 -50.70 34.72
N VAL B 19 13.27 -50.71 34.01
CA VAL B 19 13.71 -51.90 33.30
C VAL B 19 15.23 -51.99 33.32
N HIS B 20 15.75 -53.20 33.51
CA HIS B 20 17.19 -53.38 33.55
C HIS B 20 17.77 -53.51 32.15
N GLY B 21 17.82 -52.38 31.44
CA GLY B 21 18.35 -52.36 30.09
C GLY B 21 19.39 -51.30 29.78
N GLY B 22 19.87 -50.59 30.79
CA GLY B 22 20.87 -49.54 30.60
C GLY B 22 22.15 -49.97 29.90
N SER B 23 23.10 -49.06 29.81
CA SER B 23 24.38 -49.32 29.14
C SER B 23 25.15 -50.52 29.70
N ARG B 24 24.98 -50.76 31.00
CA ARG B 24 25.65 -51.86 31.68
C ARG B 24 25.35 -53.22 31.05
N TYR B 25 24.18 -53.34 30.44
CA TYR B 25 23.75 -54.58 29.79
C TYR B 25 23.81 -54.54 28.26
N ALA B 26 24.23 -53.41 27.70
CA ALA B 26 24.31 -53.23 26.25
C ALA B 26 25.21 -54.20 25.49
N THR B 27 24.61 -54.93 24.55
CA THR B 27 25.34 -55.90 23.73
C THR B 27 26.29 -55.24 22.72
N LYS B 28 25.89 -54.08 22.19
CA LYS B 28 26.72 -53.32 21.25
C LYS B 28 26.75 -51.87 21.73
N ASP B 29 27.82 -51.14 21.40
CA ASP B 29 27.99 -49.76 21.84
C ASP B 29 26.84 -48.80 21.53
N GLY B 30 26.20 -48.31 22.60
CA GLY B 30 25.11 -47.37 22.47
C GLY B 30 23.73 -47.91 22.11
N VAL B 31 23.60 -49.22 21.97
CA VAL B 31 22.31 -49.81 21.60
C VAL B 31 21.21 -49.48 22.60
N ALA B 32 21.56 -49.38 23.87
CA ALA B 32 20.58 -49.05 24.89
C ALA B 32 20.08 -47.64 24.61
N HIS B 33 21.03 -46.79 24.20
CA HIS B 33 20.75 -45.39 23.88
C HIS B 33 19.69 -45.33 22.79
N LEU B 34 19.98 -45.99 21.66
CA LEU B 34 19.05 -46.01 20.54
C LEU B 34 17.64 -46.45 20.93
N LEU B 35 17.55 -47.48 21.77
CA LEU B 35 16.27 -48.01 22.20
C LEU B 35 15.51 -47.02 23.08
N ASN B 36 16.23 -46.32 23.95
CA ASN B 36 15.59 -45.34 24.82
C ASN B 36 15.00 -44.23 23.94
N ARG B 37 15.71 -43.96 22.85
CA ARG B 37 15.33 -42.94 21.88
C ARG B 37 14.21 -43.49 20.95
N PHE B 38 14.16 -44.81 20.77
CA PHE B 38 13.15 -45.44 19.92
C PHE B 38 11.81 -45.61 20.64
N ASN B 39 11.79 -45.37 21.95
CA ASN B 39 10.55 -45.50 22.73
C ASN B 39 9.57 -44.41 22.38
N PHE B 40 8.29 -44.74 22.47
CA PHE B 40 7.22 -43.80 22.18
C PHE B 40 7.10 -43.39 20.70
N GLN B 41 7.84 -44.09 19.85
CA GLN B 41 7.76 -43.88 18.41
C GLN B 41 6.46 -44.58 18.00
N ASN B 42 6.48 -45.31 16.89
CA ASN B 42 5.27 -45.99 16.43
C ASN B 42 5.09 -47.41 16.97
N THR B 43 3.85 -47.71 17.39
CA THR B 43 3.50 -49.06 17.84
C THR B 43 2.71 -49.61 16.66
N ASN B 44 2.29 -50.87 16.74
CA ASN B 44 1.54 -51.46 15.64
C ASN B 44 0.09 -51.04 15.57
N THR B 45 -0.41 -50.36 16.59
CA THR B 45 -1.81 -49.92 16.59
C THR B 45 -1.99 -48.41 16.79
N ARG B 46 -0.95 -47.76 17.31
CA ARG B 46 -1.00 -46.33 17.59
C ARG B 46 0.26 -45.65 17.04
N SER B 47 0.08 -44.52 16.37
CA SER B 47 1.22 -43.77 15.83
C SER B 47 1.71 -42.80 16.91
N ALA B 48 2.98 -42.43 16.83
CA ALA B 48 3.58 -41.49 17.78
C ALA B 48 2.76 -40.19 17.84
N LEU B 49 2.20 -39.83 16.69
CA LEU B 49 1.37 -38.64 16.58
C LEU B 49 0.06 -38.76 17.34
N LYS B 50 -0.66 -39.86 17.13
CA LYS B 50 -1.95 -40.09 17.81
C LYS B 50 -1.75 -40.17 19.33
N LEU B 51 -0.67 -40.84 19.73
CA LEU B 51 -0.33 -41.00 21.13
C LEU B 51 -0.23 -39.63 21.81
N VAL B 52 0.51 -38.72 21.17
CA VAL B 52 0.71 -37.38 21.72
C VAL B 52 -0.57 -36.56 21.70
N ARG B 53 -1.28 -36.57 20.58
CA ARG B 53 -2.50 -35.79 20.48
C ARG B 53 -3.52 -36.24 21.50
N GLU B 54 -3.59 -37.55 21.75
CA GLU B 54 -4.53 -38.10 22.72
C GLU B 54 -4.18 -37.72 24.17
N SER B 55 -2.95 -38.06 24.58
CA SER B 55 -2.51 -37.74 25.93
C SER B 55 -2.63 -36.26 26.27
N GLU B 56 -2.46 -35.40 25.27
CA GLU B 56 -2.58 -33.96 25.49
C GLU B 56 -4.02 -33.60 25.84
N LEU B 57 -4.96 -34.20 25.13
CA LEU B 57 -6.38 -33.95 25.40
C LEU B 57 -6.80 -34.49 26.77
N LEU B 58 -6.15 -35.56 27.22
CA LEU B 58 -6.42 -36.14 28.53
C LEU B 58 -5.74 -35.30 29.60
N GLY B 59 -4.47 -35.01 29.36
CA GLY B 59 -3.70 -34.20 30.29
C GLY B 59 -2.55 -34.98 30.89
N GLY B 60 -1.63 -35.44 30.05
CA GLY B 60 -0.49 -36.19 30.55
C GLY B 60 0.60 -36.30 29.52
N THR B 61 1.82 -36.54 29.98
CA THR B 61 2.97 -36.68 29.08
C THR B 61 3.76 -37.95 29.35
N PHE B 62 4.63 -38.29 28.41
CA PHE B 62 5.48 -39.46 28.51
C PHE B 62 6.92 -38.98 28.44
N LYS B 63 7.85 -39.88 28.78
CA LYS B 63 9.28 -39.59 28.77
C LYS B 63 10.03 -40.89 29.00
N SER B 64 11.18 -41.05 28.37
CA SER B 64 11.98 -42.25 28.50
C SER B 64 13.43 -41.89 28.82
N THR B 65 13.86 -42.21 30.04
CA THR B 65 15.21 -41.92 30.54
C THR B 65 16.19 -43.08 30.45
N LEU B 66 17.48 -42.77 30.36
CA LEU B 66 18.53 -43.78 30.26
C LEU B 66 19.61 -43.64 31.34
N ASP B 67 19.72 -44.66 32.19
CA ASP B 67 20.71 -44.70 33.26
C ASP B 67 21.88 -45.56 32.80
N ARG B 68 22.79 -45.85 33.71
CA ARG B 68 23.92 -46.70 33.39
C ARG B 68 23.40 -48.15 33.54
N GLU B 69 22.32 -48.31 34.30
CA GLU B 69 21.72 -49.62 34.53
C GLU B 69 20.27 -49.76 34.07
N TYR B 70 19.49 -48.68 34.21
CA TYR B 70 18.08 -48.70 33.83
C TYR B 70 17.70 -48.00 32.51
N ILE B 71 16.44 -48.17 32.15
CA ILE B 71 15.78 -47.57 30.98
C ILE B 71 14.37 -47.40 31.54
N THR B 72 14.07 -46.21 32.02
CA THR B 72 12.78 -45.93 32.63
C THR B 72 11.75 -45.27 31.73
N LEU B 73 10.56 -45.86 31.68
CA LEU B 73 9.46 -45.32 30.88
C LEU B 73 8.47 -44.71 31.85
N LYS B 74 8.60 -43.41 32.11
CA LYS B 74 7.73 -42.70 33.04
C LYS B 74 6.54 -42.06 32.34
N ALA B 75 5.50 -41.74 33.11
CA ALA B 75 4.28 -41.11 32.58
C ALA B 75 3.58 -40.29 33.66
N THR B 76 3.56 -38.98 33.47
CA THR B 76 2.92 -38.07 34.42
C THR B 76 1.55 -37.70 33.89
N PHE B 77 0.53 -37.80 34.74
CA PHE B 77 -0.84 -37.51 34.31
C PHE B 77 -1.80 -37.20 35.43
N LEU B 78 -3.06 -36.98 35.06
CA LEU B 78 -4.12 -36.72 36.04
C LEU B 78 -4.55 -38.07 36.60
N LYS B 79 -4.85 -38.09 37.90
CA LYS B 79 -5.24 -39.29 38.64
C LYS B 79 -6.21 -40.31 38.04
N ASP B 80 -7.44 -39.89 37.76
CA ASP B 80 -8.48 -40.78 37.22
C ASP B 80 -8.31 -41.36 35.81
N ASP B 81 -7.18 -41.11 35.14
CA ASP B 81 -6.98 -41.62 33.79
C ASP B 81 -5.96 -42.75 33.77
N LEU B 82 -5.71 -43.31 34.95
CA LEU B 82 -4.74 -44.38 35.16
C LEU B 82 -4.62 -45.53 34.14
N PRO B 83 -5.73 -46.21 33.82
CA PRO B 83 -5.65 -47.32 32.86
C PRO B 83 -5.04 -46.97 31.49
N TYR B 84 -5.37 -45.78 30.99
CA TYR B 84 -4.85 -45.32 29.69
C TYR B 84 -3.33 -45.35 29.61
N TYR B 85 -2.69 -44.76 30.60
CA TYR B 85 -1.22 -44.73 30.61
C TYR B 85 -0.61 -46.07 30.95
N VAL B 86 -1.43 -46.99 31.48
CA VAL B 86 -0.93 -48.33 31.79
C VAL B 86 -0.86 -49.09 30.47
N ASN B 87 -1.92 -49.00 29.68
CA ASN B 87 -1.99 -49.68 28.38
C ASN B 87 -1.03 -49.01 27.38
N ALA B 88 -0.82 -47.71 27.53
CA ALA B 88 0.07 -46.98 26.66
C ALA B 88 1.49 -47.53 26.86
N LEU B 89 1.93 -47.59 28.11
CA LEU B 89 3.25 -48.12 28.43
C LEU B 89 3.34 -49.59 28.08
N ALA B 90 2.21 -50.29 28.18
CA ALA B 90 2.13 -51.72 27.85
C ALA B 90 2.40 -51.90 26.35
N ASP B 91 1.71 -51.10 25.54
CA ASP B 91 1.84 -51.14 24.09
C ASP B 91 3.25 -50.94 23.57
N VAL B 92 3.98 -50.00 24.19
CA VAL B 92 5.34 -49.69 23.79
C VAL B 92 6.28 -50.88 23.96
N LEU B 93 6.23 -51.51 25.13
CA LEU B 93 7.06 -52.65 25.46
C LEU B 93 6.80 -53.89 24.61
N TYR B 94 5.54 -54.13 24.32
CA TYR B 94 5.13 -55.30 23.55
C TYR B 94 5.12 -55.18 22.03
N LYS B 95 4.79 -54.01 21.49
CA LYS B 95 4.71 -53.88 20.04
C LYS B 95 5.09 -52.56 19.35
N THR B 96 6.31 -52.07 19.55
CA THR B 96 6.73 -50.86 18.84
C THR B 96 7.14 -51.30 17.43
N ALA B 97 6.61 -50.62 16.43
CA ALA B 97 6.86 -50.93 15.02
C ALA B 97 8.29 -51.07 14.50
N PHE B 98 9.19 -50.19 14.95
CA PHE B 98 10.58 -50.22 14.49
C PHE B 98 10.69 -50.12 12.97
N LYS B 99 10.05 -49.11 12.37
CA LYS B 99 10.10 -48.92 10.93
C LYS B 99 11.45 -48.32 10.52
N PRO B 100 12.08 -48.86 9.46
CA PRO B 100 13.38 -48.38 8.96
C PRO B 100 13.46 -46.86 8.79
N HIS B 101 12.34 -46.24 8.44
CA HIS B 101 12.32 -44.79 8.25
C HIS B 101 12.30 -43.99 9.54
N GLU B 102 11.80 -44.59 10.62
CA GLU B 102 11.75 -43.91 11.92
C GLU B 102 13.16 -43.81 12.49
N LEU B 103 14.00 -44.76 12.12
CA LEU B 103 15.38 -44.77 12.59
C LEU B 103 16.13 -43.60 11.98
N THR B 104 16.10 -43.50 10.66
CA THR B 104 16.79 -42.43 9.93
C THR B 104 16.20 -41.02 10.13
N GLU B 105 14.90 -40.93 10.32
CA GLU B 105 14.23 -39.64 10.47
C GLU B 105 14.04 -39.09 11.86
N SER B 106 13.92 -39.96 12.86
CA SER B 106 13.69 -39.48 14.23
C SER B 106 14.70 -39.95 15.27
N VAL B 107 14.98 -41.25 15.29
CA VAL B 107 15.91 -41.83 16.26
C VAL B 107 17.35 -41.36 16.15
N LEU B 108 18.00 -41.68 15.03
CA LEU B 108 19.38 -41.28 14.84
C LEU B 108 19.60 -39.78 15.11
N PRO B 109 18.76 -38.89 14.55
CA PRO B 109 18.94 -37.45 14.80
C PRO B 109 18.89 -37.13 16.30
N ALA B 110 17.84 -37.60 16.98
CA ALA B 110 17.68 -37.36 18.41
C ALA B 110 18.90 -37.86 19.17
N ALA B 111 19.43 -39.01 18.73
CA ALA B 111 20.60 -39.59 19.36
C ALA B 111 21.85 -38.78 19.09
N ARG B 112 21.99 -38.29 17.86
CA ARG B 112 23.15 -37.49 17.46
C ARG B 112 23.24 -36.19 18.27
N TYR B 113 22.08 -35.63 18.60
CA TYR B 113 21.97 -34.41 19.39
C TYR B 113 22.36 -34.69 20.84
N ASP B 114 22.00 -35.86 21.35
CA ASP B 114 22.34 -36.25 22.71
C ASP B 114 23.85 -36.34 22.88
N TYR B 115 24.50 -37.06 21.97
CA TYR B 115 25.94 -37.24 22.01
C TYR B 115 26.66 -35.89 21.88
N ALA B 116 26.12 -35.00 21.05
CA ALA B 116 26.70 -33.68 20.82
C ALA B 116 26.70 -32.83 22.10
N VAL B 117 25.56 -32.80 22.79
CA VAL B 117 25.45 -32.02 24.02
C VAL B 117 26.45 -32.48 25.09
N ALA B 118 26.60 -33.80 25.21
CA ALA B 118 27.51 -34.38 26.19
C ALA B 118 28.97 -34.22 25.79
N GLU B 119 29.23 -34.14 24.49
CA GLU B 119 30.60 -34.00 23.97
C GLU B 119 31.16 -32.61 24.25
N GLN B 120 30.32 -31.73 24.79
CA GLN B 120 30.74 -30.36 25.09
C GLN B 120 30.92 -30.06 26.58
N CYS B 121 30.45 -30.97 27.43
CA CYS B 121 30.58 -30.82 28.89
C CYS B 121 31.71 -31.75 29.36
N PRO B 122 32.88 -31.17 29.71
CA PRO B 122 34.06 -31.91 30.16
C PRO B 122 33.91 -32.80 31.40
N VAL B 123 33.06 -32.42 32.35
CA VAL B 123 32.85 -33.24 33.53
C VAL B 123 32.30 -34.62 33.14
N LYS B 124 31.39 -34.63 32.16
CA LYS B 124 30.79 -35.87 31.68
C LYS B 124 31.79 -36.68 30.84
N SER B 125 32.69 -35.97 30.16
CA SER B 125 33.72 -36.64 29.35
C SER B 125 34.60 -37.38 30.35
N ALA B 126 34.70 -36.81 31.54
CA ALA B 126 35.49 -37.36 32.64
C ALA B 126 34.78 -38.53 33.30
N GLU B 127 33.55 -38.31 33.76
CA GLU B 127 32.75 -39.35 34.40
C GLU B 127 32.70 -40.62 33.55
N ASP B 128 32.62 -40.43 32.23
CA ASP B 128 32.59 -41.56 31.32
C ASP B 128 33.94 -42.27 31.30
N GLN B 129 35.01 -41.49 31.47
CA GLN B 129 36.37 -42.03 31.49
C GLN B 129 36.66 -42.81 32.76
N LEU B 130 36.09 -42.35 33.87
CA LEU B 130 36.26 -42.99 35.16
C LEU B 130 35.70 -44.42 35.10
N TYR B 131 34.42 -44.53 34.72
CA TYR B 131 33.74 -45.82 34.60
C TYR B 131 34.47 -46.77 33.65
N ALA B 132 34.91 -46.25 32.52
CA ALA B 132 35.60 -47.05 31.51
C ALA B 132 36.90 -47.67 32.01
N ILE B 133 37.60 -46.97 32.89
CA ILE B 133 38.86 -47.50 33.41
C ILE B 133 38.70 -48.31 34.69
N THR B 134 37.72 -47.98 35.54
CA THR B 134 37.53 -48.76 36.76
C THR B 134 36.93 -50.12 36.36
N PHE B 135 35.71 -50.12 35.81
CA PHE B 135 35.04 -51.35 35.38
C PHE B 135 35.24 -51.50 33.86
N ARG B 136 36.38 -52.03 33.47
CA ARG B 136 36.78 -52.20 32.07
C ARG B 136 35.82 -52.72 30.99
N LYS B 137 34.59 -53.07 31.34
CA LYS B 137 33.63 -53.54 30.33
C LYS B 137 32.22 -53.80 30.84
N GLY B 138 31.99 -53.54 32.12
CA GLY B 138 30.66 -53.74 32.69
C GLY B 138 29.91 -52.43 32.67
N LEU B 139 30.10 -51.64 33.72
CA LEU B 139 29.47 -50.32 33.84
C LEU B 139 30.39 -49.34 33.10
N GLY B 140 31.48 -49.86 32.55
CA GLY B 140 32.43 -49.05 31.81
C GLY B 140 32.09 -48.99 30.34
N ASN B 141 30.92 -49.51 29.98
CA ASN B 141 30.44 -49.49 28.61
C ASN B 141 29.96 -48.09 28.27
N PRO B 142 30.13 -47.67 27.01
CA PRO B 142 29.71 -46.35 26.52
C PRO B 142 28.23 -46.13 26.78
N LEU B 143 27.90 -45.04 27.45
CA LEU B 143 26.52 -44.71 27.79
C LEU B 143 25.70 -44.30 26.56
N LEU B 144 26.28 -43.48 25.69
CA LEU B 144 25.58 -43.01 24.49
C LEU B 144 26.15 -43.56 23.19
N TYR B 145 25.37 -43.46 22.12
CA TYR B 145 25.75 -43.93 20.79
C TYR B 145 26.66 -42.96 20.04
N ASP B 146 27.69 -43.48 19.37
CA ASP B 146 28.60 -42.64 18.61
C ASP B 146 29.10 -43.24 17.30
N GLY B 147 28.53 -44.39 16.92
CA GLY B 147 28.89 -45.03 15.67
C GLY B 147 30.23 -45.72 15.47
N VAL B 148 30.99 -45.96 16.54
CA VAL B 148 32.29 -46.64 16.40
C VAL B 148 32.14 -48.06 15.87
N GLU B 149 31.06 -48.72 16.29
CA GLU B 149 30.78 -50.06 15.79
C GLU B 149 29.35 -50.05 15.25
N ARG B 150 29.13 -50.78 14.17
CA ARG B 150 27.82 -50.86 13.52
C ARG B 150 26.69 -51.21 14.48
N VAL B 151 25.52 -50.66 14.20
CA VAL B 151 24.31 -50.92 14.98
C VAL B 151 23.15 -50.80 14.00
N SER B 152 22.63 -51.95 13.57
CA SER B 152 21.52 -51.99 12.61
C SER B 152 20.18 -51.89 13.31
N LEU B 153 19.12 -51.85 12.52
CA LEU B 153 17.75 -51.78 13.03
C LEU B 153 17.48 -53.09 13.77
N GLN B 154 18.05 -54.17 13.25
CA GLN B 154 17.89 -55.52 13.83
C GLN B 154 18.55 -55.62 15.21
N ASP B 155 19.76 -55.08 15.34
CA ASP B 155 20.47 -55.11 16.61
C ASP B 155 19.65 -54.40 17.71
N ILE B 156 18.88 -53.40 17.30
CA ILE B 156 18.03 -52.64 18.22
C ILE B 156 16.82 -53.48 18.58
N LYS B 157 16.41 -54.34 17.64
CA LYS B 157 15.26 -55.21 17.86
C LYS B 157 15.62 -56.38 18.78
N ASP B 158 16.81 -56.96 18.56
CA ASP B 158 17.28 -58.08 19.38
C ASP B 158 17.38 -57.65 20.84
N PHE B 159 18.04 -56.51 21.07
CA PHE B 159 18.23 -55.98 22.42
C PHE B 159 16.89 -55.66 23.09
N ALA B 160 15.88 -55.36 22.29
CA ALA B 160 14.56 -55.05 22.82
C ALA B 160 13.96 -56.35 23.32
N ASP B 161 14.16 -57.41 22.54
CA ASP B 161 13.65 -58.74 22.87
C ASP B 161 14.17 -59.23 24.22
N LYS B 162 15.47 -59.04 24.44
CA LYS B 162 16.10 -59.44 25.69
C LYS B 162 15.58 -58.64 26.88
N VAL B 163 15.84 -57.34 26.84
CA VAL B 163 15.46 -56.41 27.89
C VAL B 163 13.98 -56.27 28.27
N TYR B 164 13.09 -56.26 27.28
CA TYR B 164 11.66 -56.11 27.57
C TYR B 164 10.95 -57.43 27.86
N THR B 165 11.07 -57.89 29.10
CA THR B 165 10.46 -59.15 29.56
C THR B 165 9.93 -58.98 30.99
N LYS B 166 8.98 -59.82 31.39
CA LYS B 166 8.39 -59.73 32.73
C LYS B 166 9.38 -59.99 33.86
N GLU B 167 10.43 -60.76 33.58
CA GLU B 167 11.43 -61.07 34.59
C GLU B 167 12.60 -60.10 34.64
N ASN B 168 12.50 -58.99 33.89
CA ASN B 168 13.57 -58.01 33.86
C ASN B 168 13.07 -56.59 34.10
N LEU B 169 11.79 -56.43 34.40
CA LEU B 169 11.24 -55.10 34.65
C LEU B 169 10.46 -55.03 35.95
N GLU B 170 10.06 -53.82 36.33
CA GLU B 170 9.32 -53.59 37.57
C GLU B 170 8.39 -52.37 37.45
N VAL B 171 7.09 -52.60 37.54
CA VAL B 171 6.12 -51.50 37.48
C VAL B 171 6.16 -50.77 38.83
N SER B 172 6.02 -49.44 38.79
CA SER B 172 6.04 -48.62 39.99
C SER B 172 5.17 -47.39 39.80
N GLY B 173 4.13 -47.27 40.61
CA GLY B 173 3.22 -46.15 40.49
C GLY B 173 3.17 -45.22 41.70
N GLU B 174 3.54 -43.96 41.49
CA GLU B 174 3.52 -42.97 42.55
C GLU B 174 2.16 -42.28 42.55
N ASN B 175 1.55 -42.16 43.72
CA ASN B 175 0.24 -41.53 43.87
C ASN B 175 -0.85 -42.33 43.16
N VAL B 176 -0.74 -43.66 43.26
CA VAL B 176 -1.67 -44.58 42.62
C VAL B 176 -2.19 -45.63 43.63
N VAL B 177 -3.44 -46.03 43.48
CA VAL B 177 -4.04 -47.05 44.33
C VAL B 177 -3.58 -48.43 43.86
N GLU B 178 -2.72 -49.06 44.66
CA GLU B 178 -2.13 -50.36 44.35
C GLU B 178 -3.14 -51.44 43.90
N ALA B 179 -4.33 -51.39 44.47
CA ALA B 179 -5.38 -52.35 44.13
C ALA B 179 -5.68 -52.26 42.63
N ASP B 180 -5.98 -51.06 42.17
CA ASP B 180 -6.28 -50.82 40.77
C ASP B 180 -5.07 -51.01 39.86
N LEU B 181 -3.89 -50.59 40.34
CA LEU B 181 -2.68 -50.72 39.54
C LEU B 181 -2.40 -52.19 39.21
N LYS B 182 -2.41 -53.06 40.22
CA LYS B 182 -2.16 -54.48 40.01
C LYS B 182 -3.22 -55.09 39.09
N ARG B 183 -4.45 -54.64 39.27
CA ARG B 183 -5.58 -55.11 38.48
C ARG B 183 -5.38 -54.78 36.98
N PHE B 184 -4.95 -53.55 36.70
CA PHE B 184 -4.73 -53.09 35.33
C PHE B 184 -3.49 -53.64 34.66
N VAL B 185 -2.41 -53.83 35.41
CA VAL B 185 -1.17 -54.38 34.86
C VAL B 185 -1.43 -55.79 34.35
N ASP B 186 -2.22 -56.55 35.10
CA ASP B 186 -2.56 -57.93 34.73
C ASP B 186 -3.62 -57.97 33.65
N GLU B 187 -4.47 -56.94 33.62
CA GLU B 187 -5.53 -56.83 32.63
C GLU B 187 -4.99 -56.28 31.30
N SER B 188 -3.74 -55.82 31.32
CA SER B 188 -3.08 -55.27 30.14
C SER B 188 -2.24 -56.29 29.38
N LEU B 189 -1.30 -55.78 28.59
CA LEU B 189 -0.40 -56.61 27.79
C LEU B 189 0.91 -56.86 28.52
N LEU B 190 1.05 -56.31 29.71
CA LEU B 190 2.27 -56.50 30.50
C LEU B 190 2.49 -57.98 30.77
N SER B 191 1.41 -58.66 31.19
CA SER B 191 1.43 -60.09 31.50
C SER B 191 1.65 -61.00 30.30
N THR B 192 1.44 -60.49 29.09
CA THR B 192 1.62 -61.27 27.88
C THR B 192 3.10 -61.28 27.46
N LEU B 193 3.88 -60.35 28.00
CA LEU B 193 5.30 -60.24 27.70
C LEU B 193 6.05 -61.52 28.05
N PRO B 194 6.73 -62.11 27.06
CA PRO B 194 7.51 -63.35 27.26
C PRO B 194 8.60 -63.19 28.31
N ALA B 195 8.23 -63.44 29.56
CA ALA B 195 9.14 -63.32 30.70
C ALA B 195 10.40 -64.16 30.60
N GLY B 196 11.51 -63.52 30.24
CA GLY B 196 12.77 -64.21 30.10
C GLY B 196 13.55 -64.25 31.40
N LYS B 197 14.82 -63.86 31.34
CA LYS B 197 15.68 -63.84 32.52
C LYS B 197 15.96 -62.43 33.04
N SER B 198 16.45 -62.36 34.26
CA SER B 198 16.81 -61.10 34.89
C SER B 198 18.34 -61.03 34.80
N LEU B 199 18.85 -59.97 34.18
CA LEU B 199 20.30 -59.83 34.01
C LEU B 199 20.99 -59.19 35.22
N VAL B 200 20.22 -58.98 36.29
CA VAL B 200 20.76 -58.39 37.53
C VAL B 200 21.68 -59.36 38.26
N SER B 201 22.97 -59.33 37.93
CA SER B 201 23.94 -60.21 38.57
C SER B 201 24.35 -59.62 39.92
N LYS B 202 24.45 -60.48 40.93
CA LYS B 202 24.82 -60.05 42.28
C LYS B 202 26.33 -60.02 42.54
N SER B 203 27.08 -60.82 41.79
CA SER B 203 28.53 -60.86 41.95
C SER B 203 29.14 -59.49 41.63
N GLU B 204 29.92 -58.97 42.58
CA GLU B 204 30.55 -57.67 42.45
C GLU B 204 31.39 -57.54 41.17
N PRO B 205 31.27 -56.39 40.48
CA PRO B 205 32.01 -56.13 39.24
C PRO B 205 33.50 -56.15 39.53
N LYS B 206 34.27 -56.80 38.66
CA LYS B 206 35.71 -56.87 38.85
C LYS B 206 36.36 -55.53 38.50
N PHE B 207 36.51 -54.67 39.51
CA PHE B 207 37.11 -53.35 39.30
C PHE B 207 38.63 -53.31 39.38
N PHE B 208 39.20 -52.26 38.82
CA PHE B 208 40.65 -52.04 38.79
C PHE B 208 41.02 -50.79 39.59
N LEU B 209 42.30 -50.61 39.83
CA LEU B 209 42.79 -49.46 40.60
C LEU B 209 44.15 -48.96 40.11
N GLY B 210 44.46 -47.70 40.44
CA GLY B 210 45.72 -47.10 40.03
C GLY B 210 45.80 -46.87 38.52
N GLU B 211 44.64 -46.70 37.89
CA GLU B 211 44.54 -46.47 36.45
C GLU B 211 44.28 -44.99 36.15
N GLU B 212 44.82 -44.51 35.04
CA GLU B 212 44.63 -43.11 34.65
C GLU B 212 44.52 -42.88 33.13
N ASN B 213 43.76 -41.86 32.76
CA ASN B 213 43.56 -41.51 31.35
C ASN B 213 43.55 -40.00 31.14
N ARG B 214 44.17 -39.55 30.05
CA ARG B 214 44.27 -38.12 29.73
C ARG B 214 43.65 -37.78 28.37
N VAL B 215 42.72 -36.82 28.35
CA VAL B 215 42.07 -36.42 27.09
C VAL B 215 42.19 -34.91 26.83
N ARG B 216 42.74 -34.58 25.67
CA ARG B 216 42.90 -33.19 25.25
C ARG B 216 41.51 -32.63 24.92
N PHE B 217 41.26 -31.39 25.34
CA PHE B 217 39.97 -30.76 25.12
C PHE B 217 40.09 -29.23 25.05
N ILE B 218 39.24 -28.61 24.23
CA ILE B 218 39.22 -27.16 24.08
C ILE B 218 38.04 -26.60 24.87
N GLY B 219 38.33 -26.08 26.04
CA GLY B 219 37.30 -25.50 26.92
C GLY B 219 37.83 -25.44 28.33
N ASP B 220 36.98 -25.76 29.31
CA ASP B 220 37.41 -25.75 30.71
C ASP B 220 38.20 -27.02 31.03
N SER B 221 39.19 -26.90 31.90
CA SER B 221 40.01 -28.04 32.30
C SER B 221 39.40 -28.74 33.51
N VAL B 222 39.50 -30.06 33.55
CA VAL B 222 38.95 -30.83 34.65
C VAL B 222 39.80 -32.03 35.04
N ALA B 223 40.00 -32.16 36.36
CA ALA B 223 40.75 -33.27 36.94
C ALA B 223 39.78 -33.98 37.85
N ALA B 224 39.67 -35.29 37.71
CA ALA B 224 38.75 -36.06 38.53
C ALA B 224 39.32 -37.40 39.00
N ILE B 225 38.84 -37.84 40.16
CA ILE B 225 39.27 -39.11 40.73
C ILE B 225 38.08 -40.07 40.90
N GLY B 226 38.30 -41.34 40.61
CA GLY B 226 37.24 -42.34 40.72
C GLY B 226 37.60 -43.47 41.68
N ILE B 227 36.71 -43.76 42.63
CA ILE B 227 36.95 -44.80 43.63
C ILE B 227 35.85 -45.86 43.73
N PRO B 228 36.21 -47.14 43.45
CA PRO B 228 35.27 -48.27 43.51
C PRO B 228 34.91 -48.58 44.96
N VAL B 229 33.61 -48.64 45.27
CA VAL B 229 33.19 -48.95 46.64
C VAL B 229 32.59 -50.35 46.79
N ASN B 230 32.46 -50.79 48.04
CA ASN B 230 31.92 -52.12 48.37
C ASN B 230 30.41 -52.08 48.55
N LYS B 231 29.80 -53.27 48.59
CA LYS B 231 28.36 -53.39 48.76
C LYS B 231 27.89 -52.83 50.10
N ALA B 232 28.76 -52.87 51.11
CA ALA B 232 28.42 -52.38 52.45
C ALA B 232 29.20 -51.12 52.82
N SER B 233 30.38 -50.95 52.21
CA SER B 233 31.24 -49.81 52.48
C SER B 233 30.83 -48.53 51.73
N LEU B 234 29.62 -48.50 51.20
CA LEU B 234 29.12 -47.34 50.45
C LEU B 234 28.47 -46.27 51.33
N ALA B 235 27.93 -46.65 52.48
CA ALA B 235 27.27 -45.71 53.38
C ALA B 235 28.22 -44.66 53.96
N GLN B 236 29.51 -45.00 54.05
CA GLN B 236 30.49 -44.05 54.59
C GLN B 236 30.84 -43.05 53.50
N TYR B 237 31.05 -43.55 52.28
CA TYR B 237 31.39 -42.72 51.13
C TYR B 237 30.29 -41.69 50.84
N GLU B 238 29.04 -42.04 51.17
CA GLU B 238 27.91 -41.14 50.96
C GLU B 238 28.06 -39.89 51.82
N VAL B 239 28.45 -40.06 53.09
CA VAL B 239 28.62 -38.93 54.00
C VAL B 239 29.84 -38.10 53.56
N LEU B 240 30.83 -38.80 53.00
CA LEU B 240 32.04 -38.18 52.50
C LEU B 240 31.67 -37.22 51.37
N ALA B 241 30.82 -37.70 50.48
CA ALA B 241 30.35 -36.92 49.35
C ALA B 241 29.64 -35.65 49.83
N ASN B 242 28.76 -35.81 50.83
CA ASN B 242 28.03 -34.68 51.39
C ASN B 242 28.93 -33.81 52.26
N TYR B 243 30.03 -34.39 52.75
CA TYR B 243 30.98 -33.67 53.59
C TYR B 243 31.78 -32.71 52.71
N LEU B 244 32.36 -33.25 51.65
CA LEU B 244 33.15 -32.45 50.72
C LEU B 244 32.29 -31.40 49.99
N THR B 245 30.99 -31.68 49.88
CA THR B 245 30.05 -30.77 49.23
C THR B 245 29.23 -30.06 50.31
N SER B 246 29.92 -29.45 51.27
CA SER B 246 29.23 -28.75 52.35
C SER B 246 30.08 -27.69 53.05
N ALA B 247 29.43 -26.92 53.91
CA ALA B 247 30.07 -25.85 54.66
C ALA B 247 31.06 -26.35 55.72
N LEU B 248 30.88 -27.59 56.15
CA LEU B 248 31.73 -28.19 57.16
C LEU B 248 33.16 -28.41 56.67
N SER B 249 33.31 -28.93 55.46
CA SER B 249 34.63 -29.14 54.90
C SER B 249 35.19 -27.81 54.44
N GLU B 250 36.48 -27.62 54.63
CA GLU B 250 37.13 -26.38 54.23
C GLU B 250 37.38 -26.34 52.73
N LEU B 251 37.62 -27.52 52.16
CA LEU B 251 37.89 -27.63 50.74
C LEU B 251 36.67 -27.82 49.81
N SER B 252 35.49 -27.38 50.27
CA SER B 252 34.27 -27.49 49.48
C SER B 252 34.30 -26.44 48.36
N GLY B 253 35.04 -25.37 48.58
CA GLY B 253 35.17 -24.31 47.59
C GLY B 253 36.25 -24.62 46.58
N LEU B 254 36.91 -25.76 46.74
CA LEU B 254 37.98 -26.19 45.84
C LEU B 254 37.54 -27.27 44.88
N ILE B 255 36.33 -27.79 45.08
CA ILE B 255 35.80 -28.83 44.21
C ILE B 255 34.48 -28.40 43.59
N SER B 256 34.28 -28.79 42.34
CA SER B 256 33.06 -28.45 41.62
C SER B 256 31.91 -29.37 42.01
N SER B 257 32.14 -30.68 41.90
CA SER B 257 31.11 -31.66 42.23
C SER B 257 31.69 -32.95 42.79
N ALA B 258 30.93 -33.58 43.69
CA ALA B 258 31.33 -34.84 44.31
C ALA B 258 30.10 -35.66 44.61
N LYS B 259 30.10 -36.93 44.23
CA LYS B 259 28.94 -37.79 44.47
C LYS B 259 29.26 -39.28 44.53
N LEU B 260 28.27 -40.04 45.00
CA LEU B 260 28.38 -41.48 45.10
C LEU B 260 27.25 -42.13 44.30
N ASP B 261 27.62 -42.82 43.23
CA ASP B 261 26.64 -43.50 42.40
C ASP B 261 26.34 -44.87 42.99
N LYS B 262 25.09 -45.03 43.44
CA LYS B 262 24.64 -46.28 44.06
C LYS B 262 23.96 -47.23 43.07
N PHE B 263 24.45 -48.46 43.03
CA PHE B 263 23.89 -49.49 42.15
C PHE B 263 23.32 -50.63 43.01
N THR B 264 23.10 -51.78 42.38
CA THR B 264 22.56 -52.95 43.10
C THR B 264 23.66 -53.94 43.49
N ASP B 265 24.86 -53.72 42.98
CA ASP B 265 25.99 -54.61 43.26
C ASP B 265 27.30 -53.85 43.53
N GLY B 266 27.21 -52.74 44.25
CA GLY B 266 28.39 -51.94 44.55
C GLY B 266 28.15 -50.47 44.28
N GLY B 267 29.20 -49.78 43.79
CA GLY B 267 29.05 -48.36 43.50
C GLY B 267 30.33 -47.68 43.07
N LEU B 268 30.23 -46.37 42.78
CA LEU B 268 31.39 -45.59 42.35
C LEU B 268 31.34 -44.17 42.92
N PHE B 269 32.46 -43.75 43.49
CA PHE B 269 32.58 -42.42 44.08
C PHE B 269 33.32 -41.53 43.09
N THR B 270 32.77 -40.35 42.84
CA THR B 270 33.39 -39.40 41.92
C THR B 270 33.61 -38.03 42.53
N LEU B 271 34.74 -37.42 42.17
CA LEU B 271 35.11 -36.10 42.66
C LEU B 271 35.56 -35.26 41.45
N PHE B 272 35.00 -34.07 41.31
CA PHE B 272 35.30 -33.20 40.17
C PHE B 272 35.86 -31.81 40.47
N VAL B 273 36.97 -31.48 39.81
CA VAL B 273 37.63 -30.18 39.94
C VAL B 273 37.59 -29.55 38.55
N ARG B 274 36.80 -28.48 38.38
CA ARG B 274 36.68 -27.81 37.09
C ARG B 274 36.93 -26.30 37.16
N ASP B 275 37.71 -25.81 36.20
CA ASP B 275 38.04 -24.38 36.11
C ASP B 275 38.60 -24.00 34.73
N GLN B 276 38.55 -22.71 34.40
CA GLN B 276 39.04 -22.19 33.12
C GLN B 276 40.52 -22.46 32.85
N ASP B 277 41.40 -21.91 33.68
CA ASP B 277 42.84 -22.12 33.48
C ASP B 277 43.35 -23.35 34.25
N SER B 278 44.27 -24.06 33.62
CA SER B 278 44.86 -25.28 34.17
C SER B 278 45.57 -25.16 35.51
N ALA B 279 46.21 -24.02 35.77
CA ALA B 279 46.93 -23.80 37.02
C ALA B 279 46.06 -23.99 38.27
N VAL B 280 44.88 -23.38 38.30
CA VAL B 280 43.98 -23.49 39.45
C VAL B 280 43.46 -24.92 39.63
N VAL B 281 43.37 -25.66 38.52
CA VAL B 281 42.88 -27.05 38.58
C VAL B 281 43.95 -27.94 39.19
N SER B 282 45.19 -27.78 38.73
CA SER B 282 46.32 -28.56 39.23
C SER B 282 46.51 -28.39 40.73
N SER B 283 46.36 -27.15 41.20
CA SER B 283 46.52 -26.83 42.62
C SER B 283 45.41 -27.43 43.47
N ASN B 284 44.17 -27.02 43.19
CA ASN B 284 43.00 -27.50 43.93
C ASN B 284 42.90 -29.01 44.08
N ILE B 285 43.38 -29.77 43.09
CA ILE B 285 43.31 -31.23 43.17
C ILE B 285 44.51 -31.80 43.92
N LYS B 286 45.68 -31.21 43.72
CA LYS B 286 46.91 -31.65 44.38
C LYS B 286 46.77 -31.45 45.88
N LYS B 287 45.88 -30.54 46.26
CA LYS B 287 45.58 -30.22 47.66
C LYS B 287 44.57 -31.21 48.21
N ILE B 288 43.56 -31.55 47.41
CA ILE B 288 42.52 -32.49 47.83
C ILE B 288 43.12 -33.87 48.08
N VAL B 289 43.93 -34.34 47.14
CA VAL B 289 44.57 -35.65 47.25
C VAL B 289 45.45 -35.73 48.49
N ALA B 290 46.17 -34.64 48.77
CA ALA B 290 47.05 -34.57 49.93
C ALA B 290 46.30 -34.55 51.26
N ASP B 291 45.24 -33.76 51.33
CA ASP B 291 44.42 -33.66 52.54
C ASP B 291 43.59 -34.92 52.79
N LEU B 292 43.26 -35.63 51.72
CA LEU B 292 42.48 -36.86 51.86
C LEU B 292 43.36 -38.06 52.20
N LYS B 293 44.64 -37.97 51.86
CA LYS B 293 45.61 -39.04 52.16
C LYS B 293 45.87 -39.01 53.67
N LYS B 294 45.60 -37.87 54.28
CA LYS B 294 45.74 -37.66 55.71
C LYS B 294 44.31 -37.51 56.21
N GLY B 295 43.49 -38.50 55.84
CA GLY B 295 42.07 -38.52 56.18
C GLY B 295 41.59 -38.16 57.56
N LYS B 296 40.34 -37.71 57.62
CA LYS B 296 39.67 -37.32 58.86
C LYS B 296 38.18 -37.20 58.56
N ASP B 297 37.35 -37.35 59.59
CA ASP B 297 35.91 -37.23 59.40
C ASP B 297 35.19 -36.88 60.70
N LEU B 298 35.18 -37.82 61.64
CA LEU B 298 34.52 -37.66 62.95
C LEU B 298 33.01 -37.59 62.84
N SER B 299 32.50 -37.71 61.61
CA SER B 299 31.07 -37.68 61.29
C SER B 299 30.24 -36.54 61.87
N PRO B 300 30.70 -35.29 61.71
CA PRO B 300 29.94 -34.15 62.24
C PRO B 300 28.73 -33.92 61.35
N ALA B 301 28.89 -34.28 60.08
CA ALA B 301 27.85 -34.15 59.07
C ALA B 301 26.99 -35.42 58.99
N ILE B 302 26.96 -36.17 60.08
CA ILE B 302 26.18 -37.40 60.15
C ILE B 302 24.67 -37.12 60.00
N ASN B 303 24.26 -35.95 60.45
CA ASN B 303 22.85 -35.56 60.38
C ASN B 303 22.55 -34.78 59.10
N TYR B 304 23.60 -34.30 58.44
CA TYR B 304 23.45 -33.56 57.18
C TYR B 304 23.40 -34.57 56.03
N THR B 305 24.26 -35.58 56.09
CA THR B 305 24.31 -36.63 55.07
C THR B 305 23.06 -37.49 55.11
N LYS B 306 22.37 -37.49 56.24
CA LYS B 306 21.15 -38.27 56.41
C LYS B 306 19.96 -37.43 55.92
N LEU B 307 20.03 -36.12 56.15
CA LEU B 307 18.98 -35.19 55.74
C LEU B 307 18.97 -35.01 54.22
N LYS B 308 20.17 -34.90 53.63
CA LYS B 308 20.30 -34.71 52.19
C LYS B 308 19.94 -36.00 51.45
N ASN B 309 20.09 -37.14 52.11
CA ASN B 309 19.77 -38.43 51.52
C ASN B 309 18.31 -38.81 51.75
N ALA B 310 17.51 -37.85 52.16
CA ALA B 310 16.10 -38.05 52.42
C ALA B 310 15.25 -37.16 51.51
N VAL B 311 15.83 -36.05 51.06
CA VAL B 311 15.14 -35.12 50.17
C VAL B 311 14.81 -35.79 48.84
N GLN B 312 15.39 -36.96 48.63
CA GLN B 312 15.16 -37.75 47.43
C GLN B 312 13.90 -38.59 47.62
N ASN B 313 12.75 -37.97 47.37
CA ASN B 313 11.45 -38.62 47.51
C ASN B 313 11.07 -39.57 46.38
N GLU B 314 11.84 -39.55 45.29
CA GLU B 314 11.58 -40.43 44.17
C GLU B 314 12.30 -41.75 44.42
N SER B 315 13.23 -41.71 45.36
CA SER B 315 14.04 -42.87 45.73
C SER B 315 13.58 -43.50 47.06
N VAL B 316 12.28 -43.69 47.20
CA VAL B 316 11.74 -44.30 48.43
C VAL B 316 11.78 -45.82 48.24
N SER B 317 12.98 -46.31 47.97
CA SER B 317 13.27 -47.73 47.74
C SER B 317 14.79 -47.90 47.79
N SER B 318 15.46 -46.94 48.41
CA SER B 318 16.91 -46.92 48.55
C SER B 318 17.43 -48.05 49.45
N PRO B 319 18.67 -48.50 49.22
CA PRO B 319 19.34 -49.57 49.97
C PRO B 319 19.44 -49.33 51.48
N ILE B 320 20.67 -49.38 52.02
CA ILE B 320 20.87 -49.19 53.45
C ILE B 320 20.60 -47.76 53.91
N GLU B 321 19.92 -47.64 55.05
CA GLU B 321 19.56 -46.34 55.60
C GLU B 321 20.29 -46.01 56.91
N LEU B 322 20.35 -46.97 57.84
CA LEU B 322 21.00 -46.76 59.14
C LEU B 322 22.48 -47.16 59.22
N ASN B 323 23.10 -47.46 58.08
CA ASN B 323 24.51 -47.84 58.04
C ASN B 323 25.37 -46.60 58.29
N PHE B 324 24.74 -45.43 58.16
CA PHE B 324 25.40 -44.15 58.37
C PHE B 324 25.83 -43.97 59.82
N ASP B 325 24.92 -44.25 60.74
CA ASP B 325 25.18 -44.13 62.18
C ASP B 325 26.10 -45.26 62.66
N ALA B 326 27.27 -45.38 62.02
CA ALA B 326 28.25 -46.40 62.35
C ALA B 326 29.65 -45.84 62.16
N VAL B 327 30.29 -46.20 61.04
CA VAL B 327 31.63 -45.75 60.73
C VAL B 327 31.71 -44.22 60.67
N LYS B 328 32.85 -43.67 61.06
CA LYS B 328 33.04 -42.23 61.08
C LYS B 328 34.47 -41.78 60.74
N ASP B 329 35.23 -42.64 60.07
CA ASP B 329 36.61 -42.31 59.70
C ASP B 329 36.94 -42.68 58.27
N PHE B 330 37.60 -41.76 57.56
CA PHE B 330 37.97 -41.98 56.17
C PHE B 330 39.45 -41.73 55.89
N LYS B 331 40.01 -42.57 55.03
CA LYS B 331 41.41 -42.51 54.60
C LYS B 331 41.39 -42.26 53.08
N LEU B 332 42.36 -42.83 52.36
CA LEU B 332 42.41 -42.71 50.91
C LEU B 332 43.42 -43.69 50.33
N GLY B 333 42.93 -44.90 50.04
CA GLY B 333 43.79 -45.91 49.47
C GLY B 333 44.04 -45.60 48.01
N LYS B 334 43.99 -46.63 47.17
CA LYS B 334 44.20 -46.43 45.74
C LYS B 334 42.92 -45.96 45.06
N PHE B 335 43.08 -45.14 44.03
CA PHE B 335 41.95 -44.62 43.27
C PHE B 335 42.31 -44.52 41.79
N ASN B 336 41.48 -43.82 41.03
CA ASN B 336 41.70 -43.63 39.60
C ASN B 336 41.67 -42.15 39.24
N TYR B 337 42.46 -41.78 38.24
CA TYR B 337 42.59 -40.38 37.83
C TYR B 337 42.41 -40.15 36.33
N VAL B 338 41.86 -38.98 35.98
CA VAL B 338 41.65 -38.58 34.58
C VAL B 338 41.87 -37.09 34.37
N ALA B 339 42.69 -36.77 33.38
CA ALA B 339 42.99 -35.38 33.04
C ALA B 339 42.29 -35.04 31.72
N VAL B 340 41.44 -34.01 31.76
CA VAL B 340 40.70 -33.55 30.58
C VAL B 340 40.86 -32.05 30.43
N GLY B 341 41.35 -31.62 29.27
CA GLY B 341 41.53 -30.20 29.02
C GLY B 341 42.94 -29.85 28.60
N ASP B 342 43.55 -28.91 29.32
CA ASP B 342 44.92 -28.49 29.04
C ASP B 342 45.85 -29.55 29.63
N VAL B 343 46.00 -30.65 28.90
CA VAL B 343 46.80 -31.79 29.32
C VAL B 343 48.27 -31.54 29.69
N SER B 344 48.99 -30.79 28.87
CA SER B 344 50.40 -30.52 29.12
C SER B 344 50.66 -29.68 30.38
N ASN B 345 49.59 -29.19 31.01
CA ASN B 345 49.70 -28.37 32.22
C ASN B 345 48.84 -28.92 33.36
N LEU B 346 48.65 -30.24 33.36
CA LEU B 346 47.85 -30.90 34.38
C LEU B 346 48.63 -32.01 35.08
N PRO B 347 48.32 -32.27 36.37
CA PRO B 347 48.98 -33.29 37.18
C PRO B 347 48.84 -34.71 36.63
N TYR B 348 49.76 -35.56 37.06
CA TYR B 348 49.73 -36.97 36.69
C TYR B 348 49.37 -37.72 37.97
N LEU B 349 49.04 -39.00 37.84
CA LEU B 349 48.68 -39.81 39.00
C LEU B 349 49.82 -39.81 40.02
N ASP B 350 51.05 -39.84 39.52
CA ASP B 350 52.27 -39.86 40.34
C ASP B 350 52.34 -38.75 41.36
N GLU B 351 52.52 -37.52 40.89
CA GLU B 351 52.64 -36.35 41.75
C GLU B 351 51.47 -36.03 42.68
N LEU B 352 50.43 -36.86 42.64
CA LEU B 352 49.27 -36.67 43.49
C LEU B 352 49.54 -37.11 44.93
N MET C 1 7.64 -19.78 4.54
CA MET C 1 7.87 -18.31 4.69
C MET C 1 6.61 -17.56 4.27
N ALA C 2 6.57 -16.25 4.48
CA ALA C 2 5.41 -15.45 4.10
C ALA C 2 5.14 -15.63 2.59
N PHE C 3 3.87 -15.52 2.19
CA PHE C 3 3.49 -15.68 0.78
C PHE C 3 4.16 -14.65 -0.10
N ARG C 4 4.32 -13.44 0.42
CA ARG C 4 4.94 -12.35 -0.33
C ARG C 4 6.39 -12.67 -0.68
N LYS C 5 6.97 -13.62 0.03
CA LYS C 5 8.36 -14.03 -0.20
C LYS C 5 8.45 -15.22 -1.17
N SER C 6 7.51 -16.17 -1.04
CA SER C 6 7.52 -17.38 -1.86
C SER C 6 6.95 -17.28 -3.26
N ASN C 7 5.90 -16.47 -3.44
CA ASN C 7 5.31 -16.34 -4.76
C ASN C 7 6.30 -15.74 -5.75
N VAL C 8 6.36 -16.29 -6.94
CA VAL C 8 7.28 -15.82 -7.97
C VAL C 8 7.14 -14.32 -8.31
N TYR C 9 5.90 -13.84 -8.38
CA TYR C 9 5.66 -12.45 -8.71
C TYR C 9 5.75 -11.53 -7.51
N LEU C 10 5.16 -11.93 -6.39
CA LEU C 10 5.18 -11.09 -5.20
C LEU C 10 6.57 -10.86 -4.61
N SER C 11 7.46 -11.85 -4.74
CA SER C 11 8.81 -11.68 -4.20
C SER C 11 9.55 -10.53 -4.85
N LEU C 12 9.30 -10.30 -6.14
CA LEU C 12 9.92 -9.19 -6.86
C LEU C 12 9.45 -7.92 -6.19
N VAL C 13 8.14 -7.81 -6.01
CA VAL C 13 7.57 -6.63 -5.36
C VAL C 13 8.09 -6.50 -3.95
N ASN C 14 8.21 -7.61 -3.23
CA ASN C 14 8.71 -7.61 -1.85
C ASN C 14 10.15 -7.12 -1.75
N SER C 15 11.00 -7.63 -2.64
CA SER C 15 12.40 -7.24 -2.60
C SER C 15 12.68 -5.82 -3.05
N TYR C 16 11.83 -5.27 -3.91
CA TYR C 16 12.03 -3.91 -4.39
C TYR C 16 11.26 -2.84 -3.65
N ILE C 17 10.07 -3.17 -3.14
CA ILE C 17 9.23 -2.17 -2.50
C ILE C 17 8.89 -2.36 -1.03
N ILE C 18 8.96 -3.60 -0.55
CA ILE C 18 8.58 -3.86 0.83
C ILE C 18 9.71 -4.09 1.81
N ASP C 19 10.51 -5.13 1.59
CA ASP C 19 11.61 -5.47 2.48
C ASP C 19 12.98 -4.88 2.15
N SER C 20 13.07 -4.18 1.02
CA SER C 20 14.32 -3.56 0.59
C SER C 20 14.95 -2.78 1.73
N PRO C 21 16.18 -3.13 2.12
CA PRO C 21 16.88 -2.44 3.22
C PRO C 21 17.42 -1.07 2.79
N GLN C 22 16.88 -0.01 3.38
CA GLN C 22 17.32 1.34 3.04
C GLN C 22 18.20 1.94 4.14
N PRO C 23 19.17 2.80 3.77
CA PRO C 23 20.06 3.44 4.75
C PRO C 23 19.16 4.37 5.56
N SER C 24 19.20 4.22 6.88
CA SER C 24 18.35 5.01 7.78
C SER C 24 18.40 6.51 7.64
N SER C 25 19.49 7.04 7.08
CA SER C 25 19.66 8.48 6.97
C SER C 25 19.34 9.20 5.65
N ILE C 26 18.83 8.52 4.64
CA ILE C 26 18.55 9.22 3.38
C ILE C 26 17.56 10.36 3.58
N ASN C 27 17.75 11.46 2.84
CA ASN C 27 16.87 12.61 2.97
C ASN C 27 15.87 12.76 1.82
N TYR C 28 15.07 13.83 1.82
CA TYR C 28 14.07 14.03 0.78
C TYR C 28 14.60 14.11 -0.65
N TRP C 29 15.92 14.20 -0.82
CA TRP C 29 16.49 14.26 -2.18
C TRP C 29 16.38 12.89 -2.83
N TRP C 30 16.22 11.87 -1.98
CA TRP C 30 16.07 10.50 -2.45
C TRP C 30 14.65 10.15 -2.87
N ASN C 31 13.75 11.11 -2.75
CA ASN C 31 12.34 10.96 -3.14
C ASN C 31 12.06 11.28 -4.61
N MET C 32 13.05 11.82 -5.33
CA MET C 32 12.87 12.19 -6.73
C MET C 32 12.65 11.00 -7.68
N GLY C 33 13.27 9.87 -7.35
CA GLY C 33 13.13 8.69 -8.18
C GLY C 33 11.68 8.23 -8.35
N SER C 34 10.98 8.10 -7.22
CA SER C 34 9.59 7.65 -7.27
C SER C 34 8.78 8.68 -8.03
N LEU C 35 9.09 9.95 -7.80
CA LEU C 35 8.43 11.07 -8.49
C LEU C 35 8.62 10.94 -10.02
N LEU C 36 9.75 10.40 -10.43
CA LEU C 36 10.01 10.19 -11.85
C LEU C 36 9.17 9.04 -12.43
N GLY C 37 8.89 8.01 -11.62
CA GLY C 37 8.06 6.92 -12.08
C GLY C 37 6.63 7.45 -12.26
N LEU C 38 6.16 8.19 -11.26
CA LEU C 38 4.85 8.79 -11.28
C LEU C 38 4.69 9.63 -12.57
N CYS C 39 5.69 10.46 -12.87
CA CYS C 39 5.65 11.31 -14.07
C CYS C 39 5.51 10.46 -15.33
N LEU C 40 6.25 9.36 -15.37
CA LEU C 40 6.21 8.47 -16.52
C LEU C 40 4.80 7.90 -16.70
N VAL C 41 4.14 7.54 -15.61
CA VAL C 41 2.80 7.00 -15.69
C VAL C 41 1.83 8.08 -16.19
N ILE C 42 1.85 9.25 -15.55
CA ILE C 42 0.98 10.36 -15.96
C ILE C 42 1.13 10.71 -17.45
N GLN C 43 2.34 10.58 -17.97
CA GLN C 43 2.56 10.90 -19.36
C GLN C 43 1.95 9.83 -20.26
N ILE C 44 2.13 8.57 -19.89
CA ILE C 44 1.59 7.48 -20.70
C ILE C 44 0.06 7.42 -20.68
N VAL C 45 -0.54 7.53 -19.50
CA VAL C 45 -1.99 7.49 -19.36
C VAL C 45 -2.70 8.61 -20.13
N THR C 46 -2.36 9.87 -19.84
CA THR C 46 -2.98 11.00 -20.53
C THR C 46 -2.68 10.97 -22.04
N GLY C 47 -1.55 10.40 -22.41
CA GLY C 47 -1.23 10.32 -23.82
C GLY C 47 -2.10 9.34 -24.60
N ILE C 48 -2.37 8.18 -24.02
CA ILE C 48 -3.19 7.18 -24.68
C ILE C 48 -4.63 7.67 -24.84
N PHE C 49 -5.18 8.31 -23.81
CA PHE C 49 -6.54 8.80 -23.92
C PHE C 49 -6.68 9.89 -24.98
N MET C 50 -5.65 10.71 -25.16
CA MET C 50 -5.72 11.74 -26.19
C MET C 50 -5.52 11.14 -27.57
N ALA C 51 -4.75 10.06 -27.63
CA ALA C 51 -4.46 9.42 -28.90
C ALA C 51 -5.74 8.92 -29.54
N MET C 52 -6.75 8.71 -28.70
CA MET C 52 -8.05 8.23 -29.16
C MET C 52 -8.79 9.28 -30.02
N HIS C 53 -8.45 10.55 -29.81
CA HIS C 53 -9.08 11.65 -30.51
C HIS C 53 -8.14 12.40 -31.47
N TYR C 54 -6.87 12.01 -31.52
CA TYR C 54 -5.87 12.69 -32.35
C TYR C 54 -5.67 12.15 -33.77
N SER C 55 -5.46 13.06 -34.72
CA SER C 55 -5.22 12.68 -36.11
C SER C 55 -3.83 13.19 -36.47
N SER C 56 -2.99 12.30 -36.99
CA SER C 56 -1.62 12.66 -37.35
C SER C 56 -1.41 13.36 -38.68
N ASN C 57 -2.40 13.34 -39.58
CA ASN C 57 -2.29 14.02 -40.88
C ASN C 57 -1.92 15.46 -40.69
N ILE C 58 -1.05 15.96 -41.54
CA ILE C 58 -0.57 17.32 -41.44
C ILE C 58 -1.69 18.34 -41.62
N GLU C 59 -2.76 17.97 -42.33
CA GLU C 59 -3.88 18.87 -42.54
C GLU C 59 -4.87 18.85 -41.38
N LEU C 60 -4.74 17.87 -40.48
CA LEU C 60 -5.67 17.75 -39.38
C LEU C 60 -5.08 17.77 -37.98
N ALA C 61 -3.77 17.59 -37.87
CA ALA C 61 -3.10 17.55 -36.58
C ALA C 61 -3.42 18.71 -35.65
N PHE C 62 -3.18 19.93 -36.11
CA PHE C 62 -3.43 21.12 -35.30
C PHE C 62 -4.89 21.21 -34.85
N SER C 63 -5.81 21.01 -35.79
CA SER C 63 -7.23 21.08 -35.47
C SER C 63 -7.70 19.96 -34.57
N SER C 64 -7.06 18.78 -34.66
CA SER C 64 -7.47 17.67 -33.82
C SER C 64 -7.09 17.95 -32.37
N VAL C 65 -6.04 18.76 -32.16
CA VAL C 65 -5.63 19.10 -30.79
C VAL C 65 -6.65 20.12 -30.28
N GLU C 66 -7.11 21.01 -31.16
CA GLU C 66 -8.12 22.00 -30.79
C GLU C 66 -9.44 21.27 -30.46
N HIS C 67 -9.68 20.18 -31.19
CA HIS C 67 -10.85 19.34 -31.00
C HIS C 67 -10.79 18.70 -29.61
N ILE C 68 -9.57 18.32 -29.19
CA ILE C 68 -9.37 17.73 -27.88
C ILE C 68 -9.63 18.80 -26.82
N MET C 69 -9.27 20.04 -27.16
CA MET C 69 -9.41 21.17 -26.25
C MET C 69 -10.84 21.67 -26.07
N ARG C 70 -11.62 21.63 -27.15
CA ARG C 70 -12.98 22.16 -27.15
C ARG C 70 -14.14 21.19 -27.03
N ASP C 71 -14.03 20.02 -27.67
CA ASP C 71 -15.11 19.03 -27.68
C ASP C 71 -15.04 17.81 -26.77
N VAL C 72 -13.84 17.29 -26.55
CA VAL C 72 -13.65 16.12 -25.71
C VAL C 72 -13.92 16.45 -24.26
N HIS C 73 -14.80 15.69 -23.62
CA HIS C 73 -15.11 15.94 -22.22
C HIS C 73 -13.84 15.80 -21.40
N ASN C 74 -13.53 16.86 -20.66
CA ASN C 74 -12.34 16.90 -19.83
C ASN C 74 -11.06 16.92 -20.70
N GLY C 75 -11.24 17.19 -21.99
CA GLY C 75 -10.12 17.24 -22.93
C GLY C 75 -9.00 18.20 -22.58
N TYR C 76 -9.35 19.42 -22.20
CA TYR C 76 -8.36 20.41 -21.84
C TYR C 76 -7.54 19.96 -20.62
N ILE C 77 -8.17 19.21 -19.71
CA ILE C 77 -7.47 18.70 -18.52
C ILE C 77 -6.40 17.69 -18.99
N LEU C 78 -6.77 16.86 -19.97
CA LEU C 78 -5.85 15.88 -20.49
C LEU C 78 -4.64 16.55 -21.16
N ARG C 79 -4.90 17.54 -22.02
CA ARG C 79 -3.82 18.22 -22.74
C ARG C 79 -2.93 19.03 -21.82
N TYR C 80 -3.53 19.83 -20.93
CA TYR C 80 -2.73 20.62 -19.99
C TYR C 80 -1.95 19.73 -19.04
N LEU C 81 -2.49 18.56 -18.71
CA LEU C 81 -1.80 17.62 -17.81
C LEU C 81 -0.59 17.04 -18.54
N HIS C 82 -0.82 16.59 -19.76
CA HIS C 82 0.24 16.02 -20.59
C HIS C 82 1.34 17.03 -20.84
N ALA C 83 0.95 18.24 -21.25
CA ALA C 83 1.90 19.31 -21.58
C ALA C 83 2.66 19.79 -20.37
N ASN C 84 1.96 20.20 -19.32
CA ASN C 84 2.64 20.67 -18.12
C ASN C 84 3.37 19.53 -17.42
N GLY C 85 2.92 18.30 -17.64
CA GLY C 85 3.55 17.14 -17.06
C GLY C 85 4.94 16.92 -17.62
N ALA C 86 5.12 17.18 -18.90
CA ALA C 86 6.42 17.02 -19.54
C ALA C 86 7.43 17.96 -18.87
N SER C 87 7.01 19.19 -18.61
CA SER C 87 7.88 20.17 -17.97
C SER C 87 8.23 19.70 -16.58
N PHE C 88 7.22 19.30 -15.82
CA PHE C 88 7.49 18.83 -14.47
C PHE C 88 8.40 17.59 -14.49
N PHE C 89 8.30 16.80 -15.56
CA PHE C 89 9.12 15.61 -15.73
C PHE C 89 10.60 16.04 -15.75
N PHE C 90 10.92 17.13 -16.48
CA PHE C 90 12.30 17.64 -16.54
C PHE C 90 12.77 18.35 -15.28
N MET C 91 11.89 19.09 -14.61
CA MET C 91 12.27 19.78 -13.38
C MET C 91 12.76 18.72 -12.39
N VAL C 92 11.99 17.66 -12.27
CA VAL C 92 12.30 16.58 -11.35
C VAL C 92 13.52 15.77 -11.78
N MET C 93 13.71 15.59 -13.09
CA MET C 93 14.86 14.86 -13.58
C MET C 93 16.16 15.60 -13.27
N PHE C 94 16.18 16.92 -13.48
CA PHE C 94 17.36 17.74 -13.19
C PHE C 94 17.72 17.62 -11.69
N MET C 95 16.71 17.66 -10.83
CA MET C 95 16.95 17.53 -9.39
C MET C 95 17.47 16.15 -9.05
N HIS C 96 16.99 15.13 -9.78
CA HIS C 96 17.41 13.75 -9.57
C HIS C 96 18.89 13.67 -9.97
N MET C 97 19.22 14.25 -11.12
CA MET C 97 20.58 14.27 -11.64
C MET C 97 21.52 15.11 -10.76
N ALA C 98 21.08 16.30 -10.39
CA ALA C 98 21.88 17.18 -9.54
C ALA C 98 22.19 16.49 -8.20
N LYS C 99 21.20 15.78 -7.66
CA LYS C 99 21.34 15.06 -6.39
C LYS C 99 22.47 14.04 -6.55
N GLY C 100 22.51 13.39 -7.70
CA GLY C 100 23.52 12.38 -7.94
C GLY C 100 24.92 12.97 -8.03
N LEU C 101 24.99 14.15 -8.65
CA LEU C 101 26.22 14.89 -8.83
C LEU C 101 26.82 15.30 -7.51
N TYR C 102 25.98 15.90 -6.67
CA TYR C 102 26.37 16.39 -5.36
C TYR C 102 26.83 15.29 -4.39
N TYR C 103 26.12 14.16 -4.36
CA TYR C 103 26.47 13.08 -3.42
C TYR C 103 27.38 11.99 -3.97
N GLY C 104 27.88 12.17 -5.18
CA GLY C 104 28.78 11.18 -5.75
C GLY C 104 28.09 9.85 -6.01
N SER C 105 26.83 9.93 -6.41
CA SER C 105 26.02 8.73 -6.70
C SER C 105 26.56 8.04 -7.94
N TYR C 106 27.24 8.80 -8.80
CA TYR C 106 27.81 8.28 -10.03
C TYR C 106 29.06 7.44 -9.81
N ARG C 107 29.60 7.48 -8.59
CA ARG C 107 30.83 6.74 -8.29
C ARG C 107 30.67 5.24 -8.21
N SER C 108 31.80 4.56 -8.29
CA SER C 108 31.87 3.12 -8.17
C SER C 108 31.29 2.79 -6.78
N PRO C 109 30.54 1.68 -6.64
CA PRO C 109 30.16 0.69 -7.65
C PRO C 109 28.83 0.95 -8.36
N ARG C 110 28.45 2.21 -8.53
CA ARG C 110 27.20 2.54 -9.19
C ARG C 110 27.37 3.19 -10.56
N VAL C 111 28.49 2.87 -11.23
CA VAL C 111 28.74 3.45 -12.55
C VAL C 111 27.68 3.02 -13.55
N THR C 112 27.37 1.72 -13.60
CA THR C 112 26.34 1.19 -14.49
C THR C 112 25.00 1.90 -14.24
N LEU C 113 24.72 2.15 -12.96
CA LEU C 113 23.51 2.81 -12.57
C LEU C 113 23.46 4.22 -13.20
N TRP C 114 24.60 4.91 -13.16
CA TRP C 114 24.72 6.26 -13.70
C TRP C 114 24.66 6.30 -15.22
N ASN C 115 25.28 5.33 -15.88
CA ASN C 115 25.29 5.30 -17.34
C ASN C 115 23.93 5.00 -17.94
N VAL C 116 23.16 4.11 -17.29
CA VAL C 116 21.83 3.80 -17.78
C VAL C 116 20.96 5.07 -17.64
N GLY C 117 21.22 5.83 -16.58
CA GLY C 117 20.49 7.06 -16.35
C GLY C 117 20.72 8.09 -17.42
N VAL C 118 21.94 8.12 -17.97
CA VAL C 118 22.27 9.07 -19.02
C VAL C 118 21.47 8.70 -20.29
N ILE C 119 21.38 7.40 -20.57
CA ILE C 119 20.63 6.91 -21.72
C ILE C 119 19.15 7.31 -21.60
N ILE C 120 18.59 7.16 -20.40
CA ILE C 120 17.20 7.53 -20.15
C ILE C 120 16.97 9.02 -20.43
N PHE C 121 17.89 9.86 -19.96
CA PHE C 121 17.82 11.30 -20.16
C PHE C 121 17.76 11.62 -21.66
N THR C 122 18.60 10.97 -22.45
CA THR C 122 18.60 11.19 -23.88
C THR C 122 17.27 10.76 -24.50
N LEU C 123 16.78 9.58 -24.11
CA LEU C 123 15.51 9.06 -24.63
C LEU C 123 14.34 9.98 -24.27
N THR C 124 14.42 10.61 -23.09
CA THR C 124 13.37 11.51 -22.65
C THR C 124 13.36 12.79 -23.49
N ILE C 125 14.56 13.32 -23.77
CA ILE C 125 14.65 14.52 -24.59
C ILE C 125 14.03 14.21 -25.96
N ALA C 126 14.41 13.08 -26.56
CA ALA C 126 13.89 12.68 -27.86
C ALA C 126 12.35 12.52 -27.85
N THR C 127 11.83 11.96 -26.76
CA THR C 127 10.41 11.75 -26.62
C THR C 127 9.64 13.05 -26.55
N ALA C 128 10.04 13.95 -25.66
CA ALA C 128 9.35 15.23 -25.51
C ALA C 128 9.37 16.02 -26.83
N PHE C 129 10.50 15.99 -27.51
CA PHE C 129 10.62 16.70 -28.77
C PHE C 129 9.62 16.18 -29.81
N LEU C 130 9.55 14.85 -29.96
CA LEU C 130 8.63 14.26 -30.93
C LEU C 130 7.18 14.64 -30.61
N GLY C 131 6.87 14.70 -29.31
CA GLY C 131 5.54 15.07 -28.86
C GLY C 131 5.26 16.51 -29.23
N TYR C 132 6.29 17.33 -29.07
CA TYR C 132 6.20 18.75 -29.39
C TYR C 132 5.82 18.96 -30.85
N CYS C 133 6.36 18.12 -31.73
CA CYS C 133 6.11 18.19 -33.16
C CYS C 133 4.69 17.78 -33.55
N CYS C 134 4.04 17.00 -32.69
CA CYS C 134 2.69 16.52 -32.98
C CYS C 134 1.60 17.59 -32.93
N VAL C 135 1.87 18.70 -32.26
CA VAL C 135 0.92 19.80 -32.14
C VAL C 135 0.82 20.52 -33.48
N TYR C 136 1.93 20.48 -34.20
CA TYR C 136 2.11 21.12 -35.48
C TYR C 136 1.77 22.59 -35.47
N GLY C 137 2.28 23.30 -34.48
CA GLY C 137 2.10 24.74 -34.39
C GLY C 137 3.30 25.36 -35.10
N GLN C 138 3.52 26.67 -34.95
CA GLN C 138 4.68 27.30 -35.59
C GLN C 138 5.99 26.76 -35.01
N MET C 139 6.09 26.70 -33.68
CA MET C 139 7.30 26.18 -33.04
C MET C 139 7.56 24.73 -33.42
N SER C 140 6.50 23.94 -33.52
CA SER C 140 6.60 22.53 -33.87
C SER C 140 7.32 22.35 -35.20
N HIS C 141 6.78 22.99 -36.25
CA HIS C 141 7.35 22.89 -37.58
C HIS C 141 8.82 23.25 -37.67
N TRP C 142 9.19 24.39 -37.08
CA TRP C 142 10.58 24.79 -37.16
C TRP C 142 11.49 23.91 -36.33
N GLY C 143 10.97 23.44 -35.19
CA GLY C 143 11.74 22.55 -34.34
C GLY C 143 12.03 21.25 -35.10
N ALA C 144 10.99 20.70 -35.74
CA ALA C 144 11.12 19.48 -36.52
C ALA C 144 12.14 19.69 -37.64
N THR C 145 12.17 20.92 -38.16
CA THR C 145 13.08 21.30 -39.23
C THR C 145 14.53 21.39 -38.73
N VAL C 146 14.73 22.14 -37.65
CA VAL C 146 16.06 22.31 -37.07
C VAL C 146 16.68 20.98 -36.57
N ILE C 147 15.99 20.27 -35.67
CA ILE C 147 16.50 19.00 -35.14
C ILE C 147 16.80 17.95 -36.20
N THR C 148 15.96 17.84 -37.23
CA THR C 148 16.25 16.84 -38.25
C THR C 148 17.44 17.29 -39.08
N ASN C 149 17.60 18.60 -39.24
CA ASN C 149 18.72 19.12 -40.01
C ASN C 149 20.03 18.92 -39.28
N LEU C 150 19.95 18.75 -37.96
CA LEU C 150 21.12 18.54 -37.12
C LEU C 150 22.01 17.43 -37.73
N PHE C 151 21.38 16.47 -38.39
CA PHE C 151 22.07 15.36 -39.02
C PHE C 151 22.82 15.67 -40.32
N SER C 152 22.51 16.81 -40.95
CA SER C 152 23.19 17.16 -42.19
C SER C 152 24.66 17.49 -41.93
N ALA C 153 25.00 17.70 -40.65
CA ALA C 153 26.37 18.00 -40.24
C ALA C 153 27.31 16.84 -40.51
N ILE C 154 26.76 15.64 -40.59
CA ILE C 154 27.56 14.45 -40.86
C ILE C 154 28.08 14.57 -42.30
N PRO C 155 29.40 14.42 -42.49
CA PRO C 155 30.02 14.51 -43.80
C PRO C 155 29.58 13.41 -44.77
N PHE C 156 29.48 13.79 -46.05
CA PHE C 156 29.09 12.89 -47.15
C PHE C 156 27.60 12.54 -47.25
N VAL C 157 27.14 11.67 -46.36
CA VAL C 157 25.75 11.21 -46.37
C VAL C 157 24.73 12.06 -45.61
N GLY C 158 25.22 12.92 -44.73
CA GLY C 158 24.35 13.78 -43.93
C GLY C 158 23.04 14.33 -44.47
N ASN C 159 23.07 14.91 -45.67
CA ASN C 159 21.86 15.48 -46.26
C ASN C 159 20.90 14.37 -46.70
N ASP C 160 21.45 13.17 -46.90
CA ASP C 160 20.64 12.02 -47.30
C ASP C 160 19.83 11.52 -46.10
N ILE C 161 20.51 11.33 -44.97
CA ILE C 161 19.86 10.88 -43.72
C ILE C 161 18.65 11.79 -43.45
N VAL C 162 18.84 13.08 -43.74
CA VAL C 162 17.82 14.10 -43.55
C VAL C 162 16.62 13.96 -44.46
N SER C 163 16.84 13.82 -45.77
CA SER C 163 15.71 13.66 -46.69
C SER C 163 14.99 12.34 -46.38
N TRP C 164 15.76 11.39 -45.82
CA TRP C 164 15.24 10.08 -45.43
C TRP C 164 14.31 10.32 -44.22
N LEU C 165 14.83 10.94 -43.17
CA LEU C 165 14.07 11.24 -41.96
C LEU C 165 12.77 12.00 -42.27
N TRP C 166 12.82 12.91 -43.25
CA TRP C 166 11.66 13.71 -43.63
C TRP C 166 10.67 12.91 -44.44
N GLY C 167 11.19 11.98 -45.24
CA GLY C 167 10.35 11.18 -46.10
C GLY C 167 9.89 12.04 -47.27
N GLY C 168 10.72 13.02 -47.64
CA GLY C 168 10.40 13.90 -48.74
C GLY C 168 11.31 15.11 -48.90
N PHE C 169 10.79 16.12 -49.59
CA PHE C 169 11.51 17.37 -49.87
C PHE C 169 11.69 18.29 -48.66
N SER C 170 10.76 18.21 -47.70
CA SER C 170 10.82 19.04 -46.51
C SER C 170 9.95 18.46 -45.41
N VAL C 171 9.87 19.16 -44.27
CA VAL C 171 9.03 18.70 -43.18
C VAL C 171 7.61 18.78 -43.72
N SER C 172 7.00 17.61 -43.92
CA SER C 172 5.66 17.49 -44.49
C SER C 172 4.82 16.38 -43.86
N ASN C 173 3.79 15.93 -44.58
CA ASN C 173 2.89 14.88 -44.11
C ASN C 173 3.55 13.53 -43.79
N PRO C 174 4.68 13.20 -44.43
CA PRO C 174 5.28 11.92 -44.06
C PRO C 174 6.06 12.09 -42.75
N THR C 175 6.49 13.32 -42.49
CA THR C 175 7.27 13.65 -41.29
C THR C 175 6.47 13.56 -39.99
N ILE C 176 5.45 14.41 -39.86
CA ILE C 176 4.57 14.45 -38.68
C ILE C 176 3.88 13.12 -38.34
N GLN C 177 3.53 12.33 -39.35
CA GLN C 177 2.88 11.05 -39.13
C GLN C 177 3.88 10.05 -38.58
N ARG C 178 5.13 10.08 -39.02
CA ARG C 178 6.12 9.15 -38.49
C ARG C 178 6.56 9.61 -37.10
N PHE C 179 6.47 10.92 -36.88
CA PHE C 179 6.83 11.46 -35.58
C PHE C 179 5.79 11.02 -34.54
N PHE C 180 4.52 10.96 -34.92
CA PHE C 180 3.49 10.51 -33.98
C PHE C 180 3.69 9.04 -33.64
N ALA C 181 3.93 8.23 -34.66
CA ALA C 181 4.16 6.81 -34.46
C ALA C 181 5.34 6.63 -33.50
N LEU C 182 6.39 7.41 -33.71
CA LEU C 182 7.58 7.33 -32.89
C LEU C 182 7.36 7.85 -31.46
N HIS C 183 6.54 8.89 -31.30
CA HIS C 183 6.29 9.46 -29.98
C HIS C 183 5.57 8.47 -29.07
N TYR C 184 4.80 7.59 -29.69
CA TYR C 184 4.03 6.58 -28.97
C TYR C 184 4.98 5.46 -28.56
N LEU C 185 5.91 5.09 -29.43
CA LEU C 185 6.84 3.99 -29.18
C LEU C 185 7.88 4.22 -28.09
N VAL C 186 8.62 5.31 -28.21
CA VAL C 186 9.70 5.59 -27.27
C VAL C 186 9.42 5.51 -25.77
N PRO C 187 8.25 5.99 -25.30
CA PRO C 187 7.96 5.91 -23.86
C PRO C 187 8.05 4.48 -23.29
N PHE C 188 7.69 3.48 -24.10
CA PHE C 188 7.78 2.09 -23.65
C PHE C 188 9.23 1.59 -23.60
N ILE C 189 10.12 2.24 -24.35
CA ILE C 189 11.53 1.89 -24.33
C ILE C 189 12.10 2.52 -23.05
N ILE C 190 11.61 3.70 -22.68
CA ILE C 190 12.06 4.35 -21.46
C ILE C 190 11.68 3.48 -20.25
N ALA C 191 10.49 2.91 -20.30
CA ALA C 191 9.99 2.05 -19.24
C ALA C 191 10.89 0.85 -19.03
N ALA C 192 11.30 0.23 -20.14
CA ALA C 192 12.19 -0.93 -20.08
C ALA C 192 13.55 -0.49 -19.54
N MET C 193 14.00 0.68 -19.97
CA MET C 193 15.25 1.23 -19.50
C MET C 193 15.14 1.56 -18.01
N VAL C 194 13.98 2.02 -17.56
CA VAL C 194 13.79 2.31 -16.14
C VAL C 194 13.89 1.02 -15.31
N ILE C 195 13.51 -0.11 -15.90
CA ILE C 195 13.59 -1.37 -15.17
C ILE C 195 15.06 -1.77 -14.99
N MET C 196 15.87 -1.59 -16.04
CA MET C 196 17.31 -1.88 -15.98
C MET C 196 18.02 -0.95 -14.98
N HIS C 197 17.52 0.28 -14.88
CA HIS C 197 18.05 1.26 -13.95
C HIS C 197 17.81 0.69 -12.55
N LEU C 198 16.59 0.25 -12.29
CA LEU C 198 16.25 -0.33 -10.98
C LEU C 198 17.01 -1.62 -10.65
N MET C 199 17.28 -2.43 -11.66
CA MET C 199 18.01 -3.68 -11.45
C MET C 199 19.42 -3.34 -10.99
N ALA C 200 20.02 -2.34 -11.62
CA ALA C 200 21.38 -1.91 -11.30
C ALA C 200 21.45 -1.27 -9.91
N LEU C 201 20.36 -0.63 -9.50
CA LEU C 201 20.27 0.01 -8.20
C LEU C 201 20.17 -1.03 -7.08
N HIS C 202 19.46 -2.12 -7.37
CA HIS C 202 19.22 -3.19 -6.41
C HIS C 202 20.45 -3.99 -5.98
N ILE C 203 21.45 -4.14 -6.86
CA ILE C 203 22.61 -4.91 -6.46
C ILE C 203 23.50 -4.33 -5.37
N HIS C 204 23.57 -3.01 -5.28
CA HIS C 204 24.39 -2.35 -4.24
C HIS C 204 23.56 -1.45 -3.34
N GLY C 205 22.33 -1.18 -3.76
CA GLY C 205 21.45 -0.35 -2.94
C GLY C 205 21.70 1.13 -3.08
N SER C 206 20.93 1.93 -2.36
CA SER C 206 21.06 3.36 -2.41
C SER C 206 22.26 3.80 -1.60
N SER C 207 22.78 4.98 -1.94
CA SER C 207 23.89 5.56 -1.23
C SER C 207 23.17 6.41 -0.17
N ASN C 208 23.91 7.23 0.58
CA ASN C 208 23.28 8.07 1.58
C ASN C 208 24.02 9.41 1.66
N PRO C 209 23.44 10.41 2.35
CA PRO C 209 24.12 11.70 2.43
C PRO C 209 25.51 11.76 3.07
N LEU C 210 25.84 10.81 3.94
CA LEU C 210 27.16 10.80 4.56
C LEU C 210 28.23 10.28 3.60
N GLY C 211 27.80 9.62 2.53
CA GLY C 211 28.74 9.09 1.55
C GLY C 211 29.45 7.81 1.93
N ILE C 212 29.19 7.31 3.13
CA ILE C 212 29.79 6.08 3.59
C ILE C 212 28.80 4.90 3.53
N THR C 213 29.21 3.75 4.07
CA THR C 213 28.36 2.56 4.08
C THR C 213 27.06 2.67 4.87
N GLY C 214 26.04 1.94 4.41
CA GLY C 214 24.75 1.94 5.06
C GLY C 214 24.48 0.59 5.68
N ASN C 215 25.39 -0.35 5.46
CA ASN C 215 25.27 -1.73 5.95
C ASN C 215 25.13 -1.95 7.46
N LEU C 216 25.47 -0.95 8.27
CA LEU C 216 25.38 -1.12 9.73
C LEU C 216 24.05 -0.72 10.33
N ASP C 217 23.23 -0.01 9.57
CA ASP C 217 21.93 0.43 10.09
C ASP C 217 20.89 0.68 9.01
N ARG C 218 20.20 -0.37 8.57
CA ARG C 218 19.14 -0.19 7.57
C ARG C 218 17.74 -0.40 8.14
N ILE C 219 16.75 0.21 7.49
CA ILE C 219 15.34 0.07 7.86
C ILE C 219 14.57 -0.27 6.57
N PRO C 220 13.53 -1.12 6.68
CA PRO C 220 12.68 -1.57 5.57
C PRO C 220 12.08 -0.46 4.73
N MET C 221 11.99 -0.69 3.42
CA MET C 221 11.37 0.30 2.55
C MET C 221 9.94 0.41 3.03
N HIS C 222 9.28 -0.72 3.27
CA HIS C 222 7.90 -0.65 3.71
C HIS C 222 7.65 -0.06 5.06
N SER C 223 6.78 0.93 4.94
CA SER C 223 6.25 1.80 5.97
C SER C 223 7.03 3.10 5.93
N TYR C 224 8.28 3.05 6.37
CA TYR C 224 9.09 4.26 6.44
C TYR C 224 9.19 5.10 5.18
N PHE C 225 9.68 4.51 4.10
CA PHE C 225 9.83 5.25 2.87
C PHE C 225 8.60 5.29 1.97
N ILE C 226 7.68 4.35 2.16
CA ILE C 226 6.45 4.37 1.37
C ILE C 226 5.69 5.62 1.79
N PHE C 227 5.58 5.81 3.10
CA PHE C 227 4.87 6.98 3.62
C PHE C 227 5.60 8.30 3.45
N LYS C 228 6.92 8.25 3.37
CA LYS C 228 7.69 9.46 3.17
C LYS C 228 7.54 9.85 1.69
N ASP C 229 7.48 8.86 0.80
CA ASP C 229 7.30 9.12 -0.63
C ASP C 229 5.94 9.80 -0.87
N LEU C 230 4.96 9.41 -0.08
CA LEU C 230 3.61 9.94 -0.19
C LEU C 230 3.59 11.45 0.04
N VAL C 231 4.44 11.93 0.95
CA VAL C 231 4.53 13.34 1.26
C VAL C 231 4.88 14.18 0.03
N THR C 232 5.93 13.77 -0.71
CA THR C 232 6.34 14.51 -1.89
C THR C 232 5.45 14.26 -3.09
N VAL C 233 4.79 13.11 -3.14
CA VAL C 233 3.88 12.80 -4.24
C VAL C 233 2.71 13.79 -4.22
N PHE C 234 2.19 14.07 -3.02
CA PHE C 234 1.08 14.99 -2.86
C PHE C 234 1.50 16.43 -3.11
N LEU C 235 2.71 16.78 -2.68
CA LEU C 235 3.23 18.13 -2.89
C LEU C 235 3.44 18.35 -4.37
N PHE C 236 3.93 17.31 -5.04
CA PHE C 236 4.16 17.36 -6.47
C PHE C 236 2.82 17.57 -7.19
N MET C 237 1.79 16.88 -6.76
CA MET C 237 0.47 17.00 -7.38
C MET C 237 -0.17 18.38 -7.14
N LEU C 238 0.00 18.93 -5.93
CA LEU C 238 -0.54 20.24 -5.59
C LEU C 238 -0.01 21.28 -6.58
N ILE C 239 1.32 21.33 -6.70
CA ILE C 239 1.94 22.29 -7.60
C ILE C 239 1.56 22.09 -9.08
N LEU C 240 1.52 20.85 -9.52
CA LEU C 240 1.13 20.60 -10.91
C LEU C 240 -0.32 21.07 -11.13
N ALA C 241 -1.15 20.91 -10.10
CA ALA C 241 -2.55 21.29 -10.15
C ALA C 241 -2.68 22.79 -10.38
N LEU C 242 -1.85 23.56 -9.66
CA LEU C 242 -1.86 25.02 -9.79
C LEU C 242 -1.57 25.48 -11.21
N PHE C 243 -0.64 24.82 -11.89
CA PHE C 243 -0.36 25.19 -13.28
C PHE C 243 -1.47 24.72 -14.23
N VAL C 244 -1.91 23.47 -14.08
CA VAL C 244 -2.94 22.92 -14.94
C VAL C 244 -4.25 23.68 -14.95
N PHE C 245 -4.74 24.06 -13.77
CA PHE C 245 -6.01 24.79 -13.67
C PHE C 245 -5.90 26.32 -13.68
N TYR C 246 -4.88 26.85 -13.03
CA TYR C 246 -4.71 28.28 -12.95
C TYR C 246 -3.76 29.00 -13.92
N SER C 247 -2.80 28.28 -14.50
CA SER C 247 -1.83 28.91 -15.39
C SER C 247 -1.27 27.90 -16.39
N PRO C 248 -2.16 27.19 -17.11
CA PRO C 248 -1.83 26.16 -18.11
C PRO C 248 -0.88 26.49 -19.26
N ASN C 249 -0.78 27.76 -19.63
CA ASN C 249 0.09 28.14 -20.73
C ASN C 249 1.37 28.91 -20.39
N THR C 250 1.66 29.09 -19.10
CA THR C 250 2.85 29.80 -18.68
C THR C 250 4.16 29.14 -19.13
N LEU C 251 4.18 27.81 -19.20
CA LEU C 251 5.37 27.07 -19.60
C LEU C 251 5.37 26.70 -21.07
N GLY C 252 4.49 27.30 -21.86
CA GLY C 252 4.43 27.02 -23.28
C GLY C 252 4.79 28.24 -24.11
N HIS C 253 4.56 28.19 -25.41
CA HIS C 253 4.87 29.32 -26.28
C HIS C 253 3.64 29.69 -27.10
N PRO C 254 3.29 30.98 -27.12
CA PRO C 254 2.12 31.49 -27.86
C PRO C 254 2.17 31.13 -29.33
N ASP C 255 3.37 31.02 -29.88
CA ASP C 255 3.50 30.69 -31.30
C ASP C 255 2.98 29.33 -31.67
N ASN C 256 2.75 28.47 -30.66
CA ASN C 256 2.24 27.14 -30.95
C ASN C 256 0.73 27.10 -31.08
N TYR C 257 0.08 28.25 -30.88
CA TYR C 257 -1.36 28.37 -31.06
C TYR C 257 -1.60 28.94 -32.45
N ILE C 258 -0.56 28.91 -33.29
CA ILE C 258 -0.61 29.37 -34.68
C ILE C 258 -0.18 28.14 -35.49
N PRO C 259 -0.99 27.73 -36.47
CA PRO C 259 -0.68 26.58 -37.31
C PRO C 259 0.66 26.73 -38.03
N GLY C 260 1.39 25.63 -38.17
CA GLY C 260 2.68 25.65 -38.83
C GLY C 260 2.60 26.23 -40.24
N ASN C 261 3.61 27.01 -40.60
CA ASN C 261 3.68 27.65 -41.93
C ASN C 261 5.07 27.43 -42.54
N PRO C 262 5.16 26.62 -43.60
CA PRO C 262 6.41 26.30 -44.30
C PRO C 262 7.19 27.52 -44.81
N LEU C 263 6.50 28.61 -45.11
CA LEU C 263 7.14 29.81 -45.66
C LEU C 263 7.55 30.92 -44.69
N VAL C 264 7.14 30.83 -43.43
CA VAL C 264 7.45 31.88 -42.47
C VAL C 264 7.92 31.38 -41.12
N THR C 265 9.12 31.80 -40.72
CA THR C 265 9.66 31.42 -39.43
C THR C 265 9.45 32.62 -38.52
N PRO C 266 8.91 32.40 -37.31
CA PRO C 266 8.65 33.47 -36.34
C PRO C 266 9.85 34.37 -36.10
N ALA C 267 9.59 35.65 -35.88
CA ALA C 267 10.63 36.64 -35.66
C ALA C 267 11.41 36.40 -34.40
N SER C 268 10.81 35.70 -33.44
CA SER C 268 11.48 35.40 -32.19
C SER C 268 11.21 33.96 -31.79
N ILE C 269 12.24 33.14 -31.87
CA ILE C 269 12.08 31.74 -31.51
C ILE C 269 12.78 31.42 -30.18
N VAL C 270 11.98 30.94 -29.23
CA VAL C 270 12.48 30.57 -27.91
C VAL C 270 12.01 29.13 -27.67
N PRO C 271 12.94 28.17 -27.71
CA PRO C 271 12.63 26.76 -27.50
C PRO C 271 12.12 26.47 -26.08
N GLU C 272 11.74 25.22 -25.87
CA GLU C 272 11.26 24.78 -24.57
C GLU C 272 12.32 25.11 -23.51
N TRP C 273 11.88 25.65 -22.39
CA TRP C 273 12.76 26.03 -21.31
C TRP C 273 13.83 25.02 -20.91
N TYR C 274 13.51 23.72 -20.99
CA TYR C 274 14.45 22.68 -20.60
C TYR C 274 15.47 22.36 -21.67
N LEU C 275 15.32 22.98 -22.84
CA LEU C 275 16.28 22.78 -23.91
C LEU C 275 17.16 24.04 -24.09
N LEU C 276 16.76 25.15 -23.46
CA LEU C 276 17.49 26.40 -23.56
C LEU C 276 19.00 26.33 -23.31
N PRO C 277 19.43 25.65 -22.23
CA PRO C 277 20.88 25.57 -21.97
C PRO C 277 21.63 24.93 -23.15
N PHE C 278 20.98 23.98 -23.81
CA PHE C 278 21.60 23.29 -24.92
C PHE C 278 21.54 24.15 -26.17
N TYR C 279 20.49 24.95 -26.28
CA TYR C 279 20.30 25.86 -27.42
C TYR C 279 21.39 26.95 -27.39
N ALA C 280 21.70 27.42 -26.18
CA ALA C 280 22.72 28.43 -26.00
C ALA C 280 24.10 27.91 -26.40
N ILE C 281 24.41 26.67 -26.01
CA ILE C 281 25.68 26.04 -26.33
C ILE C 281 25.81 25.91 -27.83
N LEU C 282 24.76 25.48 -28.49
CA LEU C 282 24.76 25.33 -29.94
C LEU C 282 25.09 26.67 -30.61
N ARG C 283 24.32 27.70 -30.24
CA ARG C 283 24.44 29.05 -30.76
C ARG C 283 25.80 29.73 -30.54
N SER C 284 26.52 29.30 -29.52
CA SER C 284 27.81 29.90 -29.19
C SER C 284 28.99 29.52 -30.08
N ILE C 285 28.81 28.52 -30.93
CA ILE C 285 29.89 28.07 -31.81
C ILE C 285 29.60 28.51 -33.25
N PRO C 286 30.36 29.49 -33.77
CA PRO C 286 30.18 30.01 -35.13
C PRO C 286 30.52 29.05 -36.28
N ASP C 287 30.43 27.75 -36.04
CA ASP C 287 30.69 26.73 -37.06
C ASP C 287 29.56 25.70 -36.96
N LYS C 288 29.04 25.27 -38.11
CA LYS C 288 27.95 24.31 -38.17
C LYS C 288 28.28 22.96 -37.53
N LEU C 289 29.28 22.28 -38.07
CA LEU C 289 29.69 20.97 -37.57
C LEU C 289 30.13 21.00 -36.11
N LEU C 290 31.00 21.93 -35.78
CA LEU C 290 31.50 22.02 -34.41
C LEU C 290 30.39 22.41 -33.45
N GLY C 291 29.40 23.13 -33.97
CA GLY C 291 28.28 23.56 -33.15
C GLY C 291 27.46 22.37 -32.64
N VAL C 292 27.11 21.47 -33.54
CA VAL C 292 26.33 20.31 -33.14
C VAL C 292 27.13 19.30 -32.32
N ILE C 293 28.43 19.16 -32.61
CA ILE C 293 29.29 18.24 -31.87
C ILE C 293 29.43 18.66 -30.41
N THR C 294 29.60 19.96 -30.18
CA THR C 294 29.77 20.48 -28.83
C THR C 294 28.49 20.34 -28.01
N MET C 295 27.34 20.49 -28.67
CA MET C 295 26.06 20.37 -28.00
C MET C 295 25.88 18.92 -27.52
N PHE C 296 26.08 17.95 -28.41
CA PHE C 296 25.95 16.56 -28.05
C PHE C 296 26.94 16.19 -26.94
N ALA C 297 28.11 16.82 -26.98
CA ALA C 297 29.16 16.56 -26.00
C ALA C 297 28.77 17.09 -24.62
N ALA C 298 27.87 18.08 -24.59
CA ALA C 298 27.40 18.66 -23.34
C ALA C 298 26.64 17.61 -22.52
N ILE C 299 26.09 16.61 -23.21
CA ILE C 299 25.36 15.53 -22.57
C ILE C 299 26.29 14.35 -22.27
N LEU C 300 27.05 13.90 -23.27
CA LEU C 300 27.98 12.78 -23.11
C LEU C 300 29.06 13.01 -22.06
N VAL C 301 29.40 14.26 -21.77
CA VAL C 301 30.44 14.55 -20.79
C VAL C 301 30.08 14.05 -19.37
N LEU C 302 28.80 13.80 -19.14
CA LEU C 302 28.31 13.28 -17.87
C LEU C 302 28.93 11.90 -17.60
N LEU C 303 29.31 11.21 -18.67
CA LEU C 303 29.91 9.88 -18.59
C LEU C 303 31.32 9.88 -17.98
N VAL C 304 31.99 11.02 -18.09
CA VAL C 304 33.36 11.21 -17.64
C VAL C 304 33.56 11.36 -16.12
N LEU C 305 32.54 11.83 -15.43
CA LEU C 305 32.61 12.08 -14.00
C LEU C 305 33.14 10.99 -13.07
N PRO C 306 32.88 9.69 -13.35
CA PRO C 306 33.41 8.66 -12.45
C PRO C 306 34.93 8.58 -12.49
N PHE C 307 35.53 9.00 -13.61
CA PHE C 307 36.98 8.96 -13.78
C PHE C 307 37.68 10.25 -13.35
N THR C 308 37.07 11.41 -13.59
CA THR C 308 37.70 12.67 -13.22
C THR C 308 37.54 13.05 -11.76
N ASP C 309 36.63 12.39 -11.03
CA ASP C 309 36.48 12.68 -9.61
C ASP C 309 37.61 11.89 -8.94
N ARG C 310 38.66 12.60 -8.54
CA ARG C 310 39.83 11.96 -7.95
C ARG C 310 39.75 11.75 -6.44
N SER C 311 38.71 12.30 -5.81
CA SER C 311 38.54 12.17 -4.36
C SER C 311 38.62 10.74 -3.82
N VAL C 312 38.79 10.64 -2.52
CA VAL C 312 38.92 9.36 -1.87
C VAL C 312 37.63 9.10 -1.04
N VAL C 313 36.78 10.13 -0.91
CA VAL C 313 35.52 10.02 -0.20
C VAL C 313 34.38 10.34 -1.18
N ARG C 314 33.21 9.74 -0.98
CA ARG C 314 32.07 9.95 -1.85
C ARG C 314 31.18 11.10 -1.42
N GLY C 315 30.95 12.03 -2.33
CA GLY C 315 30.07 13.16 -2.03
C GLY C 315 30.70 14.45 -1.57
N ASN C 316 29.92 15.52 -1.65
CA ASN C 316 30.39 16.85 -1.29
C ASN C 316 30.00 17.29 0.13
N THR C 317 29.36 16.43 0.91
CA THR C 317 28.94 16.82 2.27
C THR C 317 30.02 17.42 3.16
N PHE C 318 31.20 16.80 3.18
CA PHE C 318 32.31 17.27 4.01
C PHE C 318 33.43 17.90 3.17
N LYS C 319 33.07 18.61 2.10
CA LYS C 319 34.09 19.22 1.23
C LYS C 319 33.80 20.67 0.83
N VAL C 320 34.48 21.60 1.50
CA VAL C 320 34.34 23.03 1.28
C VAL C 320 34.53 23.51 -0.16
N LEU C 321 35.64 23.15 -0.77
CA LEU C 321 35.89 23.58 -2.14
C LEU C 321 34.94 22.98 -3.15
N SER C 322 34.58 21.71 -2.97
CA SER C 322 33.67 21.04 -3.89
C SER C 322 32.23 21.57 -3.82
N LYS C 323 31.75 21.89 -2.61
CA LYS C 323 30.40 22.43 -2.47
C LYS C 323 30.31 23.76 -3.20
N PHE C 324 31.29 24.61 -2.96
CA PHE C 324 31.35 25.92 -3.58
C PHE C 324 31.30 25.80 -5.10
N PHE C 325 32.20 25.01 -5.67
CA PHE C 325 32.22 24.88 -7.11
C PHE C 325 31.00 24.17 -7.68
N PHE C 326 30.37 23.33 -6.87
CA PHE C 326 29.16 22.62 -7.29
C PHE C 326 28.10 23.67 -7.64
N PHE C 327 27.96 24.67 -6.78
CA PHE C 327 26.99 25.73 -7.02
C PHE C 327 27.35 26.69 -8.14
N ILE C 328 28.65 26.82 -8.43
CA ILE C 328 29.07 27.68 -9.53
C ILE C 328 28.49 26.97 -10.77
N PHE C 329 28.69 25.65 -10.81
CA PHE C 329 28.17 24.84 -11.92
C PHE C 329 26.65 24.94 -12.06
N VAL C 330 25.93 24.89 -10.95
CA VAL C 330 24.48 24.96 -11.02
C VAL C 330 23.99 26.28 -11.60
N PHE C 331 24.46 27.39 -11.04
CA PHE C 331 24.05 28.71 -11.51
C PHE C 331 24.59 29.06 -12.90
N ASN C 332 25.67 28.39 -13.29
CA ASN C 332 26.22 28.61 -14.62
C ASN C 332 25.24 27.99 -15.61
N PHE C 333 24.64 26.87 -15.22
CA PHE C 333 23.67 26.16 -16.05
C PHE C 333 22.41 27.02 -16.24
N VAL C 334 21.94 27.62 -15.15
CA VAL C 334 20.78 28.50 -15.21
C VAL C 334 21.10 29.69 -16.14
N LEU C 335 22.31 30.25 -16.00
CA LEU C 335 22.75 31.38 -16.82
C LEU C 335 22.67 31.01 -18.30
N LEU C 336 23.21 29.84 -18.65
CA LEU C 336 23.20 29.35 -20.02
C LEU C 336 21.76 29.38 -20.53
N GLY C 337 20.83 29.01 -19.64
CA GLY C 337 19.41 29.00 -19.99
C GLY C 337 18.89 30.39 -20.26
N GLN C 338 19.29 31.34 -19.43
CA GLN C 338 18.87 32.72 -19.60
C GLN C 338 19.42 33.28 -20.93
N ILE C 339 20.68 32.96 -21.25
CA ILE C 339 21.30 33.41 -22.48
C ILE C 339 20.51 32.85 -23.68
N GLY C 340 20.06 31.60 -23.55
CA GLY C 340 19.29 30.97 -24.61
C GLY C 340 17.98 31.66 -24.96
N ALA C 341 17.40 32.38 -23.99
CA ALA C 341 16.15 33.09 -24.19
C ALA C 341 16.37 34.51 -24.75
N CYS C 342 17.62 34.94 -24.84
CA CYS C 342 17.93 36.26 -25.36
C CYS C 342 18.29 36.22 -26.85
N HIS C 343 18.37 37.40 -27.46
CA HIS C 343 18.74 37.50 -28.87
C HIS C 343 20.25 37.39 -29.01
N VAL C 344 20.71 36.99 -30.19
CA VAL C 344 22.15 36.90 -30.39
C VAL C 344 22.62 38.34 -30.54
N GLU C 345 22.94 38.96 -29.40
CA GLU C 345 23.40 40.35 -29.33
C GLU C 345 24.67 40.45 -28.48
N VAL C 346 25.32 41.60 -28.56
CA VAL C 346 26.61 41.82 -27.91
C VAL C 346 27.05 41.32 -26.54
N PRO C 347 26.47 41.82 -25.44
CA PRO C 347 27.02 41.24 -24.21
C PRO C 347 26.73 39.74 -24.07
N TYR C 348 25.60 39.30 -24.62
CA TYR C 348 25.14 37.92 -24.53
C TYR C 348 25.97 36.83 -25.23
N VAL C 349 26.44 37.09 -26.44
CA VAL C 349 27.24 36.12 -27.19
C VAL C 349 28.53 35.74 -26.46
N LEU C 350 29.23 36.73 -25.93
CA LEU C 350 30.47 36.48 -25.23
C LEU C 350 30.15 35.78 -23.89
N MET C 351 29.07 36.19 -23.24
CA MET C 351 28.69 35.58 -21.97
C MET C 351 28.35 34.09 -22.21
N GLY C 352 27.69 33.84 -23.35
CA GLY C 352 27.31 32.49 -23.71
C GLY C 352 28.54 31.64 -23.92
N GLN C 353 29.53 32.21 -24.60
CA GLN C 353 30.77 31.50 -24.88
C GLN C 353 31.56 31.17 -23.62
N ILE C 354 31.62 32.11 -22.67
CA ILE C 354 32.35 31.86 -21.43
C ILE C 354 31.63 30.81 -20.57
N ALA C 355 30.30 30.92 -20.48
CA ALA C 355 29.49 29.96 -19.69
C ALA C 355 29.66 28.55 -20.24
N THR C 356 29.70 28.42 -21.57
CA THR C 356 29.90 27.12 -22.20
C THR C 356 31.26 26.60 -21.76
N PHE C 357 32.28 27.45 -21.78
CA PHE C 357 33.60 27.01 -21.37
C PHE C 357 33.51 26.48 -19.95
N ILE C 358 33.00 27.29 -19.04
CA ILE C 358 32.86 26.90 -17.64
C ILE C 358 32.15 25.54 -17.45
N TYR C 359 31.07 25.32 -18.21
CA TYR C 359 30.30 24.07 -18.14
C TYR C 359 31.19 22.84 -18.35
N PHE C 360 31.95 22.82 -19.45
CA PHE C 360 32.83 21.71 -19.75
C PHE C 360 34.06 21.63 -18.80
N ALA C 361 34.58 22.78 -18.39
CA ALA C 361 35.73 22.86 -17.50
C ALA C 361 35.46 22.25 -16.12
N TYR C 362 34.18 22.27 -15.72
CA TYR C 362 33.81 21.71 -14.42
C TYR C 362 34.14 20.23 -14.35
N PHE C 363 33.76 19.52 -15.40
CA PHE C 363 33.97 18.09 -15.51
C PHE C 363 35.40 17.72 -15.81
N LEU C 364 36.03 18.44 -16.73
CA LEU C 364 37.38 18.13 -17.14
C LEU C 364 38.57 18.77 -16.40
N ILE C 365 38.35 19.89 -15.73
CA ILE C 365 39.46 20.58 -15.05
C ILE C 365 39.24 20.84 -13.57
N ILE C 366 38.17 21.55 -13.24
CA ILE C 366 37.84 21.88 -11.87
C ILE C 366 37.71 20.67 -10.92
N VAL C 367 36.85 19.71 -11.25
CA VAL C 367 36.66 18.54 -10.39
C VAL C 367 37.95 17.77 -10.13
N PRO C 368 38.69 17.39 -11.19
CA PRO C 368 39.93 16.64 -10.91
C PRO C 368 40.97 17.44 -10.10
N VAL C 369 41.10 18.73 -10.40
CA VAL C 369 42.06 19.57 -9.68
C VAL C 369 41.65 19.74 -8.21
N ILE C 370 40.43 20.21 -8.00
CA ILE C 370 39.91 20.43 -6.66
C ILE C 370 39.91 19.18 -5.77
N SER C 371 39.45 18.06 -6.32
CA SER C 371 39.40 16.81 -5.55
C SER C 371 40.78 16.34 -5.11
N THR C 372 41.78 16.57 -5.96
CA THR C 372 43.16 16.22 -5.63
C THR C 372 43.63 17.12 -4.47
N ILE C 373 43.43 18.43 -4.61
CA ILE C 373 43.82 19.37 -3.58
C ILE C 373 43.16 19.02 -2.25
N GLU C 374 41.86 18.70 -2.29
CA GLU C 374 41.15 18.35 -1.07
C GLU C 374 41.69 17.07 -0.42
N ASN C 375 42.14 16.13 -1.24
CA ASN C 375 42.70 14.87 -0.73
C ASN C 375 43.91 15.17 0.13
N VAL C 376 44.79 16.02 -0.40
CA VAL C 376 46.02 16.40 0.28
C VAL C 376 45.73 17.18 1.56
N LEU C 377 44.82 18.16 1.48
CA LEU C 377 44.45 18.96 2.64
C LEU C 377 44.01 18.03 3.79
N PHE C 378 43.16 17.04 3.47
CA PHE C 378 42.65 16.09 4.45
C PHE C 378 43.79 15.34 5.15
N TYR C 379 44.85 15.05 4.41
CA TYR C 379 46.00 14.32 4.93
C TYR C 379 46.89 15.16 5.86
N ILE C 380 47.44 16.26 5.33
CA ILE C 380 48.35 17.13 6.10
C ILE C 380 47.72 17.81 7.30
N GLY C 381 46.40 17.71 7.45
CA GLY C 381 45.75 18.35 8.57
C GLY C 381 45.71 17.46 9.81
N ARG C 382 46.22 16.23 9.68
CA ARG C 382 46.20 15.28 10.79
C ARG C 382 47.48 14.48 11.01
N VAL C 383 48.27 14.27 9.95
CA VAL C 383 49.52 13.52 10.08
C VAL C 383 50.61 14.39 10.69
N ASN C 384 51.23 13.90 11.76
CA ASN C 384 52.27 14.65 12.46
C ASN C 384 53.72 14.24 12.18
N LYS C 385 54.09 14.23 10.90
CA LYS C 385 55.44 13.87 10.47
C LYS C 385 55.57 13.85 8.95
N MET D 1 17.97 44.74 -28.70
CA MET D 1 17.04 45.04 -29.83
C MET D 1 16.31 46.35 -29.53
N THR D 2 16.17 47.21 -30.54
CA THR D 2 15.50 48.51 -30.38
C THR D 2 14.05 48.35 -29.94
N ALA D 3 13.58 49.31 -29.14
CA ALA D 3 12.21 49.31 -28.62
C ALA D 3 11.16 49.27 -29.74
N ALA D 4 11.43 49.99 -30.84
CA ALA D 4 10.52 50.02 -31.98
C ALA D 4 10.29 48.63 -32.55
N GLU D 5 11.32 47.80 -32.50
CA GLU D 5 11.24 46.44 -33.01
C GLU D 5 10.48 45.50 -32.08
N HIS D 6 10.78 45.55 -30.78
CA HIS D 6 10.09 44.71 -29.79
C HIS D 6 8.62 45.11 -29.70
N GLY D 7 8.38 46.42 -29.71
CA GLY D 7 7.02 46.94 -29.59
C GLY D 7 6.81 47.44 -28.18
N LEU D 8 5.92 48.42 -28.01
CA LEU D 8 5.65 48.99 -26.69
C LEU D 8 4.97 47.94 -25.81
N HIS D 9 5.49 47.78 -24.59
CA HIS D 9 4.94 46.82 -23.64
C HIS D 9 3.54 47.21 -23.20
N ALA D 10 2.60 46.28 -23.37
CA ALA D 10 1.22 46.52 -22.98
C ALA D 10 1.12 46.51 -21.45
N PRO D 11 0.43 47.51 -20.87
CA PRO D 11 0.26 47.62 -19.42
C PRO D 11 -0.82 46.66 -18.94
N ALA D 12 -0.96 46.55 -17.62
CA ALA D 12 -1.93 45.64 -17.02
C ALA D 12 -3.28 46.22 -16.60
N TYR D 13 -4.29 46.06 -17.46
CA TYR D 13 -5.65 46.52 -17.14
C TYR D 13 -6.32 45.53 -16.18
N ALA D 14 -7.21 46.04 -15.33
CA ALA D 14 -7.89 45.20 -14.34
C ALA D 14 -9.11 44.45 -14.89
N TRP D 15 -8.85 43.37 -15.61
CA TRP D 15 -9.92 42.57 -16.19
C TRP D 15 -10.67 41.86 -15.08
N SER D 16 -12.01 41.84 -15.19
CA SER D 16 -12.84 41.20 -14.19
C SER D 16 -12.60 39.69 -14.10
N HIS D 17 -12.03 39.11 -15.15
CA HIS D 17 -11.73 37.67 -15.14
C HIS D 17 -10.34 37.28 -14.59
N ASN D 18 -9.53 38.27 -14.23
CA ASN D 18 -8.20 38.03 -13.66
C ASN D 18 -8.40 37.60 -12.22
N GLY D 19 -7.71 36.56 -11.80
CA GLY D 19 -7.87 36.10 -10.43
C GLY D 19 -8.39 34.69 -10.39
N PRO D 20 -7.81 33.86 -9.51
CA PRO D 20 -8.20 32.46 -9.36
C PRO D 20 -9.70 32.19 -9.20
N PHE D 21 -10.40 33.05 -8.47
CA PHE D 21 -11.82 32.87 -8.23
C PHE D 21 -12.77 33.63 -9.14
N GLU D 22 -12.28 34.13 -10.28
CA GLU D 22 -13.13 34.93 -11.17
C GLU D 22 -13.57 34.34 -12.50
N THR D 23 -14.86 34.48 -12.80
CA THR D 23 -15.43 34.00 -14.06
C THR D 23 -15.40 35.14 -15.07
N PHE D 24 -15.67 34.83 -16.34
CA PHE D 24 -15.75 35.88 -17.35
C PHE D 24 -17.00 36.67 -16.98
N ASP D 25 -17.17 37.83 -17.60
CA ASP D 25 -18.37 38.64 -17.39
C ASP D 25 -19.16 38.32 -18.66
N HIS D 26 -20.23 37.56 -18.53
CA HIS D 26 -21.01 37.16 -19.69
C HIS D 26 -21.78 38.26 -20.43
N ALA D 27 -22.03 39.37 -19.74
CA ALA D 27 -22.72 40.50 -20.35
C ALA D 27 -21.73 41.12 -21.34
N SER D 28 -20.47 41.19 -20.91
CA SER D 28 -19.39 41.73 -21.72
C SER D 28 -19.14 40.83 -22.93
N ILE D 29 -19.26 39.52 -22.72
CA ILE D 29 -19.09 38.57 -23.82
C ILE D 29 -20.16 38.86 -24.87
N ARG D 30 -21.41 38.98 -24.41
CA ARG D 30 -22.57 39.27 -25.27
C ARG D 30 -22.34 40.51 -26.13
N ARG D 31 -21.99 41.63 -25.49
CA ARG D 31 -21.72 42.88 -26.20
C ARG D 31 -20.59 42.67 -27.21
N GLY D 32 -19.51 42.03 -26.75
CA GLY D 32 -18.37 41.77 -27.59
C GLY D 32 -18.74 41.06 -28.87
N TYR D 33 -19.67 40.11 -28.77
CA TYR D 33 -20.11 39.39 -29.96
C TYR D 33 -20.69 40.36 -31.00
N GLN D 34 -21.46 41.34 -30.53
CA GLN D 34 -22.09 42.32 -31.41
C GLN D 34 -21.04 43.18 -32.12
N VAL D 35 -20.01 43.58 -31.38
CA VAL D 35 -18.92 44.37 -31.92
C VAL D 35 -18.19 43.55 -32.97
N TYR D 36 -18.08 42.25 -32.73
CA TYR D 36 -17.41 41.38 -33.68
C TYR D 36 -18.21 41.27 -34.97
N ARG D 37 -19.52 41.07 -34.83
CA ARG D 37 -20.42 40.94 -35.98
C ARG D 37 -20.53 42.23 -36.80
N GLU D 38 -20.69 43.36 -36.11
CA GLU D 38 -20.84 44.64 -36.78
C GLU D 38 -19.58 45.33 -37.27
N VAL D 39 -18.43 44.98 -36.72
CA VAL D 39 -17.18 45.61 -37.13
C VAL D 39 -16.13 44.65 -37.70
N CYS D 40 -15.63 43.76 -36.84
CA CYS D 40 -14.58 42.82 -37.18
C CYS D 40 -14.86 41.76 -38.24
N ALA D 41 -16.04 41.15 -38.20
CA ALA D 41 -16.42 40.10 -39.15
C ALA D 41 -16.26 40.46 -40.61
N ALA D 42 -16.13 41.76 -40.88
CA ALA D 42 -15.96 42.25 -42.24
C ALA D 42 -14.64 41.77 -42.84
N CYS D 43 -13.64 41.57 -41.98
CA CYS D 43 -12.33 41.11 -42.42
C CYS D 43 -11.75 39.90 -41.66
N HIS D 44 -12.29 39.62 -40.47
CA HIS D 44 -11.81 38.51 -39.66
C HIS D 44 -12.75 37.33 -39.52
N SER D 45 -12.19 36.13 -39.73
CA SER D 45 -12.97 34.91 -39.59
C SER D 45 -12.87 34.44 -38.14
N LEU D 46 -13.71 33.49 -37.77
CA LEU D 46 -13.74 32.94 -36.41
C LEU D 46 -14.05 31.45 -36.57
N ASP D 47 -13.30 30.83 -37.50
CA ASP D 47 -13.41 29.43 -37.89
C ASP D 47 -13.61 28.33 -36.87
N ARG D 48 -12.98 28.45 -35.72
CA ARG D 48 -13.07 27.40 -34.68
C ARG D 48 -14.25 27.47 -33.73
N VAL D 49 -15.04 28.53 -33.82
CA VAL D 49 -16.22 28.68 -32.95
C VAL D 49 -17.51 28.16 -33.61
N ALA D 50 -18.22 27.29 -32.90
CA ALA D 50 -19.49 26.72 -33.41
C ALA D 50 -20.66 27.45 -32.76
N TRP D 51 -21.70 27.70 -33.56
CA TRP D 51 -22.89 28.41 -33.09
C TRP D 51 -23.40 27.88 -31.75
N ARG D 52 -23.50 26.56 -31.62
CA ARG D 52 -23.98 25.93 -30.38
C ARG D 52 -23.26 26.35 -29.11
N THR D 53 -21.98 26.67 -29.21
CA THR D 53 -21.22 27.07 -28.02
C THR D 53 -21.65 28.43 -27.46
N LEU D 54 -22.40 29.20 -28.26
CA LEU D 54 -22.90 30.51 -27.80
C LEU D 54 -24.10 30.34 -26.87
N VAL D 55 -24.90 29.29 -27.11
CA VAL D 55 -26.07 29.00 -26.29
C VAL D 55 -25.74 28.78 -24.82
N GLY D 56 -26.37 29.56 -23.96
CA GLY D 56 -26.14 29.43 -22.54
C GLY D 56 -24.90 30.17 -22.07
N VAL D 57 -24.22 30.83 -23.00
CA VAL D 57 -23.01 31.58 -22.66
C VAL D 57 -23.23 33.07 -22.82
N SER D 58 -23.66 33.46 -24.01
CA SER D 58 -23.90 34.86 -24.32
C SER D 58 -25.27 35.12 -24.99
N HIS D 59 -25.93 34.05 -25.41
CA HIS D 59 -27.23 34.15 -26.09
C HIS D 59 -28.10 32.94 -25.79
N THR D 60 -29.40 33.08 -26.02
CA THR D 60 -30.34 31.99 -25.79
C THR D 60 -30.32 31.04 -26.97
N ASN D 61 -30.89 29.86 -26.76
CA ASN D 61 -30.96 28.84 -27.79
C ASN D 61 -31.66 29.41 -29.02
N GLU D 62 -32.74 30.15 -28.79
CA GLU D 62 -33.53 30.77 -29.85
C GLU D 62 -32.73 31.81 -30.63
N GLU D 63 -32.10 32.74 -29.90
CA GLU D 63 -31.30 33.81 -30.52
C GLU D 63 -30.22 33.27 -31.45
N VAL D 64 -29.51 32.24 -31.01
CA VAL D 64 -28.44 31.65 -31.81
C VAL D 64 -29.01 30.98 -33.05
N ARG D 65 -30.17 30.36 -32.91
CA ARG D 65 -30.81 29.68 -34.03
C ARG D 65 -31.16 30.68 -35.12
N ASN D 66 -31.66 31.85 -34.72
CA ASN D 66 -32.01 32.90 -35.67
C ASN D 66 -30.76 33.42 -36.38
N MET D 67 -29.69 33.63 -35.61
CA MET D 67 -28.43 34.13 -36.14
C MET D 67 -27.79 33.20 -37.16
N ALA D 68 -27.81 31.90 -36.86
CA ALA D 68 -27.23 30.89 -37.74
C ALA D 68 -27.98 30.75 -39.06
N GLU D 69 -29.30 30.91 -39.01
CA GLU D 69 -30.13 30.78 -40.20
C GLU D 69 -30.01 31.91 -41.23
N GLU D 70 -29.40 33.02 -40.83
CA GLU D 70 -29.21 34.15 -41.76
C GLU D 70 -28.10 33.82 -42.76
N PHE D 71 -27.35 32.76 -42.50
CA PHE D 71 -26.24 32.33 -43.37
C PHE D 71 -26.57 31.05 -44.09
N GLU D 72 -25.96 30.88 -45.27
CA GLU D 72 -26.17 29.69 -46.08
C GLU D 72 -24.93 28.80 -46.08
N TYR D 73 -25.17 27.50 -46.07
CA TYR D 73 -24.10 26.51 -46.08
C TYR D 73 -24.43 25.47 -47.15
N ASP D 74 -23.42 24.76 -47.65
CA ASP D 74 -23.63 23.73 -48.66
C ASP D 74 -24.36 22.54 -48.04
N ASP D 75 -25.47 22.15 -48.65
CA ASP D 75 -26.25 21.02 -48.17
C ASP D 75 -25.89 19.81 -49.02
N GLU D 76 -26.45 18.66 -48.67
CA GLU D 76 -26.20 17.43 -49.41
C GLU D 76 -26.95 17.52 -50.75
N PRO D 77 -26.32 17.04 -51.83
CA PRO D 77 -26.92 17.07 -53.17
C PRO D 77 -28.32 16.44 -53.24
N ASP D 78 -29.16 16.95 -54.13
CA ASP D 78 -30.52 16.44 -54.29
C ASP D 78 -30.60 15.07 -54.96
N GLU D 79 -31.83 14.56 -55.07
CA GLU D 79 -32.12 13.25 -55.66
C GLU D 79 -31.47 13.03 -57.02
N GLN D 80 -31.11 14.11 -57.71
CA GLN D 80 -30.51 14.02 -59.04
C GLN D 80 -29.02 14.35 -59.17
N GLY D 81 -28.42 14.86 -58.10
CA GLY D 81 -27.00 15.17 -58.15
C GLY D 81 -26.60 16.63 -58.20
N ASN D 82 -27.54 17.52 -58.50
CA ASN D 82 -27.24 18.94 -58.57
C ASN D 82 -27.06 19.51 -57.16
N PRO D 83 -26.03 20.35 -56.94
CA PRO D 83 -25.77 20.95 -55.62
C PRO D 83 -26.87 21.89 -55.18
N LYS D 84 -27.02 22.04 -53.87
CA LYS D 84 -28.04 22.93 -53.32
C LYS D 84 -27.63 23.50 -51.97
N LYS D 85 -28.12 24.69 -51.67
CA LYS D 85 -27.81 25.36 -50.41
C LYS D 85 -28.77 25.03 -49.28
N ARG D 86 -28.60 25.69 -48.15
CA ARG D 86 -29.42 25.44 -46.97
C ARG D 86 -29.11 26.46 -45.86
N PRO D 87 -30.10 26.81 -45.04
CA PRO D 87 -29.87 27.77 -43.94
C PRO D 87 -28.99 27.11 -42.87
N GLY D 88 -28.42 27.91 -41.98
CA GLY D 88 -27.55 27.35 -40.95
C GLY D 88 -28.23 26.76 -39.72
N LYS D 89 -27.56 25.79 -39.10
CA LYS D 89 -28.07 25.14 -37.89
C LYS D 89 -27.03 25.26 -36.77
N LEU D 90 -27.43 24.95 -35.54
CA LEU D 90 -26.52 25.07 -34.40
C LEU D 90 -25.21 24.29 -34.54
N SER D 91 -25.23 23.18 -35.26
CA SER D 91 -24.03 22.36 -35.45
C SER D 91 -22.93 23.02 -36.27
N ASP D 92 -23.30 23.99 -37.11
CA ASP D 92 -22.33 24.69 -37.96
C ASP D 92 -21.36 25.62 -37.26
N TYR D 93 -20.31 26.00 -37.98
CA TYR D 93 -19.29 26.91 -37.48
C TYR D 93 -19.48 28.27 -38.11
N ILE D 94 -19.34 29.32 -37.30
CA ILE D 94 -19.46 30.71 -37.75
C ILE D 94 -18.64 30.93 -39.02
N PRO D 95 -19.29 31.35 -40.11
CA PRO D 95 -18.66 31.59 -41.41
C PRO D 95 -17.78 32.84 -41.49
N GLY D 96 -16.79 32.79 -42.38
CA GLY D 96 -15.87 33.90 -42.55
C GLY D 96 -16.15 34.73 -43.79
N PRO D 97 -15.69 35.99 -43.81
CA PRO D 97 -15.87 36.93 -44.92
C PRO D 97 -15.24 36.55 -46.27
N TYR D 98 -14.24 35.68 -46.26
CA TYR D 98 -13.58 35.30 -47.51
C TYR D 98 -13.60 33.80 -47.82
N PRO D 99 -13.70 33.44 -49.11
CA PRO D 99 -13.73 32.06 -49.58
C PRO D 99 -12.35 31.39 -49.61
N ASN D 100 -11.30 32.20 -49.64
CA ASN D 100 -9.94 31.68 -49.65
C ASN D 100 -8.92 32.75 -49.29
N GLU D 101 -7.68 32.32 -49.04
CA GLU D 101 -6.60 33.21 -48.64
C GLU D 101 -6.30 34.31 -49.67
N GLN D 102 -6.34 33.95 -50.96
CA GLN D 102 -6.07 34.90 -52.04
C GLN D 102 -7.05 36.06 -52.10
N ALA D 103 -8.34 35.79 -51.90
CA ALA D 103 -9.37 36.80 -51.92
C ALA D 103 -9.28 37.69 -50.67
N ALA D 104 -8.77 37.10 -49.59
CA ALA D 104 -8.60 37.82 -48.33
C ALA D 104 -7.50 38.88 -48.46
N ARG D 105 -6.43 38.51 -49.16
CA ARG D 105 -5.32 39.43 -49.38
C ARG D 105 -5.71 40.51 -50.38
N ALA D 106 -6.43 40.13 -51.43
CA ALA D 106 -6.89 41.06 -52.46
C ALA D 106 -7.68 42.22 -51.85
N ALA D 107 -8.49 41.91 -50.84
CA ALA D 107 -9.31 42.90 -50.17
C ALA D 107 -8.59 43.68 -49.07
N ASN D 108 -7.30 43.41 -48.86
CA ASN D 108 -6.55 44.09 -47.80
C ASN D 108 -5.13 44.52 -48.15
N GLN D 109 -4.95 45.07 -49.35
CA GLN D 109 -3.64 45.55 -49.79
C GLN D 109 -2.61 44.42 -49.90
N GLY D 110 -3.06 43.18 -49.72
CA GLY D 110 -2.16 42.05 -49.79
C GLY D 110 -1.87 41.44 -48.43
N ALA D 111 -2.48 42.00 -47.40
CA ALA D 111 -2.31 41.51 -46.05
C ALA D 111 -3.37 40.46 -45.74
N LEU D 112 -3.09 39.61 -44.76
CA LEU D 112 -4.02 38.55 -44.39
C LEU D 112 -4.53 38.71 -42.96
N PRO D 113 -5.80 39.13 -42.80
CA PRO D 113 -6.34 39.29 -41.45
C PRO D 113 -6.40 37.89 -40.85
N PRO D 114 -5.66 37.64 -39.77
CA PRO D 114 -5.68 36.30 -39.16
C PRO D 114 -7.01 35.94 -38.51
N ASP D 115 -7.22 34.64 -38.32
CA ASP D 115 -8.42 34.13 -37.67
C ASP D 115 -8.30 34.50 -36.19
N LEU D 116 -9.39 34.98 -35.59
CA LEU D 116 -9.36 35.42 -34.19
C LEU D 116 -9.75 34.38 -33.12
N SER D 117 -10.00 33.14 -33.53
CA SER D 117 -10.38 32.09 -32.60
C SER D 117 -9.42 31.86 -31.45
N LEU D 118 -8.12 31.95 -31.71
CA LEU D 118 -7.12 31.72 -30.67
C LEU D 118 -6.21 32.93 -30.42
N ILE D 119 -6.46 34.01 -31.15
CA ILE D 119 -5.65 35.22 -31.04
C ILE D 119 -5.19 35.62 -29.63
N VAL D 120 -6.06 35.46 -28.63
CA VAL D 120 -5.72 35.83 -27.26
C VAL D 120 -4.63 34.94 -26.66
N LYS D 121 -4.59 33.67 -27.08
CA LYS D 121 -3.57 32.76 -26.57
C LYS D 121 -2.35 32.73 -27.50
N ALA D 122 -2.52 33.23 -28.72
CA ALA D 122 -1.44 33.24 -29.70
C ALA D 122 -0.57 34.49 -29.74
N ARG D 123 -0.58 35.28 -28.65
CA ARG D 123 0.22 36.50 -28.56
C ARG D 123 0.61 36.77 -27.11
N HIS D 124 1.89 37.10 -26.87
CA HIS D 124 2.34 37.43 -25.53
C HIS D 124 1.54 38.67 -25.14
N GLY D 125 1.09 38.74 -23.88
CA GLY D 125 0.32 39.91 -23.49
C GLY D 125 -1.17 39.63 -23.40
N GLY D 126 -1.64 38.66 -24.18
CA GLY D 126 -3.04 38.30 -24.14
C GLY D 126 -4.02 39.43 -24.28
N CYS D 127 -4.96 39.51 -23.34
CA CYS D 127 -6.00 40.55 -23.36
C CYS D 127 -5.42 41.96 -23.36
N ASP D 128 -4.44 42.18 -22.49
CA ASP D 128 -3.77 43.46 -22.39
C ASP D 128 -3.24 43.91 -23.74
N TYR D 129 -2.70 42.97 -24.51
CA TYR D 129 -2.16 43.31 -25.82
C TYR D 129 -3.26 43.68 -26.83
N ILE D 130 -4.27 42.83 -26.98
CA ILE D 130 -5.36 43.06 -27.94
C ILE D 130 -6.05 44.41 -27.70
N PHE D 131 -6.39 44.67 -26.44
CA PHE D 131 -7.04 45.91 -26.06
C PHE D 131 -6.16 47.10 -26.40
N SER D 132 -4.91 47.04 -25.94
CA SER D 132 -3.95 48.11 -26.16
C SER D 132 -3.71 48.40 -27.63
N LEU D 133 -3.68 47.36 -28.45
CA LEU D 133 -3.47 47.55 -29.88
C LEU D 133 -4.66 48.31 -30.50
N LEU D 134 -5.87 47.88 -30.15
CA LEU D 134 -7.09 48.47 -30.66
C LEU D 134 -7.31 49.94 -30.29
N THR D 135 -6.95 50.30 -29.07
CA THR D 135 -7.12 51.67 -28.59
C THR D 135 -5.83 52.49 -28.58
N GLY D 136 -4.80 52.00 -29.25
CA GLY D 136 -3.53 52.70 -29.26
C GLY D 136 -3.06 53.30 -30.56
N TYR D 137 -3.98 53.60 -31.48
CA TYR D 137 -3.62 54.23 -32.75
C TYR D 137 -3.53 55.74 -32.54
N PRO D 138 -2.35 56.34 -32.76
CA PRO D 138 -2.23 57.79 -32.57
C PRO D 138 -2.71 58.45 -33.86
N ASP D 139 -3.23 59.68 -33.75
CA ASP D 139 -3.71 60.40 -34.93
C ASP D 139 -2.58 60.60 -35.93
N GLU D 140 -1.37 60.79 -35.41
CA GLU D 140 -0.19 60.96 -36.25
C GLU D 140 0.99 60.22 -35.69
N PRO D 141 1.79 59.58 -36.56
CA PRO D 141 2.98 58.82 -36.14
C PRO D 141 4.03 59.75 -35.55
N PRO D 142 4.92 59.21 -34.70
CA PRO D 142 5.97 60.05 -34.10
C PRO D 142 6.87 60.64 -35.18
N ALA D 143 7.46 61.80 -34.89
CA ALA D 143 8.33 62.49 -35.83
C ALA D 143 9.51 61.67 -36.32
N GLY D 144 9.72 61.64 -37.62
CA GLY D 144 10.83 60.91 -38.20
C GLY D 144 10.49 59.55 -38.76
N VAL D 145 9.34 59.00 -38.37
CA VAL D 145 8.93 57.68 -38.85
C VAL D 145 8.43 57.72 -40.30
N ALA D 146 9.15 57.04 -41.17
CA ALA D 146 8.81 56.95 -42.59
C ALA D 146 7.85 55.79 -42.79
N LEU D 147 6.56 56.07 -42.57
CA LEU D 147 5.52 55.05 -42.69
C LEU D 147 5.19 54.69 -44.14
N PRO D 148 5.37 53.41 -44.51
CA PRO D 148 5.09 52.91 -45.87
C PRO D 148 3.65 53.16 -46.32
N PRO D 149 3.43 53.31 -47.63
CA PRO D 149 2.10 53.57 -48.17
C PRO D 149 1.16 52.39 -47.87
N GLY D 150 -0.04 52.71 -47.38
CA GLY D 150 -1.01 51.68 -47.06
C GLY D 150 -0.89 51.11 -45.65
N SER D 151 0.16 51.52 -44.93
CA SER D 151 0.37 51.05 -43.57
C SER D 151 -0.16 52.03 -42.54
N ASN D 152 -0.13 51.64 -41.29
CA ASN D 152 -0.58 52.47 -40.20
C ASN D 152 0.41 52.32 -39.06
N TYR D 153 0.47 53.32 -38.19
CA TYR D 153 1.38 53.23 -37.07
C TYR D 153 0.63 52.92 -35.79
N ASN D 154 1.21 52.04 -34.99
CA ASN D 154 0.68 51.60 -33.72
C ASN D 154 1.95 51.23 -32.95
N PRO D 155 2.14 51.81 -31.77
CA PRO D 155 3.34 51.51 -30.99
C PRO D 155 3.39 50.10 -30.36
N TYR D 156 2.22 49.52 -30.07
CA TYR D 156 2.17 48.20 -29.45
C TYR D 156 2.51 47.04 -30.38
N PHE D 157 2.35 47.27 -31.68
CA PHE D 157 2.67 46.25 -32.68
C PHE D 157 4.18 46.29 -32.96
N PRO D 158 4.84 45.12 -33.02
CA PRO D 158 6.28 45.02 -33.29
C PRO D 158 6.65 45.68 -34.62
N GLY D 159 7.63 46.56 -34.58
CA GLY D 159 8.05 47.25 -35.80
C GLY D 159 7.21 48.48 -36.11
N GLY D 160 6.17 48.69 -35.31
CA GLY D 160 5.29 49.84 -35.47
C GLY D 160 4.38 49.92 -36.69
N SER D 161 4.77 49.30 -37.80
CA SER D 161 3.98 49.34 -39.02
C SER D 161 2.99 48.17 -39.17
N ILE D 162 1.70 48.47 -38.98
CA ILE D 162 0.63 47.47 -39.08
C ILE D 162 -0.29 47.74 -40.28
N ALA D 163 -0.77 46.68 -40.91
CA ALA D 163 -1.64 46.78 -42.08
C ALA D 163 -3.13 46.96 -41.76
N MET D 164 -3.45 47.07 -40.49
CA MET D 164 -4.83 47.26 -40.06
C MET D 164 -4.96 48.69 -39.56
N ALA D 165 -5.94 49.40 -40.09
CA ALA D 165 -6.18 50.77 -39.68
C ALA D 165 -7.04 50.75 -38.43
N ARG D 166 -7.25 51.91 -37.83
CA ARG D 166 -8.08 52.02 -36.65
C ARG D 166 -9.50 51.77 -37.17
N VAL D 167 -10.26 50.92 -36.50
CA VAL D 167 -11.62 50.63 -36.95
C VAL D 167 -12.68 50.95 -35.91
N LEU D 168 -12.27 51.20 -34.69
CA LEU D 168 -13.21 51.53 -33.63
C LEU D 168 -13.23 53.04 -33.42
N PHE D 169 -14.44 53.62 -33.51
CA PHE D 169 -14.66 55.04 -33.31
C PHE D 169 -15.89 55.15 -32.42
N ASP D 170 -15.96 56.19 -31.60
CA ASP D 170 -17.08 56.36 -30.66
C ASP D 170 -18.48 56.25 -31.29
N ASP D 171 -19.34 55.52 -30.59
CA ASP D 171 -20.73 55.31 -30.99
C ASP D 171 -20.99 54.73 -32.39
N MET D 172 -20.12 53.83 -32.86
CA MET D 172 -20.33 53.22 -34.17
C MET D 172 -21.20 51.96 -34.03
N VAL D 173 -21.54 51.64 -32.79
CA VAL D 173 -22.37 50.48 -32.46
C VAL D 173 -23.44 50.91 -31.47
N GLU D 174 -24.63 50.36 -31.63
CA GLU D 174 -25.75 50.69 -30.75
C GLU D 174 -25.99 49.48 -29.84
N TYR D 175 -25.29 49.47 -28.71
CA TYR D 175 -25.41 48.37 -27.76
C TYR D 175 -26.85 48.15 -27.35
N GLU D 176 -27.30 46.92 -27.59
CA GLU D 176 -28.65 46.47 -27.28
C GLU D 176 -29.02 46.60 -25.80
N ASP D 177 -28.02 46.57 -24.92
CA ASP D 177 -28.28 46.68 -23.49
C ASP D 177 -28.25 48.14 -22.98
N GLY D 178 -28.08 49.08 -23.90
CA GLY D 178 -28.06 50.48 -23.55
C GLY D 178 -26.72 51.14 -23.25
N THR D 179 -25.71 50.34 -22.92
CA THR D 179 -24.36 50.82 -22.60
C THR D 179 -23.77 51.78 -23.64
N PRO D 180 -23.09 52.85 -23.17
CA PRO D 180 -22.45 53.86 -24.03
C PRO D 180 -21.32 53.20 -24.82
N ALA D 181 -21.46 53.15 -26.14
CA ALA D 181 -20.44 52.52 -26.98
C ALA D 181 -19.21 53.36 -27.32
N THR D 182 -18.43 53.71 -26.30
CA THR D 182 -17.18 54.46 -26.51
C THR D 182 -16.13 53.49 -27.07
N THR D 183 -15.08 53.99 -27.71
CA THR D 183 -14.07 53.11 -28.30
C THR D 183 -13.41 52.16 -27.30
N SER D 184 -13.18 52.65 -26.08
CA SER D 184 -12.56 51.83 -25.05
C SER D 184 -13.52 50.77 -24.53
N GLN D 185 -14.81 51.12 -24.45
CA GLN D 185 -15.84 50.20 -23.97
C GLN D 185 -15.98 49.04 -24.94
N MET D 186 -15.90 49.35 -26.23
CA MET D 186 -16.02 48.33 -27.27
C MET D 186 -14.81 47.43 -27.32
N ALA D 187 -13.62 48.01 -27.19
CA ALA D 187 -12.38 47.24 -27.21
C ALA D 187 -12.43 46.28 -26.02
N LYS D 188 -12.81 46.81 -24.88
CA LYS D 188 -12.91 46.03 -23.66
C LYS D 188 -13.86 44.85 -23.84
N ASP D 189 -14.90 45.05 -24.65
CA ASP D 189 -15.88 44.00 -24.90
C ASP D 189 -15.43 42.91 -25.87
N VAL D 190 -15.02 43.27 -27.10
CA VAL D 190 -14.57 42.26 -28.07
C VAL D 190 -13.46 41.38 -27.49
N THR D 191 -12.48 42.02 -26.85
CA THR D 191 -11.37 41.32 -26.26
C THR D 191 -11.87 40.24 -25.29
N THR D 192 -12.85 40.58 -24.46
CA THR D 192 -13.42 39.63 -23.51
C THR D 192 -14.06 38.47 -24.26
N PHE D 193 -14.78 38.82 -25.32
CA PHE D 193 -15.45 37.81 -26.17
C PHE D 193 -14.40 36.95 -26.89
N LEU D 194 -13.28 37.57 -27.27
CA LEU D 194 -12.21 36.85 -27.96
C LEU D 194 -11.46 35.94 -26.98
N ASN D 195 -11.46 36.32 -25.71
CA ASN D 195 -10.80 35.51 -24.70
C ASN D 195 -11.65 34.26 -24.51
N TRP D 196 -12.97 34.44 -24.49
CA TRP D 196 -13.87 33.30 -24.34
C TRP D 196 -13.76 32.36 -25.53
N CYS D 197 -13.62 32.91 -26.74
CA CYS D 197 -13.48 32.09 -27.96
C CYS D 197 -12.28 31.14 -27.85
N ALA D 198 -11.18 31.67 -27.35
CA ALA D 198 -9.94 30.92 -27.19
C ALA D 198 -9.94 29.98 -25.99
N GLU D 199 -10.59 30.38 -24.90
CA GLU D 199 -10.62 29.57 -23.68
C GLU D 199 -12.06 29.35 -23.19
N PRO D 200 -12.90 28.69 -24.01
CA PRO D 200 -14.28 28.46 -23.56
C PRO D 200 -14.46 27.72 -22.24
N GLU D 201 -13.47 26.94 -21.84
CA GLU D 201 -13.52 26.17 -20.61
C GLU D 201 -13.22 26.99 -19.37
N HIS D 202 -12.74 28.22 -19.58
CA HIS D 202 -12.37 29.13 -18.50
C HIS D 202 -13.11 29.04 -17.16
N ASP D 203 -14.39 29.41 -17.13
CA ASP D 203 -15.18 29.39 -15.87
C ASP D 203 -15.21 28.04 -15.16
N GLU D 204 -15.46 26.99 -15.95
CA GLU D 204 -15.50 25.63 -15.44
C GLU D 204 -14.13 25.19 -14.91
N ARG D 205 -13.07 25.48 -15.69
CA ARG D 205 -11.72 25.11 -15.32
C ARG D 205 -11.33 25.64 -13.95
N LYS D 206 -11.69 26.90 -13.68
CA LYS D 206 -11.35 27.50 -12.40
C LYS D 206 -12.15 26.94 -11.23
N ARG D 207 -13.36 26.45 -11.50
CA ARG D 207 -14.19 25.86 -10.45
C ARG D 207 -13.56 24.51 -10.06
N LEU D 208 -13.24 23.69 -11.06
CA LEU D 208 -12.60 22.40 -10.83
C LEU D 208 -11.25 22.60 -10.11
N GLY D 209 -10.57 23.69 -10.44
CA GLY D 209 -9.29 23.99 -9.83
C GLY D 209 -9.40 24.20 -8.34
N LEU D 210 -10.44 24.92 -7.92
CA LEU D 210 -10.66 25.20 -6.50
C LEU D 210 -10.88 23.91 -5.70
N LYS D 211 -11.59 22.95 -6.28
CA LYS D 211 -11.84 21.68 -5.62
C LYS D 211 -10.54 20.91 -5.50
N THR D 212 -9.84 20.79 -6.63
CA THR D 212 -8.56 20.07 -6.74
C THR D 212 -7.51 20.56 -5.76
N VAL D 213 -7.36 21.88 -5.68
CA VAL D 213 -6.36 22.47 -4.80
C VAL D 213 -6.69 22.29 -3.31
N ILE D 214 -7.97 22.26 -2.94
CA ILE D 214 -8.34 22.08 -1.54
C ILE D 214 -8.06 20.64 -1.08
N ILE D 215 -8.42 19.67 -1.90
CA ILE D 215 -8.19 18.27 -1.55
C ILE D 215 -6.69 17.96 -1.46
N LEU D 216 -5.93 18.34 -2.49
CA LEU D 216 -4.50 18.09 -2.49
C LEU D 216 -3.77 18.78 -1.35
N SER D 217 -4.21 19.99 -0.99
CA SER D 217 -3.58 20.73 0.11
C SER D 217 -3.77 19.94 1.38
N SER D 218 -5.01 19.52 1.61
CA SER D 218 -5.37 18.75 2.79
C SER D 218 -4.60 17.44 2.86
N LEU D 219 -4.55 16.74 1.72
CA LEU D 219 -3.83 15.47 1.62
C LEU D 219 -2.35 15.66 1.95
N TYR D 220 -1.78 16.75 1.45
CA TYR D 220 -0.38 17.07 1.70
C TYR D 220 -0.10 17.26 3.18
N LEU D 221 -0.92 18.08 3.84
CA LEU D 221 -0.75 18.35 5.26
C LEU D 221 -0.91 17.06 6.08
N LEU D 222 -1.97 16.31 5.77
CA LEU D 222 -2.26 15.05 6.46
C LEU D 222 -1.12 14.03 6.35
N SER D 223 -0.49 13.94 5.18
CA SER D 223 0.60 12.99 4.96
C SER D 223 1.81 13.27 5.85
N ILE D 224 2.09 14.55 6.08
CA ILE D 224 3.21 14.97 6.92
C ILE D 224 3.03 14.44 8.34
N TRP D 225 1.84 14.63 8.87
CA TRP D 225 1.46 14.19 10.20
C TRP D 225 1.61 12.67 10.30
N VAL D 226 1.05 11.95 9.33
CA VAL D 226 1.11 10.49 9.31
C VAL D 226 2.56 10.00 9.24
N LYS D 227 3.37 10.67 8.44
CA LYS D 227 4.77 10.32 8.28
C LYS D 227 5.53 10.48 9.58
N LYS D 228 5.30 11.60 10.26
CA LYS D 228 5.99 11.87 11.52
C LYS D 228 5.65 10.81 12.56
N PHE D 229 4.39 10.41 12.60
CA PHE D 229 3.94 9.40 13.54
C PHE D 229 4.65 8.09 13.26
N LYS D 230 4.61 7.67 12.00
CA LYS D 230 5.25 6.42 11.59
C LYS D 230 6.77 6.41 11.79
N TRP D 231 7.37 7.58 11.87
CA TRP D 231 8.81 7.70 12.05
C TRP D 231 9.31 7.92 13.49
N ALA D 232 8.43 8.36 14.39
CA ALA D 232 8.77 8.65 15.79
C ALA D 232 9.65 7.65 16.52
N GLY D 233 9.50 6.36 16.24
CA GLY D 233 10.34 5.37 16.91
C GLY D 233 11.80 5.43 16.50
N ILE D 234 12.04 5.67 15.21
CA ILE D 234 13.39 5.77 14.66
C ILE D 234 14.03 7.10 15.05
N LYS D 235 13.25 8.17 14.95
CA LYS D 235 13.71 9.51 15.25
C LYS D 235 14.24 9.71 16.66
N THR D 236 13.52 9.20 17.64
CA THR D 236 13.92 9.36 19.04
C THR D 236 14.77 8.20 19.57
N ARG D 237 15.13 7.28 18.70
CA ARG D 237 15.96 6.11 19.03
C ARG D 237 17.28 6.55 19.67
N LYS D 238 17.77 5.82 20.67
CA LYS D 238 19.02 6.15 21.37
C LYS D 238 20.01 5.00 21.48
N PHE D 239 21.28 5.31 21.32
CA PHE D 239 22.37 4.31 21.39
C PHE D 239 23.35 4.52 22.56
N VAL D 240 24.03 3.45 22.97
CA VAL D 240 25.04 3.48 24.03
C VAL D 240 26.14 2.48 23.66
N PHE D 241 27.39 2.89 23.82
CA PHE D 241 28.50 2.00 23.50
C PHE D 241 29.27 1.60 24.75
N ASN D 242 29.52 0.29 24.88
CA ASN D 242 30.27 -0.26 26.00
C ASN D 242 31.35 -1.16 25.41
N PRO D 243 32.57 -0.62 25.24
CA PRO D 243 33.70 -1.34 24.68
C PRO D 243 33.89 -2.74 25.24
N PRO D 244 33.76 -3.76 24.37
CA PRO D 244 33.91 -5.16 24.72
C PRO D 244 35.34 -5.43 25.17
N LYS D 245 35.49 -6.25 26.20
CA LYS D 245 36.82 -6.58 26.70
C LYS D 245 37.45 -7.65 25.79
N PRO D 246 38.78 -7.63 25.65
CA PRO D 246 39.50 -8.60 24.80
C PRO D 246 39.49 -10.05 25.30
N LYS E 1 28.67 1.73 31.14
CA LYS E 1 27.29 1.93 31.67
C LYS E 1 26.53 0.60 31.69
N SER E 2 25.53 0.50 32.55
CA SER E 2 24.73 -0.73 32.66
C SER E 2 23.56 -0.68 31.70
N THR E 3 23.42 -1.74 30.90
CA THR E 3 22.36 -1.84 29.92
C THR E 3 20.96 -1.85 30.52
N TYR E 4 20.86 -2.12 31.82
CA TYR E 4 19.58 -2.13 32.52
C TYR E 4 19.05 -0.72 32.83
N ARG E 5 19.95 0.26 32.82
CA ARG E 5 19.57 1.65 33.10
C ARG E 5 19.15 2.37 31.81
N THR E 6 17.86 2.28 31.51
CA THR E 6 17.28 2.89 30.31
C THR E 6 17.45 4.40 30.24
N PRO E 7 18.02 4.91 29.13
CA PRO E 7 18.23 6.35 28.92
C PRO E 7 16.95 7.17 29.09
N ASN E 8 17.11 8.48 29.15
CA ASN E 8 15.97 9.38 29.34
C ASN E 8 15.15 9.60 28.08
N PHE E 9 13.84 9.47 28.22
CA PHE E 9 12.89 9.68 27.12
C PHE E 9 11.80 10.65 27.57
N ASP E 10 12.01 11.29 28.71
CA ASP E 10 11.03 12.23 29.26
C ASP E 10 10.56 13.30 28.28
N ASP E 11 11.50 13.84 27.51
CA ASP E 11 11.17 14.89 26.54
C ASP E 11 10.21 14.45 25.44
N VAL E 12 10.22 13.14 25.16
CA VAL E 12 9.38 12.55 24.12
C VAL E 12 8.06 11.96 24.62
N LEU E 13 8.12 11.24 25.74
CA LEU E 13 6.95 10.60 26.33
C LEU E 13 5.83 11.56 26.73
N LYS E 14 4.59 11.16 26.46
CA LYS E 14 3.43 11.96 26.82
C LYS E 14 3.02 11.51 28.22
N GLU E 15 2.74 12.47 29.10
CA GLU E 15 2.32 12.14 30.46
C GLU E 15 0.98 11.43 30.32
N ASN E 16 1.04 10.10 30.37
CA ASN E 16 -0.13 9.24 30.22
C ASN E 16 -1.27 9.40 31.22
N ASN E 17 -2.16 10.34 30.91
CA ASN E 17 -3.35 10.60 31.70
C ASN E 17 -4.47 10.11 30.77
N ASP E 18 -4.21 10.25 29.47
CA ASP E 18 -5.10 9.79 28.41
C ASP E 18 -4.21 8.88 27.58
N ALA E 19 -4.31 7.58 27.86
CA ALA E 19 -3.51 6.56 27.18
C ALA E 19 -3.75 6.53 25.67
N ASP E 20 -5.03 6.51 25.28
CA ASP E 20 -5.40 6.45 23.88
C ASP E 20 -5.52 7.85 23.25
N LYS E 21 -4.50 8.67 23.45
CA LYS E 21 -4.47 10.03 22.91
C LYS E 21 -3.80 10.05 21.53
N GLY E 22 -2.57 9.55 21.47
CA GLY E 22 -1.83 9.51 20.23
C GLY E 22 -2.48 8.59 19.21
N ARG E 23 -3.09 7.51 19.71
CA ARG E 23 -3.77 6.53 18.88
C ARG E 23 -4.99 7.13 18.18
N SER E 24 -5.76 7.92 18.91
CA SER E 24 -6.95 8.55 18.35
C SER E 24 -6.60 9.57 17.27
N TYR E 25 -5.50 10.31 17.47
CA TYR E 25 -5.05 11.32 16.51
C TYR E 25 -4.50 10.66 15.25
N ALA E 26 -3.62 9.68 15.44
CA ALA E 26 -3.00 8.97 14.33
C ALA E 26 -4.05 8.27 13.48
N TYR E 27 -5.00 7.61 14.14
CA TYR E 27 -6.05 6.90 13.44
C TYR E 27 -7.02 7.83 12.73
N PHE E 28 -7.20 9.04 13.27
CA PHE E 28 -8.09 10.00 12.61
C PHE E 28 -7.39 10.47 11.33
N MET E 29 -6.12 10.84 11.47
CA MET E 29 -5.28 11.30 10.37
C MET E 29 -5.27 10.29 9.22
N VAL E 30 -4.90 9.06 9.54
CA VAL E 30 -4.86 7.98 8.55
C VAL E 30 -6.25 7.83 7.90
N GLY E 31 -7.30 7.92 8.72
CA GLY E 31 -8.65 7.79 8.23
C GLY E 31 -9.08 8.90 7.28
N ALA E 32 -8.73 10.13 7.62
CA ALA E 32 -9.09 11.25 6.76
C ALA E 32 -8.29 11.16 5.44
N MET E 33 -7.04 10.70 5.55
CA MET E 33 -6.19 10.56 4.38
C MET E 33 -6.83 9.53 3.44
N GLY E 34 -7.33 8.43 4.00
CA GLY E 34 -7.98 7.40 3.21
C GLY E 34 -9.26 7.91 2.56
N LEU E 35 -10.02 8.71 3.31
CA LEU E 35 -11.29 9.27 2.83
C LEU E 35 -11.04 10.14 1.60
N LEU E 36 -10.24 11.19 1.74
CA LEU E 36 -9.93 12.10 0.64
C LEU E 36 -9.23 11.44 -0.56
N SER E 37 -8.38 10.44 -0.28
CA SER E 37 -7.68 9.71 -1.33
C SER E 37 -8.65 8.95 -2.21
N SER E 38 -9.63 8.30 -1.59
CA SER E 38 -10.64 7.52 -2.31
C SER E 38 -11.52 8.43 -3.17
N ALA E 39 -11.84 9.60 -2.63
CA ALA E 39 -12.65 10.56 -3.36
C ALA E 39 -11.88 11.06 -4.59
N GLY E 40 -10.58 11.32 -4.40
CA GLY E 40 -9.74 11.78 -5.49
C GLY E 40 -9.62 10.72 -6.57
N ALA E 41 -9.34 9.49 -6.17
CA ALA E 41 -9.21 8.39 -7.10
C ALA E 41 -10.50 8.23 -7.92
N LYS E 42 -11.64 8.37 -7.24
CA LYS E 42 -12.93 8.25 -7.91
C LYS E 42 -13.08 9.35 -8.97
N SER E 43 -12.74 10.58 -8.61
CA SER E 43 -12.83 11.71 -9.53
C SER E 43 -11.89 11.58 -10.73
N THR E 44 -10.67 11.10 -10.48
CA THR E 44 -9.66 10.93 -11.53
C THR E 44 -10.12 9.87 -12.53
N VAL E 45 -10.55 8.72 -12.02
CA VAL E 45 -11.05 7.63 -12.83
C VAL E 45 -12.21 8.11 -13.70
N GLU E 46 -13.17 8.80 -13.08
CA GLU E 46 -14.32 9.34 -13.78
C GLU E 46 -13.94 10.35 -14.88
N THR E 47 -12.89 11.13 -14.64
CA THR E 47 -12.41 12.12 -15.60
C THR E 47 -11.92 11.43 -16.87
N PHE E 48 -11.12 10.38 -16.72
CA PHE E 48 -10.60 9.65 -17.86
C PHE E 48 -11.69 8.90 -18.63
N ILE E 49 -12.53 8.18 -17.89
CA ILE E 49 -13.59 7.41 -18.51
C ILE E 49 -14.60 8.27 -19.28
N SER E 50 -15.06 9.36 -18.69
CA SER E 50 -16.00 10.21 -19.38
C SER E 50 -15.42 10.90 -20.61
N SER E 51 -14.09 10.84 -20.78
CA SER E 51 -13.46 11.47 -21.96
C SER E 51 -13.68 10.59 -23.19
N MET E 52 -14.17 9.39 -22.96
CA MET E 52 -14.46 8.47 -24.07
C MET E 52 -15.94 8.56 -24.50
N THR E 53 -16.76 9.31 -23.75
CA THR E 53 -18.18 9.46 -24.10
C THR E 53 -18.27 10.36 -25.31
N ALA E 54 -19.47 10.42 -25.92
CA ALA E 54 -19.72 11.23 -27.11
C ALA E 54 -19.26 12.69 -26.98
N THR E 55 -18.50 13.16 -27.96
CA THR E 55 -18.00 14.53 -27.91
C THR E 55 -19.10 15.54 -28.23
N ALA E 56 -18.91 16.76 -27.76
CA ALA E 56 -19.86 17.84 -27.96
C ALA E 56 -20.23 18.06 -29.41
N ASP E 57 -19.28 17.83 -30.32
CA ASP E 57 -19.51 18.03 -31.75
C ASP E 57 -20.20 16.89 -32.51
N VAL E 58 -20.53 15.80 -31.83
CA VAL E 58 -21.19 14.68 -32.51
C VAL E 58 -22.61 14.36 -32.03
N LEU E 59 -23.12 15.14 -31.08
CA LEU E 59 -24.46 14.92 -30.54
C LEU E 59 -25.57 15.62 -31.35
N ALA E 60 -25.41 15.65 -32.67
CA ALA E 60 -26.37 16.29 -33.58
C ALA E 60 -27.72 15.57 -33.63
N MET E 61 -28.80 16.34 -33.49
CA MET E 61 -30.17 15.79 -33.52
C MET E 61 -30.81 15.94 -34.90
N ALA E 62 -30.62 14.92 -35.74
CA ALA E 62 -31.16 14.91 -37.10
C ALA E 62 -32.68 14.78 -37.23
N LYS E 63 -33.16 15.00 -38.45
CA LYS E 63 -34.57 14.92 -38.81
C LYS E 63 -34.57 14.71 -40.33
N VAL E 64 -35.05 13.56 -40.79
CA VAL E 64 -35.06 13.26 -42.21
C VAL E 64 -36.44 13.17 -42.85
N GLU E 65 -36.55 13.71 -44.06
CA GLU E 65 -37.78 13.69 -44.83
C GLU E 65 -37.65 12.74 -45.99
N VAL E 66 -38.65 11.88 -46.16
CA VAL E 66 -38.66 10.92 -47.26
C VAL E 66 -39.92 11.17 -48.07
N ASN E 67 -39.78 11.19 -49.39
CA ASN E 67 -40.93 11.43 -50.26
C ASN E 67 -41.60 10.12 -50.66
N LEU E 68 -42.66 9.78 -49.94
CA LEU E 68 -43.41 8.54 -50.16
C LEU E 68 -44.01 8.40 -51.55
N ALA E 69 -44.46 9.52 -52.12
CA ALA E 69 -45.06 9.52 -53.45
C ALA E 69 -44.13 8.92 -54.50
N ALA E 70 -42.83 8.93 -54.18
CA ALA E 70 -41.81 8.42 -55.10
C ALA E 70 -41.62 6.91 -55.02
N ILE E 71 -41.83 6.33 -53.83
CA ILE E 71 -41.66 4.89 -53.63
C ILE E 71 -42.73 4.07 -54.36
N PRO E 72 -42.30 3.09 -55.18
CA PRO E 72 -43.16 2.19 -55.96
C PRO E 72 -44.08 1.32 -55.09
N LEU E 73 -44.61 0.24 -55.66
CA LEU E 73 -45.51 -0.64 -54.92
C LEU E 73 -44.80 -1.54 -53.91
N GLY E 74 -44.51 -2.79 -54.28
CA GLY E 74 -43.84 -3.70 -53.36
C GLY E 74 -42.33 -3.58 -53.35
N LYS E 75 -41.83 -2.38 -53.05
CA LYS E 75 -40.40 -2.11 -53.02
C LYS E 75 -39.87 -1.64 -51.67
N ASN E 76 -38.60 -1.96 -51.42
CA ASN E 76 -37.90 -1.58 -50.20
C ASN E 76 -37.00 -0.39 -50.44
N VAL E 77 -37.10 0.63 -49.60
CA VAL E 77 -36.25 1.80 -49.72
C VAL E 77 -35.51 1.97 -48.38
N VAL E 78 -34.25 2.37 -48.45
CA VAL E 78 -33.44 2.56 -47.24
C VAL E 78 -32.90 3.99 -47.20
N VAL E 79 -32.99 4.63 -46.05
CA VAL E 79 -32.52 5.99 -45.88
C VAL E 79 -31.71 6.15 -44.60
N LYS E 80 -30.79 7.12 -44.60
CA LYS E 80 -29.95 7.38 -43.43
C LYS E 80 -30.59 8.38 -42.47
N TRP E 81 -30.59 8.03 -41.19
CA TRP E 81 -31.13 8.88 -40.14
C TRP E 81 -30.28 8.63 -38.91
N GLN E 82 -29.49 9.63 -38.54
CA GLN E 82 -28.57 9.54 -37.39
C GLN E 82 -27.56 8.42 -37.56
N GLY E 83 -27.09 8.24 -38.80
CA GLY E 83 -26.12 7.18 -39.09
C GLY E 83 -26.70 5.78 -39.05
N LYS E 84 -27.97 5.68 -38.68
CA LYS E 84 -28.66 4.40 -38.59
C LYS E 84 -29.57 4.24 -39.81
N PRO E 85 -29.67 3.03 -40.36
CA PRO E 85 -30.52 2.78 -41.53
C PRO E 85 -32.02 2.71 -41.18
N VAL E 86 -32.83 3.41 -41.98
CA VAL E 86 -34.27 3.41 -41.79
C VAL E 86 -34.94 2.71 -42.95
N PHE E 87 -35.62 1.60 -42.64
CA PHE E 87 -36.34 0.81 -43.63
C PHE E 87 -37.74 1.37 -43.88
N ILE E 88 -38.17 1.34 -45.14
CA ILE E 88 -39.49 1.81 -45.52
C ILE E 88 -40.00 0.94 -46.65
N ARG E 89 -41.04 0.17 -46.38
CA ARG E 89 -41.63 -0.69 -47.41
C ARG E 89 -43.07 -0.29 -47.67
N HIS E 90 -43.40 -0.14 -48.95
CA HIS E 90 -44.76 0.18 -49.38
C HIS E 90 -45.38 -1.21 -49.56
N ARG E 91 -46.08 -1.67 -48.54
CA ARG E 91 -46.69 -2.99 -48.56
C ARG E 91 -47.90 -3.21 -49.47
N THR E 92 -48.01 -4.42 -50.02
CA THR E 92 -49.11 -4.80 -50.88
C THR E 92 -50.29 -5.23 -50.01
N PRO E 93 -51.51 -5.22 -50.57
CA PRO E 93 -52.70 -5.62 -49.81
C PRO E 93 -52.58 -7.01 -49.17
N HIS E 94 -51.93 -7.94 -49.87
CA HIS E 94 -51.73 -9.30 -49.35
C HIS E 94 -50.80 -9.32 -48.16
N GLU E 95 -49.75 -8.50 -48.22
CA GLU E 95 -48.77 -8.41 -47.14
C GLU E 95 -49.43 -7.88 -45.88
N ILE E 96 -50.30 -6.88 -46.06
CA ILE E 96 -51.01 -6.27 -44.93
C ILE E 96 -51.89 -7.30 -44.21
N GLN E 97 -52.44 -8.26 -44.95
CA GLN E 97 -53.26 -9.29 -44.34
C GLN E 97 -52.38 -10.30 -43.60
N GLU E 98 -51.28 -10.70 -44.23
CA GLU E 98 -50.33 -11.64 -43.64
C GLU E 98 -49.85 -11.14 -42.28
N ALA E 99 -49.54 -9.84 -42.23
CA ALA E 99 -49.07 -9.20 -41.01
C ALA E 99 -50.10 -9.22 -39.89
N ASN E 100 -51.33 -8.79 -40.17
CA ASN E 100 -52.39 -8.73 -39.15
C ASN E 100 -53.19 -10.02 -38.91
N SER E 101 -52.72 -11.14 -39.45
CA SER E 101 -53.37 -12.43 -39.27
C SER E 101 -52.46 -13.42 -38.55
N VAL E 102 -51.63 -12.93 -37.62
CA VAL E 102 -50.71 -13.79 -36.89
C VAL E 102 -50.99 -13.78 -35.40
N ASP E 103 -51.02 -14.97 -34.81
CA ASP E 103 -51.29 -15.11 -33.38
C ASP E 103 -50.08 -14.80 -32.49
N MET E 104 -50.35 -14.13 -31.36
CA MET E 104 -49.32 -13.73 -30.41
C MET E 104 -48.50 -14.90 -29.86
N SER E 105 -49.12 -16.08 -29.74
CA SER E 105 -48.43 -17.26 -29.20
C SER E 105 -47.25 -17.69 -30.08
N ALA E 106 -47.24 -17.22 -31.32
CA ALA E 106 -46.18 -17.54 -32.27
C ALA E 106 -45.04 -16.50 -32.28
N LEU E 107 -45.16 -15.50 -31.40
CA LEU E 107 -44.16 -14.42 -31.33
C LEU E 107 -43.50 -14.33 -29.96
N LYS E 108 -42.16 -14.27 -29.95
CA LYS E 108 -41.41 -14.16 -28.69
C LYS E 108 -41.51 -12.73 -28.16
N ASP E 109 -41.86 -11.80 -29.03
CA ASP E 109 -42.05 -10.39 -28.68
C ASP E 109 -43.39 -9.98 -29.30
N PRO E 110 -44.50 -10.30 -28.61
CA PRO E 110 -45.90 -10.05 -28.95
C PRO E 110 -46.31 -8.61 -29.27
N GLN E 111 -46.68 -8.38 -30.52
CA GLN E 111 -47.11 -7.08 -30.99
C GLN E 111 -48.01 -7.22 -32.23
N THR E 112 -49.11 -6.47 -32.25
CA THR E 112 -50.00 -6.51 -33.41
C THR E 112 -49.42 -5.57 -34.44
N ASP E 113 -49.68 -5.83 -35.71
CA ASP E 113 -49.17 -4.98 -36.78
C ASP E 113 -49.66 -3.56 -36.56
N ALA E 114 -50.78 -3.43 -35.86
CA ALA E 114 -51.38 -2.14 -35.55
C ALA E 114 -50.53 -1.35 -34.57
N ASP E 115 -49.97 -2.03 -33.58
CA ASP E 115 -49.10 -1.42 -32.58
C ASP E 115 -47.79 -0.91 -33.21
N ARG E 116 -47.50 -1.35 -34.43
CA ARG E 116 -46.27 -1.00 -35.12
C ARG E 116 -46.37 -0.03 -36.29
N VAL E 117 -47.48 -0.04 -37.02
CA VAL E 117 -47.64 0.89 -38.14
C VAL E 117 -48.86 1.79 -37.98
N LYS E 118 -48.74 3.04 -38.43
CA LYS E 118 -49.84 4.00 -38.33
C LYS E 118 -50.77 3.90 -39.52
N ASP E 119 -50.19 3.69 -40.70
CA ASP E 119 -50.92 3.54 -41.95
C ASP E 119 -50.39 2.21 -42.50
N PRO E 120 -51.24 1.17 -42.51
CA PRO E 120 -50.96 -0.21 -42.97
C PRO E 120 -50.21 -0.34 -44.28
N GLN E 121 -50.19 0.73 -45.06
CA GLN E 121 -49.53 0.76 -46.34
C GLN E 121 -48.02 1.01 -46.18
N TRP E 122 -47.65 1.69 -45.10
CA TRP E 122 -46.25 2.05 -44.87
C TRP E 122 -45.60 1.46 -43.62
N LEU E 123 -44.69 0.52 -43.83
CA LEU E 123 -43.94 -0.06 -42.71
C LEU E 123 -42.68 0.81 -42.61
N ILE E 124 -42.49 1.42 -41.45
CA ILE E 124 -41.36 2.30 -41.20
C ILE E 124 -40.63 1.84 -39.94
N MET E 125 -39.41 1.35 -40.12
CA MET E 125 -38.62 0.86 -38.98
C MET E 125 -37.10 1.02 -39.11
N LEU E 126 -36.41 0.72 -38.01
CA LEU E 126 -34.95 0.80 -37.95
C LEU E 126 -34.35 -0.54 -38.36
N GLY E 127 -33.54 -0.52 -39.43
CA GLY E 127 -32.90 -1.72 -39.90
C GLY E 127 -31.73 -2.23 -39.09
N ILE E 128 -31.86 -2.18 -37.76
CA ILE E 128 -30.82 -2.64 -36.85
C ILE E 128 -31.27 -3.90 -36.14
N CYS E 129 -30.66 -5.04 -36.49
CA CYS E 129 -31.01 -6.32 -35.87
C CYS E 129 -30.87 -6.19 -34.37
N THR E 130 -31.87 -6.65 -33.63
CA THR E 130 -31.85 -6.52 -32.17
C THR E 130 -30.90 -7.47 -31.43
N HIS E 131 -30.24 -8.35 -32.16
CA HIS E 131 -29.29 -9.29 -31.55
C HIS E 131 -27.98 -8.56 -31.28
N LEU E 132 -27.13 -8.47 -32.29
CA LEU E 132 -25.83 -7.80 -32.14
C LEU E 132 -25.54 -6.66 -33.12
N GLY E 133 -26.60 -6.08 -33.69
CA GLY E 133 -26.45 -4.92 -34.55
C GLY E 133 -26.28 -4.92 -36.06
N CYS E 134 -26.30 -6.07 -36.73
CA CYS E 134 -26.15 -6.06 -38.19
C CYS E 134 -27.39 -5.50 -38.89
N VAL E 135 -27.31 -5.31 -40.20
CA VAL E 135 -28.44 -4.79 -40.96
C VAL E 135 -29.10 -5.93 -41.72
N PRO E 136 -30.36 -6.26 -41.37
CA PRO E 136 -31.09 -7.35 -42.04
C PRO E 136 -31.26 -7.15 -43.53
N ILE E 137 -31.15 -8.25 -44.27
CA ILE E 137 -31.28 -8.25 -45.73
C ILE E 137 -32.75 -8.27 -46.12
N GLY E 138 -33.11 -7.42 -47.09
CA GLY E 138 -34.48 -7.32 -47.55
C GLY E 138 -34.97 -8.46 -48.44
N GLU E 139 -36.26 -8.78 -48.28
CA GLU E 139 -36.92 -9.84 -49.04
C GLU E 139 -36.21 -11.18 -48.99
N ALA E 140 -35.90 -11.62 -47.77
CA ALA E 140 -35.21 -12.88 -47.53
C ALA E 140 -35.65 -13.49 -46.21
N GLY E 141 -35.29 -14.75 -46.02
CA GLY E 141 -35.67 -15.44 -44.81
C GLY E 141 -36.78 -16.46 -45.02
N ASP E 142 -37.33 -16.96 -43.92
CA ASP E 142 -38.40 -17.95 -43.97
C ASP E 142 -39.77 -17.40 -43.60
N PHE E 143 -39.89 -16.09 -43.47
CA PHE E 143 -41.16 -15.48 -43.10
C PHE E 143 -41.53 -14.27 -43.95
N GLY E 144 -41.11 -14.30 -45.20
CA GLY E 144 -41.42 -13.25 -46.15
C GLY E 144 -41.09 -11.84 -45.71
N GLY E 145 -39.94 -11.68 -45.06
CA GLY E 145 -39.53 -10.37 -44.60
C GLY E 145 -38.04 -10.15 -44.75
N TRP E 146 -37.38 -9.92 -43.61
CA TRP E 146 -35.95 -9.67 -43.57
C TRP E 146 -35.17 -10.79 -42.86
N PHE E 147 -33.90 -10.94 -43.23
CA PHE E 147 -33.02 -11.97 -42.65
C PHE E 147 -31.66 -11.37 -42.29
N CYS E 148 -31.20 -11.59 -41.07
CA CYS E 148 -29.91 -11.09 -40.65
C CYS E 148 -28.85 -12.14 -40.93
N PRO E 149 -27.92 -11.84 -41.84
CA PRO E 149 -26.86 -12.78 -42.21
C PRO E 149 -25.83 -13.05 -41.14
N CYS E 150 -25.76 -12.17 -40.13
CA CYS E 150 -24.78 -12.33 -39.07
C CYS E 150 -24.93 -13.57 -38.21
N HIS E 151 -26.11 -13.81 -37.65
CA HIS E 151 -26.33 -15.00 -36.83
C HIS E 151 -27.64 -15.73 -37.15
N GLY E 152 -28.28 -15.33 -38.25
CA GLY E 152 -29.50 -15.98 -38.69
C GLY E 152 -30.83 -15.68 -38.01
N SER E 153 -31.18 -14.41 -37.90
CA SER E 153 -32.46 -14.04 -37.29
C SER E 153 -33.46 -13.72 -38.41
N HIS E 154 -34.65 -14.32 -38.33
CA HIS E 154 -35.70 -14.09 -39.33
C HIS E 154 -36.79 -13.17 -38.79
N TYR E 155 -37.17 -12.20 -39.62
CA TYR E 155 -38.22 -11.24 -39.27
C TYR E 155 -39.37 -11.36 -40.27
N ASP E 156 -40.60 -11.10 -39.83
CA ASP E 156 -41.76 -11.21 -40.72
C ASP E 156 -42.10 -9.90 -41.46
N ILE E 157 -43.19 -9.91 -42.23
CA ILE E 157 -43.60 -8.74 -43.00
C ILE E 157 -44.03 -7.54 -42.16
N SER E 158 -44.04 -7.71 -40.83
CA SER E 158 -44.34 -6.61 -39.92
C SER E 158 -43.01 -6.21 -39.24
N GLY E 159 -41.96 -6.99 -39.51
CA GLY E 159 -40.67 -6.74 -38.91
C GLY E 159 -40.52 -7.33 -37.52
N ARG E 160 -41.33 -8.34 -37.18
CA ARG E 160 -41.25 -8.98 -35.87
C ARG E 160 -40.27 -10.13 -35.91
N ILE E 161 -39.66 -10.41 -34.76
CA ILE E 161 -38.71 -11.50 -34.64
C ILE E 161 -39.46 -12.84 -34.61
N ARG E 162 -39.12 -13.72 -35.54
CA ARG E 162 -39.77 -15.02 -35.62
C ARG E 162 -38.86 -16.18 -35.24
N LYS E 163 -37.60 -16.10 -35.64
CA LYS E 163 -36.65 -17.18 -35.35
C LYS E 163 -35.24 -16.64 -35.19
N GLY E 164 -34.46 -17.28 -34.32
CA GLY E 164 -33.09 -16.84 -34.10
C GLY E 164 -32.83 -16.16 -32.77
N PRO E 165 -31.56 -15.81 -32.51
CA PRO E 165 -31.10 -15.16 -31.29
C PRO E 165 -31.62 -13.75 -30.97
N ALA E 166 -32.10 -13.02 -31.98
CA ALA E 166 -32.63 -11.67 -31.73
C ALA E 166 -33.80 -11.76 -30.73
N PRO E 167 -33.77 -10.96 -29.66
CA PRO E 167 -34.84 -11.01 -28.67
C PRO E 167 -36.05 -10.10 -28.90
N LEU E 168 -35.92 -9.09 -29.76
CA LEU E 168 -37.02 -8.16 -29.99
C LEU E 168 -37.32 -7.90 -31.46
N ASN E 169 -38.44 -7.22 -31.71
CA ASN E 169 -38.86 -6.88 -33.05
C ASN E 169 -38.12 -5.62 -33.44
N LEU E 170 -37.93 -5.43 -34.74
CA LEU E 170 -37.24 -4.24 -35.24
C LEU E 170 -37.95 -3.03 -34.67
N GLU E 171 -37.20 -2.17 -34.00
CA GLU E 171 -37.74 -0.97 -33.37
C GLU E 171 -38.36 0.02 -34.35
N ILE E 172 -39.42 0.68 -33.89
CA ILE E 172 -40.11 1.68 -34.71
C ILE E 172 -39.74 3.07 -34.18
N PRO E 173 -39.23 3.94 -35.05
CA PRO E 173 -38.85 5.29 -34.66
C PRO E 173 -40.04 6.24 -34.74
N ALA E 174 -39.95 7.38 -34.06
CA ALA E 174 -41.02 8.38 -34.07
C ALA E 174 -41.13 9.02 -35.45
N TYR E 175 -42.35 9.10 -35.97
CA TYR E 175 -42.58 9.71 -37.28
C TYR E 175 -44.00 10.25 -37.42
N GLU E 176 -44.16 11.21 -38.35
CA GLU E 176 -45.44 11.84 -38.63
C GLU E 176 -45.58 11.91 -40.15
N PHE E 177 -46.82 12.06 -40.63
CA PHE E 177 -47.07 12.17 -42.06
C PHE E 177 -47.38 13.62 -42.40
N ASP E 178 -47.16 13.99 -43.66
CA ASP E 178 -47.42 15.35 -44.14
C ASP E 178 -47.65 15.27 -45.64
N GLY E 179 -48.83 14.77 -46.02
CA GLY E 179 -49.15 14.63 -47.43
C GLY E 179 -48.39 13.51 -48.08
N ASP E 180 -47.60 13.84 -49.10
CA ASP E 180 -46.80 12.86 -49.82
C ASP E 180 -45.51 12.45 -49.10
N LYS E 181 -45.17 13.15 -48.03
CA LYS E 181 -43.94 12.83 -47.31
C LYS E 181 -44.10 12.56 -45.82
N VAL E 182 -43.21 11.70 -45.32
CA VAL E 182 -43.16 11.34 -43.91
C VAL E 182 -41.89 11.98 -43.36
N ILE E 183 -41.96 12.43 -42.12
CA ILE E 183 -40.82 13.06 -41.47
C ILE E 183 -40.39 12.26 -40.24
N VAL E 184 -39.32 11.48 -40.43
CA VAL E 184 -38.77 10.63 -39.38
C VAL E 184 -37.90 11.43 -38.42
N GLY E 185 -38.28 11.46 -37.14
CA GLY E 185 -37.49 12.20 -36.18
C GLY E 185 -38.14 12.40 -34.82
N VAL F 1 -21.10 59.86 -25.17
CA VAL F 1 -20.14 60.51 -24.22
C VAL F 1 -18.73 60.49 -24.82
N THR F 2 -17.79 61.10 -24.11
CA THR F 2 -16.39 61.16 -24.52
C THR F 2 -15.66 59.89 -24.05
N ASP F 3 -14.78 59.36 -24.90
CA ASP F 3 -14.02 58.14 -24.57
C ASP F 3 -13.22 58.22 -23.27
N GLN F 4 -13.51 57.29 -22.37
CA GLN F 4 -12.88 57.22 -21.05
C GLN F 4 -11.35 57.14 -21.03
N LEU F 5 -10.77 56.47 -22.03
CA LEU F 5 -9.32 56.36 -22.09
C LEU F 5 -8.70 57.69 -22.52
N GLU F 6 -9.24 58.29 -23.57
CA GLU F 6 -8.74 59.58 -24.06
C GLU F 6 -8.87 60.65 -22.99
N ASP F 7 -9.91 60.52 -22.16
CA ASP F 7 -10.16 61.45 -21.08
C ASP F 7 -9.01 61.34 -20.07
N LEU F 8 -8.71 60.12 -19.65
CA LEU F 8 -7.62 59.88 -18.69
C LEU F 8 -6.23 60.20 -19.23
N ARG F 9 -6.02 59.99 -20.53
CA ARG F 9 -4.73 60.30 -21.15
C ARG F 9 -4.52 61.79 -21.11
N GLU F 10 -5.54 62.53 -21.54
CA GLU F 10 -5.51 63.99 -21.57
C GLU F 10 -5.22 64.53 -20.17
N HIS F 11 -5.93 64.01 -19.17
CA HIS F 11 -5.73 64.43 -17.80
C HIS F 11 -4.27 64.25 -17.36
N PHE F 12 -3.65 63.15 -17.78
CA PHE F 12 -2.27 62.87 -17.39
C PHE F 12 -1.18 63.56 -18.21
N LYS F 13 -1.48 63.91 -19.45
CA LYS F 13 -0.52 64.61 -20.29
C LYS F 13 -0.28 66.00 -19.69
N ASN F 14 -1.17 66.42 -18.78
CA ASN F 14 -1.10 67.72 -18.12
C ASN F 14 -0.61 67.74 -16.67
N THR F 15 0.17 66.73 -16.27
CA THR F 15 0.73 66.72 -14.93
C THR F 15 2.17 67.22 -15.06
N GLU F 16 2.85 67.45 -13.94
CA GLU F 16 4.22 67.92 -14.02
C GLU F 16 5.11 66.94 -14.77
N GLU F 17 4.89 65.66 -14.53
CA GLU F 17 5.65 64.58 -15.16
C GLU F 17 5.32 64.42 -16.64
N GLY F 18 4.02 64.52 -16.96
CA GLY F 18 3.58 64.39 -18.34
C GLY F 18 4.03 65.54 -19.21
N LYS F 19 4.02 66.75 -18.66
CA LYS F 19 4.45 67.93 -19.41
C LYS F 19 5.93 67.84 -19.72
N ALA F 20 6.70 67.38 -18.73
CA ALA F 20 8.15 67.20 -18.89
C ALA F 20 8.43 66.22 -20.02
N LEU F 21 7.59 65.19 -20.12
CA LEU F 21 7.71 64.17 -21.16
C LEU F 21 7.27 64.63 -22.53
N VAL F 22 6.19 65.43 -22.61
CA VAL F 22 5.75 65.91 -23.91
C VAL F 22 6.78 66.91 -24.43
N HIS F 23 7.40 67.65 -23.50
CA HIS F 23 8.42 68.63 -23.85
C HIS F 23 9.61 67.93 -24.52
N HIS F 24 10.16 66.90 -23.87
CA HIS F 24 11.30 66.18 -24.41
C HIS F 24 10.98 65.61 -25.79
N TYR F 25 9.73 65.18 -25.97
CA TYR F 25 9.30 64.64 -27.25
C TYR F 25 9.19 65.77 -28.26
N GLU F 26 8.66 66.89 -27.78
CA GLU F 26 8.47 68.08 -28.61
C GLU F 26 9.80 68.58 -29.13
N GLU F 27 10.77 68.70 -28.22
CA GLU F 27 12.11 69.13 -28.55
C GLU F 27 12.73 68.21 -29.61
N CYS F 28 12.31 66.95 -29.61
CA CYS F 28 12.82 65.99 -30.59
C CYS F 28 12.16 66.22 -31.94
N ALA F 29 10.83 66.33 -31.94
CA ALA F 29 10.05 66.55 -33.16
C ALA F 29 10.55 67.79 -33.89
N GLU F 30 10.81 68.83 -33.12
CA GLU F 30 11.33 70.11 -33.62
C GLU F 30 12.66 69.87 -34.33
N ARG F 31 13.61 69.31 -33.59
CA ARG F 31 14.94 69.01 -34.10
C ARG F 31 14.89 68.16 -35.39
N VAL F 32 13.85 67.34 -35.52
CA VAL F 32 13.69 66.47 -36.68
C VAL F 32 13.22 67.16 -37.96
N LYS F 33 12.16 67.95 -37.88
CA LYS F 33 11.64 68.65 -39.07
C LYS F 33 12.68 69.59 -39.68
N ILE F 34 13.57 70.11 -38.85
CA ILE F 34 14.63 71.01 -39.30
C ILE F 34 15.64 70.22 -40.13
N GLN F 35 15.86 68.96 -39.74
CA GLN F 35 16.79 68.08 -40.43
C GLN F 35 16.24 67.60 -41.78
N GLN F 36 14.91 67.55 -41.90
CA GLN F 36 14.26 67.10 -43.12
C GLN F 36 14.26 68.15 -44.23
N GLN F 37 14.08 69.41 -43.86
CA GLN F 37 14.05 70.51 -44.81
C GLN F 37 15.42 70.81 -45.44
N GLN F 38 16.48 70.47 -44.72
CA GLN F 38 17.84 70.68 -45.21
C GLN F 38 18.15 69.73 -46.36
N PRO F 39 19.04 70.14 -47.28
CA PRO F 39 19.43 69.32 -48.44
C PRO F 39 20.14 68.01 -48.11
N GLY F 40 19.71 66.94 -48.78
CA GLY F 40 20.31 65.64 -48.58
C GLY F 40 19.73 64.75 -47.50
N TYR F 41 18.50 65.05 -47.07
CA TYR F 41 17.86 64.24 -46.04
C TYR F 41 17.60 62.83 -46.59
N ALA F 42 17.24 62.76 -47.87
CA ALA F 42 16.95 61.50 -48.54
C ALA F 42 18.14 60.55 -48.48
N ASP F 43 19.34 61.09 -48.59
CA ASP F 43 20.57 60.29 -48.53
C ASP F 43 21.33 60.70 -47.28
N LEU F 44 21.18 59.93 -46.21
CA LEU F 44 21.85 60.26 -44.95
C LEU F 44 22.21 59.05 -44.08
N GLU F 45 21.42 57.98 -44.20
CA GLU F 45 21.60 56.73 -43.43
C GLU F 45 21.88 56.98 -41.94
N HIS F 46 21.26 58.02 -41.40
CA HIS F 46 21.42 58.39 -40.00
C HIS F 46 20.21 59.22 -39.57
N LYS F 47 19.11 59.05 -40.30
CA LYS F 47 17.88 59.79 -40.03
C LYS F 47 17.34 59.48 -38.63
N GLU F 48 17.20 60.52 -37.83
CA GLU F 48 16.72 60.39 -36.46
C GLU F 48 15.20 60.42 -36.39
N ASP F 49 14.65 59.63 -35.46
CA ASP F 49 13.22 59.59 -35.23
C ASP F 49 12.99 59.84 -33.75
N CYS F 50 11.75 60.05 -33.36
CA CYS F 50 11.44 60.33 -31.97
C CYS F 50 10.64 59.23 -31.28
N VAL F 51 10.78 58.01 -31.81
CA VAL F 51 10.09 56.84 -31.27
C VAL F 51 10.47 56.63 -29.81
N GLU F 52 11.77 56.69 -29.52
CA GLU F 52 12.26 56.49 -28.17
C GLU F 52 11.60 57.46 -27.21
N GLU F 53 11.58 58.74 -27.59
CA GLU F 53 10.97 59.79 -26.78
C GLU F 53 9.45 59.60 -26.69
N PHE F 54 8.85 59.15 -27.80
CA PHE F 54 7.41 58.89 -27.84
C PHE F 54 7.07 57.74 -26.87
N PHE F 55 7.86 56.67 -26.91
CA PHE F 55 7.65 55.52 -26.04
C PHE F 55 7.68 55.89 -24.55
N HIS F 56 8.56 56.81 -24.17
CA HIS F 56 8.66 57.26 -22.78
C HIS F 56 7.37 57.90 -22.35
N LEU F 57 6.81 58.72 -23.24
CA LEU F 57 5.57 59.42 -22.99
C LEU F 57 4.48 58.38 -22.82
N GLN F 58 4.28 57.58 -23.86
CA GLN F 58 3.26 56.54 -23.87
C GLN F 58 3.35 55.63 -22.65
N HIS F 59 4.56 55.27 -22.27
CA HIS F 59 4.77 54.41 -21.11
C HIS F 59 4.23 55.07 -19.84
N TYR F 60 4.59 56.33 -19.63
CA TYR F 60 4.13 57.08 -18.47
C TYR F 60 2.59 57.09 -18.42
N LEU F 61 1.99 57.33 -19.59
CA LEU F 61 0.54 57.37 -19.70
C LEU F 61 -0.06 56.02 -19.36
N ASP F 62 0.50 54.96 -19.94
CA ASP F 62 0.03 53.60 -19.69
C ASP F 62 0.09 53.29 -18.20
N THR F 63 1.21 53.64 -17.57
CA THR F 63 1.42 53.38 -16.15
C THR F 63 0.35 54.03 -15.28
N ALA F 64 -0.11 55.20 -15.68
CA ALA F 64 -1.12 55.93 -14.92
C ALA F 64 -2.56 55.58 -15.25
N THR F 65 -2.83 55.30 -16.51
CA THR F 65 -4.19 54.98 -16.95
C THR F 65 -4.66 53.53 -16.82
N ALA F 66 -3.72 52.59 -16.84
CA ALA F 66 -4.04 51.16 -16.74
C ALA F 66 -4.78 50.69 -15.49
N PRO F 67 -4.38 51.15 -14.29
CA PRO F 67 -5.07 50.73 -13.07
C PRO F 67 -6.36 51.50 -12.77
N ARG F 68 -6.72 52.43 -13.64
CA ARG F 68 -7.91 53.25 -13.44
C ARG F 68 -8.99 53.17 -14.52
N LEU F 69 -8.60 52.89 -15.75
CA LEU F 69 -9.55 52.84 -16.87
C LEU F 69 -10.78 51.94 -16.73
N PHE F 70 -10.64 50.78 -16.08
CA PHE F 70 -11.78 49.88 -15.96
C PHE F 70 -12.80 50.22 -14.89
N ASP F 71 -12.40 51.01 -13.90
CA ASP F 71 -13.34 51.43 -12.84
C ASP F 71 -14.38 52.36 -13.45
N LYS F 72 -14.07 52.91 -14.63
CA LYS F 72 -14.97 53.81 -15.32
C LYS F 72 -15.82 53.11 -16.38
N LEU F 73 -15.36 51.95 -16.85
CA LEU F 73 -16.09 51.19 -17.87
C LEU F 73 -17.12 50.27 -17.24
N LYS F 74 -18.00 49.72 -18.08
CA LYS F 74 -19.03 48.80 -17.61
C LYS F 74 -18.63 47.36 -17.95
N GLN G 1 42.42 8.26 -6.80
CA GLN G 1 43.83 8.57 -6.37
C GLN G 1 44.23 7.71 -5.20
N SER G 2 45.41 7.07 -5.31
CA SER G 2 45.91 6.18 -4.27
C SER G 2 46.39 6.90 -3.04
N PHE G 3 46.39 6.22 -1.90
CA PHE G 3 46.87 6.85 -0.67
C PHE G 3 48.40 6.96 -0.68
N THR G 4 49.07 6.13 -1.48
CA THR G 4 50.50 6.18 -1.59
C THR G 4 50.85 7.55 -2.19
N SER G 5 50.10 7.94 -3.21
CA SER G 5 50.29 9.22 -3.88
C SER G 5 49.96 10.39 -2.96
N ILE G 6 48.87 10.28 -2.22
CA ILE G 6 48.47 11.35 -1.31
C ILE G 6 49.57 11.57 -0.27
N ALA G 7 50.13 10.48 0.25
CA ALA G 7 51.20 10.55 1.26
C ALA G 7 52.48 11.20 0.71
N ARG G 8 52.87 10.80 -0.51
CA ARG G 8 54.06 11.35 -1.15
C ARG G 8 53.99 12.87 -1.13
N ILE G 9 52.95 13.42 -1.76
CA ILE G 9 52.74 14.87 -1.82
C ILE G 9 52.60 15.47 -0.42
N GLY G 10 51.79 14.86 0.42
CA GLY G 10 51.57 15.37 1.76
C GLY G 10 52.80 15.39 2.64
N ASP G 11 53.64 14.37 2.51
CA ASP G 11 54.87 14.28 3.31
C ASP G 11 55.92 15.29 2.85
N TYR G 12 56.03 15.46 1.54
CA TYR G 12 56.97 16.41 0.94
C TYR G 12 56.67 17.80 1.48
N ILE G 13 55.40 18.17 1.50
CA ILE G 13 54.96 19.47 1.99
C ILE G 13 55.21 19.57 3.48
N LEU G 14 54.91 18.48 4.19
CA LEU G 14 55.07 18.43 5.64
C LEU G 14 56.52 18.59 6.14
N LYS G 15 57.48 18.10 5.36
CA LYS G 15 58.88 18.19 5.73
C LYS G 15 59.49 19.57 5.47
N SER G 16 59.29 20.11 4.28
CA SER G 16 59.79 21.42 3.91
C SER G 16 59.14 22.52 4.77
N PRO G 17 59.93 23.26 5.56
CA PRO G 17 59.44 24.33 6.44
C PRO G 17 58.84 25.50 5.68
N VAL G 18 59.09 25.56 4.37
CA VAL G 18 58.57 26.62 3.52
C VAL G 18 57.06 26.45 3.35
N LEU G 19 56.65 25.29 2.85
CA LEU G 19 55.24 24.98 2.63
C LEU G 19 54.53 24.57 3.92
N SER G 20 55.23 23.84 4.79
CA SER G 20 54.68 23.35 6.05
C SER G 20 54.03 24.42 6.94
N LYS G 21 54.51 25.65 6.86
CA LYS G 21 53.97 26.74 7.66
C LYS G 21 52.90 27.50 6.89
N LEU G 22 52.94 27.36 5.57
CA LEU G 22 51.99 28.02 4.68
C LEU G 22 50.67 27.23 4.55
N CYS G 23 50.80 25.93 4.28
CA CYS G 23 49.66 25.03 4.07
C CYS G 23 48.91 24.48 5.28
N VAL G 24 49.61 23.83 6.20
CA VAL G 24 48.96 23.24 7.38
C VAL G 24 47.90 24.11 8.04
N PRO G 25 48.16 25.42 8.22
CA PRO G 25 47.13 26.26 8.84
C PRO G 25 45.86 26.33 7.98
N VAL G 26 46.01 26.29 6.66
CA VAL G 26 44.88 26.31 5.75
C VAL G 26 44.13 24.97 5.88
N ALA G 27 44.90 23.89 5.86
CA ALA G 27 44.37 22.53 5.97
C ALA G 27 43.57 22.34 7.26
N ASN G 28 44.07 22.92 8.34
CA ASN G 28 43.40 22.81 9.65
C ASN G 28 42.06 23.53 9.63
N GLN G 29 42.02 24.64 8.90
CA GLN G 29 40.81 25.45 8.78
C GLN G 29 39.80 24.69 7.91
N PHE G 30 40.32 24.02 6.89
CA PHE G 30 39.51 23.23 5.98
C PHE G 30 38.82 22.12 6.75
N ILE G 31 39.60 21.36 7.52
CA ILE G 31 39.07 20.26 8.34
C ILE G 31 37.97 20.68 9.32
N ASN G 32 38.08 21.88 9.87
CA ASN G 32 37.07 22.36 10.80
C ASN G 32 35.80 22.77 10.06
N LEU G 33 35.95 23.32 8.87
CA LEU G 33 34.80 23.73 8.06
C LEU G 33 34.04 22.51 7.52
N ALA G 34 34.77 21.42 7.28
CA ALA G 34 34.18 20.18 6.79
C ALA G 34 33.08 19.75 7.76
N GLY G 35 33.36 19.87 9.06
CA GLY G 35 32.39 19.53 10.09
C GLY G 35 32.12 18.08 10.44
N TYR G 36 32.86 17.14 9.85
CA TYR G 36 32.63 15.74 10.15
C TYR G 36 32.83 15.39 11.63
N LYS G 37 33.68 16.16 12.31
CA LYS G 37 33.96 15.95 13.74
C LYS G 37 32.75 16.21 14.62
N LYS G 38 31.87 17.11 14.17
CA LYS G 38 30.65 17.44 14.91
C LYS G 38 29.64 16.29 14.85
N LEU G 39 29.87 15.33 13.95
CA LEU G 39 29.03 14.17 13.79
C LEU G 39 29.65 12.95 14.50
N GLY G 40 30.79 13.17 15.16
CA GLY G 40 31.45 12.10 15.88
C GLY G 40 32.30 11.17 15.03
N LEU G 41 32.62 11.62 13.82
CA LEU G 41 33.43 10.81 12.92
C LEU G 41 34.90 11.25 12.86
N LYS G 42 35.75 10.29 12.51
CA LYS G 42 37.17 10.55 12.34
C LYS G 42 37.31 10.52 10.82
N PHE G 43 38.21 11.31 10.25
CA PHE G 43 38.34 11.32 8.80
C PHE G 43 38.44 9.95 8.16
N ASP G 44 39.21 9.06 8.76
CA ASP G 44 39.38 7.72 8.22
C ASP G 44 38.06 6.96 8.09
N ASP G 45 37.06 7.33 8.90
CA ASP G 45 35.74 6.70 8.86
C ASP G 45 35.01 7.05 7.54
N LEU G 46 35.38 8.18 6.96
CA LEU G 46 34.79 8.68 5.71
C LEU G 46 35.32 8.08 4.42
N ILE G 47 36.41 7.34 4.47
CA ILE G 47 36.98 6.76 3.25
C ILE G 47 35.99 5.78 2.60
N ALA G 48 35.77 5.93 1.29
CA ALA G 48 34.86 5.02 0.58
C ALA G 48 35.48 3.63 0.60
N GLU G 49 34.72 2.68 1.14
CA GLU G 49 35.17 1.29 1.30
C GLU G 49 34.87 0.26 0.21
N GLU G 50 34.06 0.60 -0.79
CA GLU G 50 33.71 -0.36 -1.82
C GLU G 50 34.74 -0.65 -2.93
N ASN G 51 35.87 -1.21 -2.49
CA ASN G 51 36.96 -1.59 -3.41
C ASN G 51 37.82 -2.59 -2.62
N PRO G 52 38.59 -3.45 -3.32
CA PRO G 52 39.43 -4.44 -2.64
C PRO G 52 40.45 -3.95 -1.61
N ILE G 53 41.16 -2.85 -1.91
CA ILE G 53 42.17 -2.34 -0.97
C ILE G 53 41.54 -2.06 0.41
N MET G 54 40.45 -1.32 0.42
CA MET G 54 39.76 -0.97 1.66
C MET G 54 39.15 -2.17 2.38
N GLN G 55 38.79 -3.20 1.62
CA GLN G 55 38.20 -4.39 2.24
C GLN G 55 39.27 -5.21 2.96
N THR G 56 40.46 -5.24 2.37
CA THR G 56 41.60 -5.93 2.96
C THR G 56 41.96 -5.19 4.24
N ALA G 57 42.07 -3.86 4.14
CA ALA G 57 42.43 -3.02 5.27
C ALA G 57 41.51 -3.17 6.49
N LEU G 58 40.21 -3.13 6.24
CA LEU G 58 39.21 -3.25 7.31
C LEU G 58 39.21 -4.64 7.93
N ARG G 59 39.67 -5.62 7.16
CA ARG G 59 39.73 -7.01 7.60
C ARG G 59 40.91 -7.22 8.55
N ARG G 60 41.99 -6.48 8.33
CA ARG G 60 43.20 -6.56 9.15
C ARG G 60 43.15 -5.69 10.40
N LEU G 61 42.22 -4.74 10.42
CA LEU G 61 42.05 -3.84 11.54
C LEU G 61 41.72 -4.62 12.83
N PRO G 62 42.47 -4.38 13.92
CA PRO G 62 42.21 -5.08 15.17
C PRO G 62 40.78 -4.89 15.69
N GLU G 63 40.28 -5.92 16.37
CA GLU G 63 38.93 -5.96 16.92
C GLU G 63 38.38 -4.71 17.61
N ASP G 64 39.12 -4.17 18.56
CA ASP G 64 38.68 -3.00 19.31
C ASP G 64 38.45 -1.75 18.48
N GLU G 65 39.27 -1.55 17.46
CA GLU G 65 39.12 -0.39 16.58
C GLU G 65 37.88 -0.60 15.70
N SER G 66 37.68 -1.84 15.27
CA SER G 66 36.55 -2.21 14.43
C SER G 66 35.22 -1.96 15.11
N TYR G 67 35.09 -2.37 16.37
CA TYR G 67 33.83 -2.16 17.10
C TYR G 67 33.59 -0.67 17.26
N ALA G 68 34.66 0.08 17.49
CA ALA G 68 34.59 1.53 17.65
C ALA G 68 34.18 2.23 16.34
N ARG G 69 34.74 1.81 15.21
CA ARG G 69 34.39 2.40 13.93
C ARG G 69 32.90 2.19 13.71
N ALA G 70 32.42 1.00 14.05
CA ALA G 70 31.01 0.65 13.90
C ALA G 70 30.11 1.57 14.70
N TYR G 71 30.48 1.82 15.95
CA TYR G 71 29.68 2.69 16.79
C TYR G 71 29.67 4.13 16.27
N ARG G 72 30.81 4.58 15.77
CA ARG G 72 30.88 5.94 15.26
C ARG G 72 30.01 6.13 14.03
N ILE G 73 30.05 5.17 13.13
CA ILE G 73 29.26 5.24 11.91
C ILE G 73 27.75 5.22 12.16
N ILE G 74 27.29 4.33 13.05
CA ILE G 74 25.87 4.24 13.38
C ILE G 74 25.40 5.53 14.04
N ARG G 75 26.19 6.00 15.01
CA ARG G 75 25.90 7.24 15.74
C ARG G 75 25.77 8.42 14.77
N ALA G 76 26.61 8.43 13.75
CA ALA G 76 26.60 9.50 12.74
C ALA G 76 25.30 9.50 11.93
N HIS G 77 24.88 8.32 11.48
CA HIS G 77 23.65 8.19 10.70
C HIS G 77 22.42 8.63 11.48
N GLN G 78 22.39 8.28 12.77
CA GLN G 78 21.27 8.64 13.63
C GLN G 78 21.19 10.15 13.85
N THR G 79 22.34 10.79 14.06
CA THR G 79 22.36 12.23 14.26
C THR G 79 21.91 12.91 12.97
N GLU G 80 22.50 12.48 11.87
CA GLU G 80 22.16 13.03 10.58
C GLU G 80 20.65 12.99 10.34
N LEU G 81 20.03 11.83 10.56
CA LEU G 81 18.58 11.70 10.34
C LEU G 81 17.74 12.58 11.24
N THR G 82 18.28 12.98 12.38
CA THR G 82 17.55 13.87 13.30
C THR G 82 17.79 15.34 12.98
N HIS G 83 18.73 15.60 12.07
CA HIS G 83 19.08 16.97 11.64
C HIS G 83 19.65 17.84 12.75
N HIS G 84 20.48 17.21 13.57
CA HIS G 84 21.14 17.86 14.69
C HIS G 84 22.62 17.50 14.58
N LEU G 85 23.37 17.95 15.57
CA LEU G 85 24.78 17.66 15.67
C LEU G 85 24.89 17.11 17.09
N LEU G 86 26.00 16.45 17.38
CA LEU G 86 26.18 15.92 18.72
C LEU G 86 26.46 17.09 19.65
N PRO G 87 26.23 16.91 20.96
CA PRO G 87 26.52 18.00 21.90
C PRO G 87 28.04 18.17 21.85
N ARG G 88 28.51 19.41 21.82
CA ARG G 88 29.94 19.69 21.72
C ARG G 88 30.93 18.82 22.50
N ASN G 89 30.53 18.37 23.70
CA ASN G 89 31.42 17.53 24.50
C ASN G 89 31.57 16.11 23.95
N GLU G 90 30.86 15.80 22.89
CA GLU G 90 30.93 14.48 22.27
C GLU G 90 31.68 14.52 20.94
N TRP G 91 31.99 15.72 20.47
CA TRP G 91 32.72 15.91 19.22
C TRP G 91 34.09 15.25 19.28
N ILE G 92 34.57 14.77 18.14
CA ILE G 92 35.88 14.17 18.08
C ILE G 92 36.89 15.29 18.19
N LYS G 93 37.85 15.14 19.10
CA LYS G 93 38.88 16.14 19.29
C LYS G 93 40.01 15.91 18.31
N ALA G 94 40.73 16.98 17.98
CA ALA G 94 41.84 16.92 17.03
C ALA G 94 42.88 15.87 17.38
N GLN G 95 43.10 15.66 18.68
CA GLN G 95 44.08 14.69 19.15
C GLN G 95 43.60 13.28 18.80
N GLU G 96 42.28 13.11 18.79
CA GLU G 96 41.64 11.83 18.49
C GLU G 96 41.56 11.50 17.00
N ASP G 97 41.45 12.54 16.17
CA ASP G 97 41.34 12.40 14.73
C ASP G 97 42.62 11.88 14.08
N VAL G 98 43.00 10.68 14.47
CA VAL G 98 44.22 10.01 14.01
C VAL G 98 44.01 9.08 12.80
N PRO G 99 45.00 9.02 11.88
CA PRO G 99 44.86 8.14 10.72
C PRO G 99 45.11 6.67 11.13
N TYR G 100 44.14 6.08 11.81
CA TYR G 100 44.24 4.70 12.29
C TYR G 100 44.17 3.60 11.22
N LEU G 101 43.49 3.87 10.11
CA LEU G 101 43.37 2.89 9.04
C LEU G 101 44.46 3.04 7.99
N LEU G 102 44.97 4.26 7.86
CA LEU G 102 46.01 4.59 6.88
C LEU G 102 47.17 3.58 6.77
N PRO G 103 47.77 3.17 7.90
CA PRO G 103 48.87 2.20 7.78
C PRO G 103 48.48 0.87 7.10
N TYR G 104 47.22 0.45 7.30
CA TYR G 104 46.73 -0.78 6.67
C TYR G 104 46.46 -0.57 5.19
N ILE G 105 45.99 0.63 4.85
CA ILE G 105 45.71 0.98 3.45
C ILE G 105 47.00 1.01 2.62
N LEU G 106 48.05 1.63 3.18
CA LEU G 106 49.34 1.73 2.49
C LEU G 106 50.04 0.39 2.34
N GLU G 107 49.93 -0.46 3.36
CA GLU G 107 50.53 -1.78 3.30
C GLU G 107 49.89 -2.59 2.16
N ALA G 108 48.55 -2.56 2.10
CA ALA G 108 47.80 -3.26 1.07
C ALA G 108 48.14 -2.74 -0.34
N GLU G 109 48.28 -1.43 -0.48
CA GLU G 109 48.61 -0.84 -1.79
C GLU G 109 49.98 -1.27 -2.31
N ALA G 110 50.95 -1.37 -1.41
CA ALA G 110 52.31 -1.78 -1.78
C ALA G 110 52.29 -3.25 -2.20
N ALA G 111 51.58 -4.07 -1.43
CA ALA G 111 51.43 -5.49 -1.72
C ALA G 111 50.80 -5.65 -3.11
N ALA G 112 49.74 -4.87 -3.35
CA ALA G 112 49.03 -4.89 -4.62
C ALA G 112 49.93 -4.45 -5.78
N LYS G 113 50.63 -3.33 -5.59
CA LYS G 113 51.54 -2.79 -6.61
C LYS G 113 52.66 -3.78 -6.93
N GLU G 114 53.20 -4.46 -5.90
CA GLU G 114 54.25 -5.44 -6.13
C GLU G 114 53.73 -6.55 -7.04
N LYS G 115 52.55 -7.08 -6.72
CA LYS G 115 51.96 -8.13 -7.53
C LYS G 115 51.79 -7.67 -8.97
N ASP G 116 51.35 -6.43 -9.15
CA ASP G 116 51.15 -5.91 -10.49
C ASP G 116 52.50 -5.90 -11.21
N GLU G 117 53.55 -5.49 -10.49
CA GLU G 117 54.91 -5.41 -11.03
C GLU G 117 55.44 -6.79 -11.41
N LEU G 118 55.32 -7.74 -10.49
CA LEU G 118 55.79 -9.10 -10.71
C LEU G 118 55.05 -9.87 -11.83
N ASP G 119 53.74 -9.65 -11.96
CA ASP G 119 52.96 -10.34 -13.02
C ASP G 119 53.38 -9.86 -14.42
N ASN G 120 54.00 -8.68 -14.47
CA ASN G 120 54.42 -8.09 -15.74
C ASN G 120 55.91 -7.93 -15.99
N ILE G 121 56.75 -8.52 -15.13
CA ILE G 121 58.19 -8.40 -15.30
C ILE G 121 58.71 -8.97 -16.61
N GLU G 122 59.51 -8.17 -17.31
CA GLU G 122 60.11 -8.61 -18.56
C GLU G 122 61.43 -9.29 -18.17
N VAL G 123 62.05 -9.99 -19.13
CA VAL G 123 63.32 -10.67 -18.86
C VAL G 123 64.33 -10.37 -19.96
N SER G 124 65.53 -9.99 -19.55
CA SER G 124 66.58 -9.69 -20.52
C SER G 124 67.69 -10.72 -20.47
N LYS G 125 67.88 -11.40 -21.59
CA LYS G 125 68.92 -12.43 -21.73
C LYS G 125 70.25 -11.79 -22.10
N GLY H 1 19.09 -21.71 -8.02
CA GLY H 1 19.35 -20.89 -9.24
C GLY H 1 20.83 -20.75 -9.58
N PRO H 2 21.16 -20.02 -10.66
CA PRO H 2 22.54 -19.79 -11.11
C PRO H 2 23.31 -18.98 -10.08
N PRO H 3 24.63 -19.18 -9.99
CA PRO H 3 25.45 -18.43 -9.02
C PRO H 3 25.42 -16.93 -9.27
N SER H 4 25.37 -16.17 -8.19
CA SER H 4 25.31 -14.70 -8.26
C SER H 4 26.65 -13.99 -7.97
N GLY H 5 26.89 -12.88 -8.67
CA GLY H 5 28.11 -12.10 -8.47
C GLY H 5 28.19 -11.44 -7.10
N LYS H 6 29.40 -11.24 -6.59
CA LYS H 6 29.62 -10.62 -5.28
C LYS H 6 29.33 -9.13 -5.34
N THR H 7 28.60 -8.64 -4.33
CA THR H 7 28.22 -7.23 -4.25
C THR H 7 28.68 -6.62 -2.94
N TYR H 8 28.28 -5.37 -2.68
CA TYR H 8 28.65 -4.70 -1.43
C TYR H 8 27.42 -4.51 -0.53
N MET H 9 26.37 -5.28 -0.83
CA MET H 9 25.15 -5.25 -0.04
C MET H 9 24.53 -6.64 -0.04
N GLY H 10 24.12 -7.09 1.14
CA GLY H 10 23.49 -8.40 1.27
C GLY H 10 22.02 -8.21 1.57
N TRP H 11 21.52 -8.94 2.56
CA TRP H 11 20.11 -8.85 2.95
C TRP H 11 20.04 -9.09 4.47
N TRP H 12 18.87 -8.84 5.06
CA TRP H 12 18.67 -9.05 6.50
C TRP H 12 19.30 -10.34 7.03
N GLY H 13 20.25 -10.18 7.96
CA GLY H 13 20.93 -11.33 8.54
C GLY H 13 22.32 -11.54 7.99
N HIS H 14 22.61 -10.95 6.83
CA HIS H 14 23.93 -11.04 6.20
C HIS H 14 24.14 -9.82 5.30
N MET H 15 23.89 -8.64 5.87
CA MET H 15 23.99 -7.38 5.16
C MET H 15 25.37 -7.06 4.59
N GLY H 16 26.42 -7.64 5.19
CA GLY H 16 27.77 -7.39 4.71
C GLY H 16 28.62 -6.44 5.54
N GLY H 17 28.07 -5.94 6.64
CA GLY H 17 28.82 -5.03 7.49
C GLY H 17 29.75 -5.79 8.41
N PRO H 18 30.51 -5.09 9.26
CA PRO H 18 31.42 -5.76 10.18
C PRO H 18 30.66 -6.28 11.40
N LYS H 19 31.23 -7.26 12.10
CA LYS H 19 30.59 -7.81 13.29
C LYS H 19 30.43 -6.75 14.36
N GLN H 20 29.20 -6.53 14.79
CA GLN H 20 28.90 -5.53 15.81
C GLN H 20 28.85 -6.16 17.18
N LYS H 21 29.29 -5.42 18.20
CA LYS H 21 29.31 -5.89 19.58
C LYS H 21 29.49 -4.65 20.45
N GLY H 22 28.88 -4.66 21.64
CA GLY H 22 29.02 -3.53 22.55
C GLY H 22 28.01 -2.41 22.39
N ILE H 23 27.38 -2.33 21.22
CA ILE H 23 26.38 -1.28 20.96
C ILE H 23 24.98 -1.74 21.36
N THR H 24 24.27 -0.88 22.08
CA THR H 24 22.92 -1.19 22.55
C THR H 24 21.93 -0.09 22.19
N SER H 25 20.88 -0.44 21.45
CA SER H 25 19.89 0.55 21.05
C SER H 25 18.63 0.45 21.89
N TYR H 26 17.94 1.58 22.03
CA TYR H 26 16.71 1.68 22.79
C TYR H 26 15.70 2.50 22.02
N ALA H 27 14.43 2.15 22.11
CA ALA H 27 13.38 2.90 21.42
C ALA H 27 12.06 2.79 22.16
N VAL H 28 11.19 3.75 21.90
CA VAL H 28 9.88 3.81 22.51
C VAL H 28 8.82 3.85 21.42
N SER H 29 7.75 3.09 21.60
CA SER H 29 6.67 3.04 20.62
C SER H 29 6.11 4.42 20.28
N PRO H 30 5.82 4.65 18.98
CA PRO H 30 5.27 5.92 18.50
C PRO H 30 3.92 6.14 19.14
N TYR H 31 3.29 5.04 19.54
CA TYR H 31 1.98 5.07 20.18
C TYR H 31 2.03 5.69 21.57
N ALA H 32 3.15 5.52 22.26
CA ALA H 32 3.31 6.05 23.60
C ALA H 32 3.93 7.45 23.62
N GLN H 33 4.20 8.00 22.44
CA GLN H 33 4.80 9.34 22.36
C GLN H 33 3.79 10.47 22.22
N LYS H 34 4.21 11.64 22.67
CA LYS H 34 3.39 12.83 22.65
C LYS H 34 2.92 13.13 21.24
N PRO H 35 1.59 13.24 21.04
CA PRO H 35 1.03 13.53 19.71
C PRO H 35 1.73 14.73 19.09
N LEU H 36 2.02 14.62 17.80
CA LEU H 36 2.71 15.66 17.06
C LEU H 36 2.22 17.09 17.30
N GLN H 37 2.94 17.81 18.16
CA GLN H 37 2.65 19.19 18.52
C GLN H 37 3.85 19.79 19.24
N GLY H 38 4.70 18.92 19.78
CA GLY H 38 5.89 19.36 20.49
C GLY H 38 7.03 19.80 19.59
N ILE H 39 6.79 19.80 18.28
CA ILE H 39 7.82 20.22 17.33
C ILE H 39 7.84 21.74 17.22
N PHE H 40 7.84 22.37 18.39
CA PHE H 40 7.87 23.82 18.56
C PHE H 40 8.32 24.06 20.01
N HIS H 41 8.83 25.26 20.28
CA HIS H 41 9.32 25.62 21.62
C HIS H 41 10.66 24.93 21.88
N ASN H 42 10.71 23.64 21.56
CA ASN H 42 11.92 22.83 21.74
C ASN H 42 12.56 22.54 20.39
N ALA H 43 11.73 22.48 19.34
CA ALA H 43 12.19 22.20 17.99
C ALA H 43 11.77 23.30 17.03
N VAL H 44 12.34 24.50 17.22
CA VAL H 44 12.04 25.65 16.38
C VAL H 44 13.30 26.51 16.23
N PHE H 45 13.94 26.80 17.35
CA PHE H 45 15.17 27.60 17.35
C PHE H 45 16.32 26.72 16.87
N ASN H 46 16.15 25.41 17.07
CA ASN H 46 17.14 24.42 16.66
C ASN H 46 17.11 24.30 15.14
N SER H 47 15.92 24.46 14.56
CA SER H 47 15.74 24.39 13.12
C SER H 47 16.38 25.60 12.44
N PHE H 48 16.37 25.60 11.11
CA PHE H 48 16.96 26.67 10.31
C PHE H 48 18.49 26.71 10.44
N ARG H 49 19.00 25.89 11.35
CA ARG H 49 20.44 25.78 11.59
C ARG H 49 21.13 25.14 10.40
N ARG H 50 20.50 24.12 9.82
CA ARG H 50 21.07 23.41 8.68
C ARG H 50 20.98 24.19 7.36
N PHE H 51 20.99 25.52 7.47
CA PHE H 51 20.95 26.38 6.30
C PHE H 51 21.78 27.64 6.57
N LYS H 52 22.13 27.85 7.83
CA LYS H 52 22.95 28.98 8.24
C LYS H 52 24.41 28.58 7.98
N SER H 53 24.64 27.28 7.88
CA SER H 53 25.97 26.73 7.63
C SER H 53 26.18 26.57 6.12
N GLN H 54 25.08 26.50 5.38
CA GLN H 54 25.12 26.30 3.93
C GLN H 54 24.91 27.48 3.01
N PHE H 55 24.03 28.41 3.39
CA PHE H 55 23.71 29.55 2.53
C PHE H 55 24.86 30.28 1.85
N LEU H 56 26.04 30.29 2.46
CA LEU H 56 27.18 30.96 1.85
C LEU H 56 27.62 30.26 0.57
N TYR H 57 27.66 28.92 0.62
CA TYR H 57 28.04 28.12 -0.53
C TYR H 57 27.04 28.30 -1.67
N VAL H 58 25.84 28.77 -1.34
CA VAL H 58 24.79 28.99 -2.34
C VAL H 58 24.70 30.48 -2.72
N LEU H 59 24.76 31.35 -1.72
CA LEU H 59 24.66 32.80 -1.92
C LEU H 59 25.77 33.45 -2.72
N ILE H 60 27.02 33.15 -2.38
CA ILE H 60 28.13 33.73 -3.11
C ILE H 60 28.10 33.40 -4.61
N PRO H 61 28.00 32.10 -4.97
CA PRO H 61 27.97 31.75 -6.40
C PRO H 61 26.73 32.35 -7.07
N ALA H 62 25.65 32.49 -6.30
CA ALA H 62 24.42 33.08 -6.81
C ALA H 62 24.67 34.56 -7.05
N GLY H 63 25.19 35.24 -6.02
CA GLY H 63 25.50 36.66 -6.11
C GLY H 63 26.38 36.94 -7.32
N ILE H 64 27.48 36.20 -7.42
CA ILE H 64 28.41 36.36 -8.54
C ILE H 64 27.64 36.29 -9.86
N TYR H 65 26.84 35.26 -10.03
CA TYR H 65 26.08 35.12 -11.28
C TYR H 65 24.97 36.15 -11.48
N TRP H 66 24.39 36.65 -10.40
CA TRP H 66 23.34 37.64 -10.56
C TRP H 66 23.92 38.98 -11.05
N TYR H 67 25.03 39.41 -10.46
CA TYR H 67 25.64 40.66 -10.87
C TYR H 67 26.16 40.59 -12.31
N TRP H 68 26.73 39.45 -12.68
CA TRP H 68 27.25 39.25 -14.03
C TRP H 68 26.11 39.40 -15.02
N TRP H 69 24.97 38.82 -14.69
CA TRP H 69 23.78 38.89 -15.55
C TRP H 69 23.23 40.31 -15.65
N LYS H 70 23.07 40.96 -14.49
CA LYS H 70 22.54 42.33 -14.44
C LYS H 70 23.43 43.31 -15.19
N ASN H 71 24.74 43.12 -15.09
CA ASN H 71 25.69 43.98 -15.77
C ASN H 71 25.52 43.89 -17.29
N GLY H 72 25.61 42.67 -17.81
CA GLY H 72 25.47 42.47 -19.24
C GLY H 72 24.13 42.91 -19.80
N ASN H 73 23.08 42.81 -18.98
CA ASN H 73 21.74 43.20 -19.42
C ASN H 73 21.65 44.71 -19.57
N GLU H 74 22.05 45.44 -18.53
CA GLU H 74 22.04 46.90 -18.54
C GLU H 74 22.90 47.47 -19.65
N TYR H 75 23.96 46.75 -20.01
CA TYR H 75 24.86 47.16 -21.07
C TYR H 75 24.13 47.00 -22.41
N ASN H 76 23.38 45.91 -22.54
CA ASN H 76 22.62 45.62 -23.76
C ASN H 76 21.59 46.71 -24.02
N GLU H 77 20.88 47.08 -22.97
CA GLU H 77 19.84 48.09 -23.01
C GLU H 77 20.42 49.41 -23.52
N PHE H 78 21.57 49.78 -22.97
CA PHE H 78 22.24 51.00 -23.37
C PHE H 78 22.63 50.96 -24.85
N LEU H 79 23.28 49.88 -25.26
CA LEU H 79 23.71 49.72 -26.64
C LEU H 79 22.60 49.93 -27.67
N TYR H 80 21.39 49.51 -27.33
CA TYR H 80 20.28 49.63 -28.27
C TYR H 80 19.37 50.85 -28.08
N SER H 81 19.79 51.76 -27.20
CA SER H 81 19.04 52.99 -26.98
C SER H 81 19.67 54.02 -27.92
N LYS H 82 19.21 55.27 -27.86
CA LYS H 82 19.74 56.32 -28.73
C LYS H 82 21.18 56.65 -28.32
N ALA H 83 21.36 56.93 -27.04
CA ALA H 83 22.65 57.29 -26.47
C ALA H 83 23.80 56.35 -26.85
N GLY H 84 23.51 55.08 -27.00
CA GLY H 84 24.55 54.11 -27.32
C GLY H 84 24.70 53.64 -28.75
N ARG H 85 23.94 54.21 -29.69
CA ARG H 85 24.03 53.79 -31.08
C ARG H 85 25.43 54.00 -31.67
N GLU H 86 26.21 54.86 -31.02
CA GLU H 86 27.57 55.16 -31.47
C GLU H 86 28.50 54.02 -31.03
N GLU H 87 28.43 53.66 -29.74
CA GLU H 87 29.24 52.58 -29.21
C GLU H 87 28.80 51.24 -29.82
N LEU H 88 27.53 51.15 -30.20
CA LEU H 88 26.98 49.94 -30.79
C LEU H 88 27.67 49.65 -32.12
N GLU H 89 27.92 50.69 -32.91
CA GLU H 89 28.59 50.51 -34.20
C GLU H 89 30.06 50.12 -34.01
N ARG H 90 30.58 50.39 -32.82
CA ARG H 90 31.96 50.08 -32.47
C ARG H 90 32.13 48.61 -32.06
N VAL H 91 31.31 48.16 -31.11
CA VAL H 91 31.37 46.78 -30.62
C VAL H 91 30.66 45.72 -31.45
N ASN H 92 29.64 46.15 -32.20
CA ASN H 92 28.84 45.23 -33.03
C ASN H 92 29.66 44.33 -33.95
N VAL H 93 29.78 44.73 -35.21
CA VAL H 93 30.54 43.93 -36.18
C VAL H 93 32.03 43.95 -35.82
N SER I 1 -8.56 12.18 22.44
CA SER I 1 -9.90 12.71 22.04
C SER I 1 -10.96 11.62 22.18
N SER I 2 -11.82 11.77 23.17
CA SER I 2 -12.89 10.81 23.42
C SER I 2 -13.97 10.81 22.33
N LEU I 3 -13.93 11.82 21.47
CA LEU I 3 -14.89 11.93 20.38
C LEU I 3 -14.65 10.81 19.36
N TYR I 4 -13.39 10.40 19.25
CA TYR I 4 -13.01 9.32 18.33
C TYR I 4 -13.42 7.97 18.91
N LYS I 5 -13.09 7.74 20.18
CA LYS I 5 -13.40 6.48 20.86
C LYS I 5 -14.89 6.13 20.95
N THR I 6 -15.77 7.08 20.64
CA THR I 6 -17.21 6.81 20.69
C THR I 6 -17.71 6.15 19.41
N PHE I 7 -17.11 6.51 18.28
CA PHE I 7 -17.49 5.96 16.98
C PHE I 7 -16.68 4.74 16.56
N PHE I 8 -15.36 4.78 16.78
CA PHE I 8 -14.48 3.71 16.34
C PHE I 8 -13.83 2.85 17.44
N LYS I 9 -13.84 3.35 18.68
CA LYS I 9 -13.30 2.65 19.85
C LYS I 9 -11.92 1.99 19.68
N ARG I 10 -10.88 2.77 19.89
CA ARG I 10 -9.48 2.33 19.79
C ARG I 10 -9.03 1.53 18.54
N ASN I 11 -9.90 1.43 17.54
CA ASN I 11 -9.58 0.75 16.29
C ASN I 11 -9.55 1.77 15.17
N ALA I 12 -8.86 1.45 14.09
CA ALA I 12 -8.79 2.36 12.95
C ALA I 12 -10.09 2.30 12.15
N VAL I 13 -10.26 3.22 11.21
CA VAL I 13 -11.45 3.25 10.38
C VAL I 13 -11.26 2.22 9.26
N PHE I 14 -12.27 1.40 9.02
CA PHE I 14 -12.19 0.35 7.99
C PHE I 14 -12.56 0.82 6.58
N VAL I 15 -12.01 0.13 5.56
CA VAL I 15 -12.24 0.48 4.15
C VAL I 15 -13.70 0.79 3.82
N GLY I 16 -14.62 -0.06 4.26
CA GLY I 16 -16.04 0.13 3.99
C GLY I 16 -16.56 1.48 4.44
N THR I 17 -16.20 1.86 5.66
CA THR I 17 -16.61 3.14 6.23
C THR I 17 -15.92 4.29 5.50
N ILE I 18 -14.72 4.02 4.99
CA ILE I 18 -13.94 5.01 4.23
C ILE I 18 -14.63 5.24 2.89
N PHE I 19 -14.88 4.15 2.16
CA PHE I 19 -15.54 4.23 0.86
C PHE I 19 -16.89 4.93 0.97
N ALA I 20 -17.67 4.53 1.98
CA ALA I 20 -18.99 5.12 2.21
C ALA I 20 -18.89 6.61 2.45
N GLY I 21 -17.95 7.02 3.29
CA GLY I 21 -17.75 8.42 3.58
C GLY I 21 -17.32 9.20 2.35
N ALA I 22 -16.51 8.57 1.50
CA ALA I 22 -16.01 9.19 0.27
C ALA I 22 -17.14 9.57 -0.68
N PHE I 23 -18.14 8.69 -0.80
CA PHE I 23 -19.29 8.94 -1.67
C PHE I 23 -20.13 10.12 -1.14
N VAL I 24 -20.24 10.22 0.18
CA VAL I 24 -21.00 11.29 0.81
C VAL I 24 -20.24 12.60 0.60
N PHE I 25 -18.95 12.58 0.88
CA PHE I 25 -18.08 13.75 0.74
C PHE I 25 -18.14 14.35 -0.67
N GLN I 26 -18.00 13.50 -1.67
CA GLN I 26 -18.02 13.93 -3.06
C GLN I 26 -19.21 14.79 -3.44
N THR I 27 -20.38 14.49 -2.90
CA THR I 27 -21.59 15.24 -3.21
C THR I 27 -21.70 16.54 -2.41
N VAL I 28 -21.49 16.45 -1.10
CA VAL I 28 -21.58 17.59 -0.20
C VAL I 28 -20.57 18.68 -0.57
N PHE I 29 -19.33 18.27 -0.79
CA PHE I 29 -18.24 19.17 -1.14
C PHE I 29 -18.51 19.90 -2.46
N ASP I 30 -18.98 19.17 -3.47
CA ASP I 30 -19.26 19.76 -4.77
C ASP I 30 -20.34 20.84 -4.73
N THR I 31 -21.34 20.63 -3.86
CA THR I 31 -22.42 21.60 -3.74
C THR I 31 -21.88 22.83 -3.01
N ALA I 32 -21.12 22.61 -1.94
CA ALA I 32 -20.53 23.70 -1.17
C ALA I 32 -19.67 24.61 -2.05
N ILE I 33 -18.88 24.00 -2.94
CA ILE I 33 -17.99 24.74 -3.83
C ILE I 33 -18.75 25.47 -4.93
N THR I 34 -19.62 24.77 -5.64
CA THR I 34 -20.40 25.40 -6.71
C THR I 34 -21.18 26.60 -6.16
N SER I 35 -21.68 26.47 -4.93
CA SER I 35 -22.43 27.53 -4.27
C SER I 35 -21.56 28.75 -4.05
N TRP I 36 -20.53 28.59 -3.24
CA TRP I 36 -19.61 29.67 -2.93
C TRP I 36 -19.10 30.35 -4.20
N TYR I 37 -18.75 29.55 -5.20
CA TYR I 37 -18.23 30.03 -6.47
C TYR I 37 -19.23 30.92 -7.21
N GLU I 38 -20.46 30.45 -7.38
CA GLU I 38 -21.50 31.23 -8.07
C GLU I 38 -21.87 32.51 -7.33
N ASN I 39 -21.84 32.46 -6.00
CA ASN I 39 -22.18 33.62 -5.20
C ASN I 39 -21.09 34.68 -5.34
N HIS I 40 -19.83 34.23 -5.38
CA HIS I 40 -18.69 35.13 -5.52
C HIS I 40 -18.75 35.88 -6.85
N ASN I 41 -19.26 35.21 -7.89
CA ASN I 41 -19.36 35.82 -9.20
C ASN I 41 -20.76 36.29 -9.58
N LYS I 42 -21.57 36.59 -8.57
CA LYS I 42 -22.94 37.07 -8.79
C LYS I 42 -22.92 38.34 -9.63
N GLY I 43 -23.73 38.36 -10.69
CA GLY I 43 -23.80 39.52 -11.56
C GLY I 43 -23.05 39.30 -12.87
N LYS I 44 -22.09 38.39 -12.86
CA LYS I 44 -21.27 38.10 -14.04
C LYS I 44 -21.73 36.90 -14.85
N LEU I 45 -22.41 35.96 -14.18
CA LEU I 45 -22.92 34.74 -14.81
C LEU I 45 -24.04 34.93 -15.83
N TRP I 46 -24.28 33.90 -16.62
CA TRP I 46 -25.34 33.90 -17.63
C TRP I 46 -26.69 33.91 -16.94
N LYS I 47 -26.80 33.23 -15.80
CA LYS I 47 -28.04 33.18 -15.03
C LYS I 47 -28.46 34.62 -14.77
N ASP I 48 -27.52 35.38 -14.22
CA ASP I 48 -27.74 36.78 -13.88
C ASP I 48 -28.02 37.66 -15.10
N VAL I 49 -27.35 37.36 -16.21
CA VAL I 49 -27.55 38.13 -17.44
C VAL I 49 -28.89 37.81 -18.10
N LYS I 50 -29.32 36.55 -18.00
CA LYS I 50 -30.59 36.09 -18.60
C LYS I 50 -31.78 36.80 -17.98
N ALA I 51 -31.68 37.12 -16.69
CA ALA I 51 -32.75 37.81 -15.97
C ALA I 51 -32.92 39.25 -16.47
N ARG I 52 -31.79 39.91 -16.72
CA ARG I 52 -31.78 41.29 -17.21
C ARG I 52 -32.17 41.37 -18.69
N ILE I 53 -32.48 40.22 -19.27
CA ILE I 53 -32.88 40.13 -20.67
C ILE I 53 -34.34 39.69 -20.74
N ALA I 54 -35.07 40.19 -21.73
CA ALA I 54 -36.48 39.86 -21.90
C ALA I 54 -36.84 39.73 -23.39
N ALA I 55 -36.96 38.50 -23.85
CA ALA I 55 -37.29 38.23 -25.25
C ALA I 55 -38.11 36.93 -25.39
N GLU J 1 -54.41 -18.75 -41.82
CA GLU J 1 -55.66 -18.03 -42.21
C GLU J 1 -56.69 -18.00 -41.08
N VAL J 2 -57.43 -16.91 -41.00
CA VAL J 2 -58.46 -16.75 -39.97
C VAL J 2 -59.81 -17.23 -40.49
N LYS J 3 -60.56 -17.91 -39.62
CA LYS J 3 -61.86 -18.44 -39.98
C LYS J 3 -62.89 -18.20 -38.87
N LEU J 4 -64.09 -17.80 -39.28
CA LEU J 4 -65.19 -17.56 -38.35
C LEU J 4 -66.37 -18.48 -38.70
N GLN J 5 -66.73 -19.35 -37.77
CA GLN J 5 -67.85 -20.27 -37.96
C GLN J 5 -68.97 -19.95 -36.98
N GLU J 6 -70.17 -19.73 -37.50
CA GLU J 6 -71.33 -19.42 -36.68
C GLU J 6 -72.25 -20.61 -36.44
N SER J 7 -72.86 -20.65 -35.25
CA SER J 7 -73.78 -21.72 -34.89
C SER J 7 -74.77 -21.21 -33.83
N GLY J 8 -75.93 -21.85 -33.74
CA GLY J 8 -76.93 -21.44 -32.76
C GLY J 8 -78.36 -21.55 -33.24
N ALA J 9 -79.28 -21.12 -32.38
CA ALA J 9 -80.72 -21.16 -32.66
C ALA J 9 -81.17 -20.37 -33.89
N GLY J 10 -81.59 -21.09 -34.92
CA GLY J 10 -82.06 -20.46 -36.15
C GLY J 10 -83.54 -20.09 -36.14
N LEU J 11 -84.16 -20.12 -34.96
CA LEU J 11 -85.58 -19.80 -34.82
C LEU J 11 -85.96 -19.68 -33.33
N VAL J 12 -86.49 -18.52 -32.95
CA VAL J 12 -86.90 -18.28 -31.58
C VAL J 12 -88.30 -17.69 -31.53
N GLN J 13 -88.97 -17.89 -30.40
CA GLN J 13 -90.33 -17.38 -30.19
C GLN J 13 -90.26 -16.01 -29.55
N PRO J 14 -91.20 -15.11 -29.90
CA PRO J 14 -91.23 -13.76 -29.34
C PRO J 14 -91.21 -13.77 -27.82
N SER J 15 -90.67 -12.69 -27.24
CA SER J 15 -90.55 -12.53 -25.78
C SER J 15 -89.40 -13.36 -25.19
N GLN J 16 -88.72 -14.15 -26.02
CA GLN J 16 -87.61 -14.97 -25.58
C GLN J 16 -86.25 -14.36 -25.94
N SER J 17 -85.17 -15.08 -25.61
CA SER J 17 -83.82 -14.62 -25.90
C SER J 17 -83.12 -15.33 -27.05
N LEU J 18 -82.57 -14.53 -27.97
CA LEU J 18 -81.84 -15.04 -29.12
C LEU J 18 -80.36 -15.16 -28.74
N SER J 19 -79.81 -16.37 -28.84
CA SER J 19 -78.42 -16.61 -28.50
C SER J 19 -77.64 -17.23 -29.65
N LEU J 20 -76.62 -16.49 -30.11
CA LEU J 20 -75.77 -16.94 -31.21
C LEU J 20 -74.31 -16.98 -30.80
N THR J 21 -73.60 -18.01 -31.25
CA THR J 21 -72.18 -18.16 -30.93
C THR J 21 -71.27 -18.12 -32.17
N CYS J 22 -70.14 -17.41 -32.05
CA CYS J 22 -69.17 -17.27 -33.14
C CYS J 22 -67.82 -17.86 -32.70
N SER J 23 -67.38 -18.90 -33.39
CA SER J 23 -66.12 -19.58 -33.08
C SER J 23 -64.98 -19.19 -34.03
N VAL J 24 -63.86 -18.75 -33.46
CA VAL J 24 -62.72 -18.32 -34.26
C VAL J 24 -61.55 -19.32 -34.22
N THR J 25 -60.97 -19.58 -35.38
CA THR J 25 -59.85 -20.49 -35.51
C THR J 25 -58.75 -19.83 -36.33
N GLY J 26 -57.51 -19.94 -35.87
CA GLY J 26 -56.37 -19.35 -36.58
C GLY J 26 -55.97 -17.98 -36.08
N TYR J 27 -56.47 -17.59 -34.92
CA TYR J 27 -56.19 -16.29 -34.30
C TYR J 27 -56.95 -16.25 -32.99
N SER J 28 -56.41 -15.60 -31.97
CA SER J 28 -57.08 -15.54 -30.68
C SER J 28 -57.82 -14.22 -30.43
N ILE J 29 -58.96 -14.33 -29.78
CA ILE J 29 -59.82 -13.19 -29.45
C ILE J 29 -59.09 -12.18 -28.59
N THR J 30 -58.20 -12.67 -27.73
CA THR J 30 -57.41 -11.83 -26.83
C THR J 30 -56.15 -11.28 -27.50
N SER J 31 -55.78 -11.86 -28.64
CA SER J 31 -54.59 -11.45 -29.37
C SER J 31 -54.58 -10.05 -29.96
N GLY J 32 -55.73 -9.51 -30.36
CA GLY J 32 -55.67 -8.18 -30.94
C GLY J 32 -56.78 -7.16 -31.15
N TYR J 33 -57.52 -7.31 -32.25
CA TYR J 33 -58.54 -6.32 -32.63
C TYR J 33 -59.96 -6.30 -32.04
N TYR J 34 -60.93 -5.98 -32.89
CA TYR J 34 -62.35 -5.88 -32.49
C TYR J 34 -63.26 -6.96 -33.08
N TRP J 35 -64.14 -7.50 -32.23
CA TRP J 35 -65.07 -8.56 -32.62
C TRP J 35 -66.53 -8.10 -32.66
N ASN J 36 -67.06 -8.00 -33.87
CA ASN J 36 -68.41 -7.52 -34.09
C ASN J 36 -69.53 -8.52 -34.43
N TRP J 37 -70.75 -8.02 -34.27
CA TRP J 37 -72.00 -8.72 -34.55
C TRP J 37 -72.84 -7.73 -35.33
N ILE J 38 -73.36 -8.14 -36.48
CA ILE J 38 -74.22 -7.27 -37.28
C ILE J 38 -75.33 -8.08 -37.96
N ARG J 39 -76.53 -7.51 -38.05
CA ARG J 39 -77.67 -8.20 -38.66
C ARG J 39 -78.05 -7.63 -40.03
N LEU J 40 -78.59 -8.49 -40.89
CA LEU J 40 -79.02 -8.08 -42.22
C LEU J 40 -80.54 -8.25 -42.37
N PHE J 41 -81.26 -7.15 -42.27
CA PHE J 41 -82.71 -7.15 -42.40
C PHE J 41 -83.12 -7.46 -43.84
N PRO J 42 -84.32 -8.06 -44.02
CA PRO J 42 -84.86 -8.41 -45.35
C PRO J 42 -85.04 -7.21 -46.28
N GLY J 43 -85.12 -6.02 -45.69
CA GLY J 43 -85.26 -4.80 -46.47
C GLY J 43 -83.93 -4.26 -46.94
N ASN J 44 -82.88 -5.05 -46.76
CA ASN J 44 -81.51 -4.72 -47.14
C ASN J 44 -80.88 -3.48 -46.49
N LYS J 45 -80.86 -3.46 -45.17
CA LYS J 45 -80.25 -2.36 -44.44
C LYS J 45 -79.43 -2.92 -43.29
N LEU J 46 -78.15 -3.17 -43.58
CA LEU J 46 -77.24 -3.70 -42.57
C LEU J 46 -77.19 -2.79 -41.36
N GLU J 47 -77.16 -3.39 -40.18
CA GLU J 47 -77.11 -2.64 -38.95
C GLU J 47 -76.02 -3.18 -38.03
N TRP J 48 -75.17 -2.28 -37.55
CA TRP J 48 -74.09 -2.67 -36.64
C TRP J 48 -74.74 -2.87 -35.28
N VAL J 49 -74.54 -4.05 -34.71
CA VAL J 49 -75.10 -4.38 -33.41
C VAL J 49 -74.17 -3.95 -32.27
N GLY J 50 -72.93 -4.43 -32.31
CA GLY J 50 -71.96 -4.09 -31.27
C GLY J 50 -70.68 -4.90 -31.34
N TYR J 51 -69.85 -4.80 -30.30
CA TYR J 51 -68.60 -5.56 -30.26
C TYR J 51 -68.04 -5.81 -28.87
N ILE J 52 -66.95 -6.57 -28.85
CA ILE J 52 -66.22 -6.89 -27.63
C ILE J 52 -64.75 -6.83 -28.06
N SER J 53 -63.94 -6.08 -27.32
CA SER J 53 -62.52 -5.97 -27.64
C SER J 53 -61.72 -7.16 -27.16
N ASN J 54 -60.44 -7.19 -27.51
CA ASN J 54 -59.53 -8.27 -27.11
C ASN J 54 -59.29 -8.20 -25.61
N VAL J 55 -59.57 -7.03 -25.04
CA VAL J 55 -59.40 -6.76 -23.62
C VAL J 55 -60.66 -7.19 -22.86
N GLY J 56 -61.81 -7.06 -23.52
CA GLY J 56 -63.07 -7.44 -22.91
C GLY J 56 -64.03 -6.27 -22.73
N ASP J 57 -63.76 -5.16 -23.42
CA ASP J 57 -64.60 -3.98 -23.35
C ASP J 57 -65.75 -4.07 -24.34
N ASN J 58 -66.94 -3.70 -23.87
CA ASN J 58 -68.13 -3.74 -24.70
C ASN J 58 -68.47 -2.37 -25.28
N ASN J 59 -69.16 -2.39 -26.42
CA ASN J 59 -69.60 -1.18 -27.10
C ASN J 59 -70.75 -1.60 -28.01
N TYR J 60 -71.95 -1.15 -27.64
CA TYR J 60 -73.16 -1.51 -28.38
C TYR J 60 -73.78 -0.32 -29.12
N ASN J 61 -74.74 -0.62 -29.98
CA ASN J 61 -75.48 0.40 -30.73
C ASN J 61 -76.52 0.90 -29.72
N PRO J 62 -76.61 2.23 -29.52
CA PRO J 62 -77.58 2.80 -28.57
C PRO J 62 -79.01 2.34 -28.85
N SER J 63 -79.26 2.01 -30.11
CA SER J 63 -80.57 1.55 -30.57
C SER J 63 -81.01 0.26 -29.86
N LEU J 64 -80.04 -0.52 -29.37
CA LEU J 64 -80.34 -1.79 -28.70
C LEU J 64 -79.61 -2.00 -27.37
N LYS J 65 -78.63 -1.13 -27.07
CA LYS J 65 -77.80 -1.23 -25.86
C LYS J 65 -78.39 -1.81 -24.57
N ASP J 66 -79.65 -1.52 -24.29
CA ASP J 66 -80.31 -2.00 -23.07
C ASP J 66 -80.82 -3.45 -23.13
N ARG J 67 -80.70 -4.08 -24.29
CA ARG J 67 -81.18 -5.45 -24.47
C ARG J 67 -80.09 -6.51 -24.71
N LEU J 68 -79.22 -6.25 -25.68
CA LEU J 68 -78.15 -7.19 -26.03
C LEU J 68 -77.01 -7.34 -25.01
N SER J 69 -76.26 -8.42 -25.15
CA SER J 69 -75.14 -8.73 -24.28
C SER J 69 -74.15 -9.59 -25.05
N ILE J 70 -72.94 -9.07 -25.24
CA ILE J 70 -71.90 -9.77 -25.97
C ILE J 70 -70.79 -10.21 -25.01
N THR J 71 -70.64 -11.52 -24.85
CA THR J 71 -69.63 -12.07 -23.97
C THR J 71 -68.68 -12.99 -24.76
N ARG J 72 -67.71 -13.58 -24.07
CA ARG J 72 -66.75 -14.46 -24.73
C ARG J 72 -66.25 -15.56 -23.81
N ASP J 73 -65.46 -16.46 -24.38
CA ASP J 73 -64.86 -17.56 -23.65
C ASP J 73 -63.48 -17.80 -24.23
N THR J 74 -62.48 -17.18 -23.60
CA THR J 74 -61.08 -17.25 -24.01
C THR J 74 -60.61 -18.69 -24.23
N SER J 75 -61.06 -19.59 -23.35
CA SER J 75 -60.70 -21.00 -23.41
C SER J 75 -61.08 -21.70 -24.73
N LYS J 76 -62.32 -21.49 -25.17
CA LYS J 76 -62.79 -22.10 -26.41
C LYS J 76 -62.61 -21.20 -27.63
N ASN J 77 -62.22 -19.95 -27.36
CA ASN J 77 -61.98 -18.94 -28.40
C ASN J 77 -63.24 -18.66 -29.22
N GLN J 78 -64.23 -18.09 -28.55
CA GLN J 78 -65.51 -17.76 -29.17
C GLN J 78 -66.26 -16.68 -28.40
N PHE J 79 -66.94 -15.80 -29.12
CA PHE J 79 -67.73 -14.74 -28.51
C PHE J 79 -69.22 -14.96 -28.84
N PHE J 80 -70.09 -14.47 -27.97
CA PHE J 80 -71.52 -14.66 -28.14
C PHE J 80 -72.39 -13.41 -28.22
N LEU J 81 -73.58 -13.59 -28.78
CA LEU J 81 -74.58 -12.53 -28.89
C LEU J 81 -75.81 -13.02 -28.11
N LYS J 82 -76.45 -12.09 -27.40
CA LYS J 82 -77.64 -12.44 -26.64
C LYS J 82 -78.62 -11.27 -26.67
N LEU J 83 -79.56 -11.33 -27.60
CA LEU J 83 -80.57 -10.29 -27.77
C LEU J 83 -81.86 -10.68 -27.01
N ASN J 84 -82.11 -10.00 -25.89
CA ASN J 84 -83.27 -10.27 -25.05
C ASN J 84 -84.60 -9.76 -25.59
N SER J 85 -85.68 -10.43 -25.15
CA SER J 85 -87.07 -10.12 -25.52
C SER J 85 -87.27 -9.76 -26.99
N VAL J 86 -86.95 -10.72 -27.86
CA VAL J 86 -87.07 -10.53 -29.30
C VAL J 86 -88.49 -10.26 -29.78
N THR J 87 -88.57 -9.58 -30.92
CA THR J 87 -89.84 -9.20 -31.55
C THR J 87 -89.71 -9.59 -33.02
N THR J 88 -90.79 -9.49 -33.78
CA THR J 88 -90.75 -9.81 -35.21
C THR J 88 -89.80 -8.86 -35.93
N GLU J 89 -89.42 -7.78 -35.24
CA GLU J 89 -88.47 -6.79 -35.76
C GLU J 89 -87.09 -7.43 -35.92
N ASP J 90 -86.71 -8.21 -34.90
CA ASP J 90 -85.43 -8.89 -34.84
C ASP J 90 -85.27 -10.08 -35.79
N THR J 91 -86.04 -10.10 -36.88
CA THR J 91 -85.95 -11.19 -37.85
C THR J 91 -85.00 -10.80 -38.97
N ALA J 92 -83.86 -11.46 -39.01
CA ALA J 92 -82.84 -11.19 -40.02
C ALA J 92 -81.70 -12.20 -39.93
N THR J 93 -80.81 -12.16 -40.93
CA THR J 93 -79.65 -13.04 -40.93
C THR J 93 -78.54 -12.31 -40.16
N TYR J 94 -78.01 -12.95 -39.12
CA TYR J 94 -76.97 -12.36 -38.30
C TYR J 94 -75.55 -12.77 -38.70
N TYR J 95 -74.61 -11.84 -38.59
CA TYR J 95 -73.21 -12.08 -38.95
C TYR J 95 -72.24 -11.67 -37.84
N CYS J 96 -71.12 -12.39 -37.74
CA CYS J 96 -70.07 -12.04 -36.78
C CYS J 96 -68.85 -11.72 -37.64
N ALA J 97 -68.13 -10.66 -37.29
CA ALA J 97 -66.94 -10.26 -38.07
C ALA J 97 -65.91 -9.53 -37.24
N ARG J 98 -64.66 -9.61 -37.68
CA ARG J 98 -63.55 -8.94 -37.01
C ARG J 98 -63.19 -7.66 -37.76
N SER J 99 -62.94 -6.59 -37.01
CA SER J 99 -62.54 -5.34 -37.61
C SER J 99 -61.18 -4.91 -37.07
N GLU J 100 -60.29 -4.51 -37.98
CA GLU J 100 -58.96 -4.05 -37.59
C GLU J 100 -59.05 -2.57 -37.32
N TYR J 101 -58.03 -2.06 -36.63
CA TYR J 101 -57.97 -0.64 -36.35
C TYR J 101 -56.55 -0.10 -36.47
N TYR J 102 -56.39 0.81 -37.43
CA TYR J 102 -55.13 1.48 -37.69
C TYR J 102 -55.46 2.96 -37.51
N SER J 103 -54.68 3.67 -36.72
CA SER J 103 -54.94 5.10 -36.45
C SER J 103 -55.10 6.02 -37.66
N VAL J 104 -54.61 5.61 -38.82
CA VAL J 104 -54.73 6.44 -40.02
C VAL J 104 -55.90 6.07 -40.91
N THR J 105 -56.10 4.78 -41.17
CA THR J 105 -57.20 4.32 -42.02
C THR J 105 -58.48 3.97 -41.27
N GLY J 106 -58.42 3.99 -39.94
CA GLY J 106 -59.59 3.68 -39.13
C GLY J 106 -59.96 2.20 -39.13
N TYR J 107 -61.20 1.91 -38.72
CA TYR J 107 -61.73 0.55 -38.65
C TYR J 107 -62.09 -0.03 -40.01
N ALA J 108 -62.21 -1.36 -40.04
CA ALA J 108 -62.56 -2.11 -41.25
C ALA J 108 -62.77 -3.58 -40.88
N MET J 109 -63.88 -4.16 -41.35
CA MET J 109 -64.18 -5.57 -41.07
C MET J 109 -63.66 -6.44 -42.21
N ASP J 110 -62.59 -7.17 -41.92
CA ASP J 110 -61.92 -8.03 -42.90
C ASP J 110 -62.27 -9.51 -42.88
N TYR J 111 -62.69 -10.02 -41.73
CA TYR J 111 -63.05 -11.43 -41.62
C TYR J 111 -64.50 -11.58 -41.18
N TRP J 112 -65.31 -12.13 -42.09
CA TRP J 112 -66.74 -12.32 -41.84
C TRP J 112 -67.13 -13.77 -41.63
N GLY J 113 -68.20 -13.95 -40.85
CA GLY J 113 -68.72 -15.28 -40.60
C GLY J 113 -69.68 -15.68 -41.72
N GLN J 114 -70.06 -16.95 -41.73
CA GLN J 114 -70.97 -17.51 -42.74
C GLN J 114 -72.34 -16.83 -42.80
N GLY J 115 -72.89 -16.53 -41.63
CA GLY J 115 -74.19 -15.90 -41.57
C GLY J 115 -75.25 -16.88 -41.11
N THR J 116 -75.84 -16.61 -39.95
CA THR J 116 -76.89 -17.45 -39.39
C THR J 116 -78.25 -16.76 -39.53
N THR J 117 -79.13 -17.35 -40.33
CA THR J 117 -80.47 -16.81 -40.56
C THR J 117 -81.44 -17.19 -39.44
N VAL J 118 -81.96 -16.18 -38.72
CA VAL J 118 -82.91 -16.44 -37.64
C VAL J 118 -84.27 -15.80 -37.90
N THR J 119 -85.32 -16.51 -37.50
CA THR J 119 -86.69 -16.05 -37.69
C THR J 119 -87.46 -16.03 -36.37
N VAL J 120 -88.10 -14.90 -36.08
CA VAL J 120 -88.89 -14.78 -34.86
C VAL J 120 -90.33 -15.18 -35.20
N SER J 121 -90.59 -16.48 -35.09
CA SER J 121 -91.89 -17.07 -35.38
C SER J 121 -92.47 -17.71 -34.12
N SER J 122 -93.79 -17.84 -34.08
CA SER J 122 -94.45 -18.45 -32.93
C SER J 122 -94.58 -19.95 -33.13
N ALA J 123 -94.11 -20.44 -34.28
CA ALA J 123 -94.17 -21.84 -34.63
C ALA J 123 -93.40 -22.74 -33.66
N TRP J 124 -93.60 -24.04 -33.81
CA TRP J 124 -92.95 -25.03 -32.97
C TRP J 124 -91.91 -25.77 -33.81
N ARG J 125 -90.79 -26.12 -33.17
CA ARG J 125 -89.70 -26.81 -33.84
C ARG J 125 -89.04 -27.80 -32.89
N HIS J 126 -88.48 -28.87 -33.45
CA HIS J 126 -87.82 -29.92 -32.67
C HIS J 126 -86.44 -29.48 -32.19
N PRO J 127 -86.24 -29.38 -30.86
CA PRO J 127 -84.96 -28.98 -30.25
C PRO J 127 -83.79 -30.00 -30.38
N ASP K 1 -77.20 10.77 -35.03
CA ASP K 1 -76.73 9.56 -35.77
C ASP K 1 -76.58 9.81 -37.26
N ILE K 2 -75.35 9.64 -37.75
CA ILE K 2 -75.05 9.83 -39.17
C ILE K 2 -75.78 8.77 -39.98
N GLU K 3 -76.04 9.06 -41.24
CA GLU K 3 -76.74 8.12 -42.12
C GLU K 3 -76.38 8.33 -43.58
N LEU K 4 -76.06 7.24 -44.27
CA LEU K 4 -75.69 7.29 -45.68
C LEU K 4 -76.87 7.05 -46.60
N THR K 5 -76.72 7.43 -47.87
CA THR K 5 -77.76 7.26 -48.87
C THR K 5 -77.14 6.73 -50.17
N GLN K 6 -77.30 5.42 -50.39
CA GLN K 6 -76.75 4.78 -51.58
C GLN K 6 -77.53 5.04 -52.86
N THR K 7 -76.96 5.88 -53.72
CA THR K 7 -77.57 6.24 -54.99
C THR K 7 -76.55 6.06 -56.12
N PRO K 8 -76.98 5.48 -57.26
CA PRO K 8 -78.32 4.97 -57.56
C PRO K 8 -78.69 3.72 -56.77
N VAL K 9 -79.98 3.52 -56.57
CA VAL K 9 -80.48 2.38 -55.84
C VAL K 9 -80.77 1.21 -56.78
N SER K 10 -80.00 0.14 -56.64
CA SER K 10 -80.16 -1.08 -57.44
C SER K 10 -80.25 -0.87 -58.96
N LEU K 11 -79.21 -0.30 -59.54
CA LEU K 11 -79.16 -0.04 -60.98
C LEU K 11 -78.45 -1.19 -61.71
N ALA K 12 -78.96 -1.57 -62.87
CA ALA K 12 -78.38 -2.64 -63.67
C ALA K 12 -77.47 -2.11 -64.79
N ALA K 13 -76.78 -3.03 -65.47
CA ALA K 13 -75.87 -2.68 -66.56
C ALA K 13 -75.58 -3.86 -67.49
N SER K 14 -74.55 -3.73 -68.32
CA SER K 14 -74.18 -4.77 -69.28
C SER K 14 -73.19 -5.83 -68.77
N LEU K 15 -72.56 -6.53 -69.71
CA LEU K 15 -71.60 -7.60 -69.41
C LEU K 15 -70.13 -7.17 -69.33
N GLY K 16 -69.88 -5.87 -69.30
CA GLY K 16 -68.51 -5.39 -69.22
C GLY K 16 -68.33 -3.93 -69.54
N ASP K 17 -68.59 -3.07 -68.54
CA ASP K 17 -68.46 -1.62 -68.70
C ASP K 17 -68.53 -0.92 -67.35
N ARG K 18 -67.86 0.23 -67.26
CA ARG K 18 -67.82 1.01 -66.02
C ARG K 18 -69.18 1.35 -65.41
N VAL K 19 -69.22 1.38 -64.08
CA VAL K 19 -70.42 1.69 -63.31
C VAL K 19 -70.03 2.49 -62.08
N THR K 20 -70.79 3.54 -61.79
CA THR K 20 -70.49 4.41 -60.65
C THR K 20 -71.62 4.50 -59.64
N ILE K 21 -71.35 4.04 -58.43
CA ILE K 21 -72.30 4.08 -57.32
C ILE K 21 -71.77 5.13 -56.34
N SER K 22 -72.62 5.60 -55.43
CA SER K 22 -72.18 6.62 -54.48
C SER K 22 -72.86 6.57 -53.11
N CYS K 23 -72.27 7.28 -52.15
CA CYS K 23 -72.76 7.35 -50.79
C CYS K 23 -72.56 8.74 -50.20
N ARG K 24 -73.65 9.36 -49.73
CA ARG K 24 -73.58 10.70 -49.14
C ARG K 24 -74.09 10.66 -47.71
N ALA K 25 -73.25 11.09 -46.76
CA ALA K 25 -73.60 11.09 -45.36
C ALA K 25 -74.29 12.37 -44.91
N SER K 26 -74.97 12.31 -43.77
CA SER K 26 -75.66 13.48 -43.21
C SER K 26 -74.66 14.42 -42.56
N GLN K 27 -73.71 13.86 -41.80
CA GLN K 27 -72.69 14.63 -41.13
C GLN K 27 -71.40 14.51 -41.94
N ASP K 28 -70.31 15.09 -41.44
CA ASP K 28 -69.03 15.04 -42.13
C ASP K 28 -68.14 13.91 -41.63
N ILE K 29 -67.72 13.06 -42.57
CA ILE K 29 -66.84 11.93 -42.28
C ILE K 29 -65.52 12.18 -43.01
N ASN K 30 -64.43 12.30 -42.26
CA ASN K 30 -63.08 12.56 -42.81
C ASN K 30 -62.87 11.93 -44.19
N ASN K 31 -62.83 10.60 -44.20
CA ASN K 31 -62.65 9.79 -45.40
C ASN K 31 -62.92 8.36 -44.98
N PHE K 32 -63.29 8.22 -43.71
CA PHE K 32 -63.59 6.94 -43.08
C PHE K 32 -64.81 6.27 -43.71
N LEU K 33 -64.64 5.70 -44.90
CA LEU K 33 -65.73 5.04 -45.62
C LEU K 33 -65.31 3.75 -46.31
N ASN K 34 -65.82 2.62 -45.82
CA ASN K 34 -65.50 1.31 -46.38
C ASN K 34 -66.60 0.82 -47.32
N TRP K 35 -66.27 -0.18 -48.13
CA TRP K 35 -67.22 -0.76 -49.09
C TRP K 35 -67.20 -2.29 -49.04
N TYR K 36 -68.35 -2.88 -48.70
CA TYR K 36 -68.48 -4.34 -48.62
C TYR K 36 -69.27 -4.91 -49.78
N GLN K 37 -68.93 -6.14 -50.18
CA GLN K 37 -69.61 -6.82 -51.27
C GLN K 37 -70.33 -8.06 -50.76
N GLN K 38 -71.66 -8.02 -50.80
CA GLN K 38 -72.46 -9.15 -50.36
C GLN K 38 -72.86 -10.03 -51.54
N LYS K 39 -72.18 -11.16 -51.67
CA LYS K 39 -72.45 -12.12 -52.75
C LYS K 39 -73.89 -12.62 -52.65
N PRO K 40 -74.46 -13.12 -53.76
CA PRO K 40 -75.83 -13.63 -53.82
C PRO K 40 -76.06 -14.86 -52.93
N ASP K 41 -74.97 -15.49 -52.49
CA ASP K 41 -75.04 -16.68 -51.65
C ASP K 41 -74.90 -16.43 -50.14
N GLY K 42 -74.95 -15.17 -49.73
CA GLY K 42 -74.83 -14.85 -48.32
C GLY K 42 -73.45 -14.44 -47.84
N THR K 43 -72.42 -14.80 -48.61
CA THR K 43 -71.02 -14.48 -48.28
C THR K 43 -70.76 -12.99 -48.46
N ILE K 44 -70.34 -12.33 -47.39
CA ILE K 44 -70.04 -10.91 -47.43
C ILE K 44 -68.53 -10.67 -47.28
N LYS K 45 -67.98 -9.90 -48.23
CA LYS K 45 -66.55 -9.58 -48.27
C LYS K 45 -66.25 -8.08 -48.18
N LEU K 46 -65.00 -7.76 -47.81
CA LEU K 46 -64.53 -6.38 -47.72
C LEU K 46 -63.84 -6.09 -49.05
N LEU K 47 -64.08 -4.91 -49.62
CA LEU K 47 -63.47 -4.54 -50.89
C LEU K 47 -62.60 -3.30 -50.83
N ILE K 48 -63.05 -2.29 -50.10
CA ILE K 48 -62.35 -1.02 -49.99
C ILE K 48 -62.49 -0.41 -48.59
N TYR K 49 -61.40 0.19 -48.10
CA TYR K 49 -61.41 0.86 -46.80
C TYR K 49 -60.70 2.21 -46.95
N TYR K 50 -61.02 3.14 -46.05
CA TYR K 50 -60.48 4.49 -46.06
C TYR K 50 -60.58 5.11 -47.46
N THR K 51 -61.81 5.14 -47.96
CA THR K 51 -62.18 5.71 -49.26
C THR K 51 -61.56 5.17 -50.57
N SER K 52 -60.36 4.59 -50.53
CA SER K 52 -59.75 4.10 -51.78
C SER K 52 -58.76 2.94 -51.67
N ARG K 53 -58.49 2.47 -50.46
CA ARG K 53 -57.53 1.37 -50.27
C ARG K 53 -58.08 -0.04 -50.49
N LEU K 54 -57.53 -0.72 -51.49
CA LEU K 54 -57.95 -2.09 -51.82
C LEU K 54 -57.58 -3.12 -50.76
N HIS K 55 -58.47 -4.08 -50.56
CA HIS K 55 -58.25 -5.15 -49.60
C HIS K 55 -57.55 -6.30 -50.33
N ALA K 56 -57.03 -7.27 -49.56
CA ALA K 56 -56.33 -8.41 -50.13
C ALA K 56 -57.23 -9.30 -50.99
N GLY K 57 -56.91 -9.40 -52.27
CA GLY K 57 -57.68 -10.24 -53.16
C GLY K 57 -58.56 -9.51 -54.17
N VAL K 58 -59.10 -8.35 -53.79
CA VAL K 58 -59.95 -7.58 -54.68
C VAL K 58 -59.17 -7.14 -55.92
N PRO K 59 -59.72 -7.42 -57.12
CA PRO K 59 -59.10 -7.07 -58.40
C PRO K 59 -58.82 -5.58 -58.59
N SER K 60 -57.83 -5.28 -59.44
CA SER K 60 -57.42 -3.92 -59.73
C SER K 60 -58.51 -3.03 -60.34
N ARG K 61 -59.49 -3.66 -60.98
CA ARG K 61 -60.58 -2.94 -61.63
C ARG K 61 -61.54 -2.19 -60.70
N PHE K 62 -61.17 -2.08 -59.44
CA PHE K 62 -61.98 -1.36 -58.45
C PHE K 62 -61.28 -0.07 -58.04
N SER K 63 -62.03 1.02 -57.98
CA SER K 63 -61.51 2.32 -57.58
C SER K 63 -62.30 2.80 -56.38
N GLY K 64 -62.09 4.06 -56.01
CA GLY K 64 -62.80 4.62 -54.88
C GLY K 64 -62.30 6.03 -54.62
N SER K 65 -63.17 7.03 -54.82
CA SER K 65 -62.76 8.41 -54.62
C SER K 65 -63.75 9.24 -53.81
N GLY K 66 -63.50 10.54 -53.74
CA GLY K 66 -64.37 11.44 -53.00
C GLY K 66 -63.78 11.91 -51.69
N SER K 67 -64.55 12.74 -50.98
CA SER K 67 -64.13 13.29 -49.70
C SER K 67 -65.26 14.10 -49.05
N GLY K 68 -65.02 14.52 -47.81
CA GLY K 68 -66.00 15.31 -47.08
C GLY K 68 -67.31 14.60 -46.77
N THR K 69 -68.22 14.58 -47.74
CA THR K 69 -69.52 13.95 -47.56
C THR K 69 -70.03 13.25 -48.82
N ASP K 70 -69.21 13.24 -49.89
CA ASP K 70 -69.57 12.60 -51.17
C ASP K 70 -68.53 11.54 -51.54
N TYR K 71 -68.99 10.31 -51.75
CA TYR K 71 -68.06 9.21 -52.11
C TYR K 71 -68.50 8.41 -53.32
N SER K 72 -67.59 7.59 -53.85
CA SER K 72 -67.85 6.78 -55.04
C SER K 72 -67.28 5.36 -54.99
N LEU K 73 -67.59 4.56 -56.01
CA LEU K 73 -67.14 3.18 -56.13
C LEU K 73 -67.25 2.76 -57.61
N THR K 74 -66.23 3.08 -58.39
CA THR K 74 -66.22 2.76 -59.82
C THR K 74 -65.65 1.35 -60.07
N ILE K 75 -65.95 0.82 -61.26
CA ILE K 75 -65.48 -0.50 -61.68
C ILE K 75 -65.01 -0.35 -63.14
N SER K 76 -64.17 -1.28 -63.60
CA SER K 76 -63.67 -1.24 -64.97
C SER K 76 -64.61 -2.00 -65.92
N ASN K 77 -64.89 -3.26 -65.58
CA ASN K 77 -65.79 -4.08 -66.38
C ASN K 77 -66.39 -5.19 -65.50
N LEU K 78 -67.71 -5.34 -65.57
CA LEU K 78 -68.45 -6.33 -64.78
C LEU K 78 -68.21 -7.78 -65.18
N GLU K 79 -67.07 -8.04 -65.81
CA GLU K 79 -66.71 -9.37 -66.26
C GLU K 79 -65.98 -10.18 -65.18
N PRO K 80 -66.65 -11.18 -64.59
CA PRO K 80 -68.04 -11.62 -64.82
C PRO K 80 -68.89 -11.77 -63.56
N GLU K 81 -68.26 -12.05 -62.42
CA GLU K 81 -68.97 -12.25 -61.15
C GLU K 81 -69.05 -11.05 -60.22
N ASP K 82 -69.23 -9.86 -60.79
CA ASP K 82 -69.35 -8.63 -60.00
C ASP K 82 -70.81 -8.39 -59.60
N ILE K 83 -71.64 -9.41 -59.82
CA ILE K 83 -73.06 -9.34 -59.51
C ILE K 83 -73.36 -9.63 -58.04
N ALA K 84 -73.68 -8.57 -57.30
CA ALA K 84 -73.99 -8.67 -55.88
C ALA K 84 -74.48 -7.34 -55.35
N THR K 85 -74.79 -7.28 -54.07
CA THR K 85 -75.26 -6.06 -53.43
C THR K 85 -74.07 -5.39 -52.74
N TYR K 86 -73.82 -4.14 -53.07
CA TYR K 86 -72.72 -3.38 -52.49
C TYR K 86 -73.21 -2.40 -51.42
N PHE K 87 -72.46 -2.32 -50.33
CA PHE K 87 -72.80 -1.43 -49.23
C PHE K 87 -71.69 -0.41 -48.98
N CYS K 88 -71.87 0.39 -47.94
CA CYS K 88 -70.89 1.40 -47.56
C CYS K 88 -71.15 1.86 -46.13
N GLN K 89 -70.09 1.91 -45.32
CA GLN K 89 -70.23 2.34 -43.94
C GLN K 89 -69.24 3.45 -43.61
N HIS K 90 -69.41 4.02 -42.42
CA HIS K 90 -68.55 5.09 -41.94
C HIS K 90 -68.07 4.67 -40.55
N HIS K 91 -67.04 5.34 -40.04
CA HIS K 91 -66.52 5.01 -38.72
C HIS K 91 -65.84 6.16 -37.98
N ILE K 92 -66.33 7.38 -38.19
CA ILE K 92 -65.76 8.54 -37.52
C ILE K 92 -66.23 8.59 -36.08
N LYS K 93 -67.38 7.97 -35.82
CA LYS K 93 -67.96 7.91 -34.48
C LYS K 93 -68.99 6.78 -34.41
N PHE K 94 -69.10 6.18 -33.24
CA PHE K 94 -70.05 5.10 -33.00
C PHE K 94 -71.43 5.71 -32.81
N PRO K 95 -72.50 5.03 -33.27
CA PRO K 95 -72.51 3.74 -33.96
C PRO K 95 -72.28 3.79 -35.48
N TRP K 96 -71.61 2.77 -36.00
CA TRP K 96 -71.35 2.69 -37.44
C TRP K 96 -72.68 2.44 -38.14
N THR K 97 -72.87 3.04 -39.29
CA THR K 97 -74.10 2.90 -40.05
C THR K 97 -73.77 2.61 -41.50
N PHE K 98 -74.42 1.61 -42.07
CA PHE K 98 -74.20 1.23 -43.46
C PHE K 98 -75.09 2.05 -44.38
N GLY K 99 -75.01 1.75 -45.68
CA GLY K 99 -75.82 2.46 -46.64
C GLY K 99 -77.17 1.80 -46.84
N ALA K 100 -77.93 2.34 -47.79
CA ALA K 100 -79.25 1.82 -48.12
C ALA K 100 -79.13 0.47 -48.83
N GLY K 101 -78.16 0.38 -49.73
CA GLY K 101 -77.95 -0.84 -50.47
C GLY K 101 -77.97 -0.53 -51.96
N THR K 102 -77.15 -1.23 -52.73
CA THR K 102 -77.08 -1.00 -54.17
C THR K 102 -76.86 -2.32 -54.92
N LYS K 103 -77.95 -2.95 -55.34
CA LYS K 103 -77.87 -4.22 -56.07
C LYS K 103 -77.41 -4.02 -57.51
N LEU K 104 -76.54 -4.91 -57.97
CA LEU K 104 -76.02 -4.83 -59.33
C LEU K 104 -76.59 -5.99 -60.15
N GLU K 105 -77.35 -5.65 -61.19
CA GLU K 105 -77.97 -6.65 -62.06
C GLU K 105 -77.49 -6.55 -63.50
N ILE K 106 -77.51 -7.67 -64.20
CA ILE K 106 -77.07 -7.72 -65.60
C ILE K 106 -78.22 -8.01 -66.58
N LYS K 107 -78.45 -7.06 -67.50
CA LYS K 107 -79.52 -7.19 -68.49
C LYS K 107 -78.99 -7.89 -69.75
#